data_2NTU
# 
_entry.id   2NTU 
# 
_audit_conform.dict_name       mmcif_pdbx.dic 
_audit_conform.dict_version    5.397 
_audit_conform.dict_location   http://mmcif.pdb.org/dictionaries/ascii/mmcif_pdbx.dic 
# 
loop_
_database_2.database_id 
_database_2.database_code 
_database_2.pdbx_database_accession 
_database_2.pdbx_DOI 
PDB   2NTU         pdb_00002ntu 10.2210/pdb2ntu/pdb 
RCSB  RCSB040294   ?            ?                   
WWPDB D_1000040294 ?            ?                   
# 
loop_
_pdbx_audit_revision_history.ordinal 
_pdbx_audit_revision_history.data_content_type 
_pdbx_audit_revision_history.major_revision 
_pdbx_audit_revision_history.minor_revision 
_pdbx_audit_revision_history.revision_date 
1 'Structure model' 1 0 2006-12-26 
2 'Structure model' 1 1 2008-05-01 
3 'Structure model' 1 2 2011-07-13 
4 'Structure model' 1 3 2023-08-30 
5 'Structure model' 1 4 2024-10-30 
# 
_pdbx_audit_revision_details.ordinal             1 
_pdbx_audit_revision_details.revision_ordinal    1 
_pdbx_audit_revision_details.data_content_type   'Structure model' 
_pdbx_audit_revision_details.provider            repository 
_pdbx_audit_revision_details.type                'Initial release' 
_pdbx_audit_revision_details.description         ? 
_pdbx_audit_revision_details.details             ? 
# 
loop_
_pdbx_audit_revision_group.ordinal 
_pdbx_audit_revision_group.revision_ordinal 
_pdbx_audit_revision_group.data_content_type 
_pdbx_audit_revision_group.group 
1 2 'Structure model' 'Version format compliance' 
2 3 'Structure model' 'Derived calculations'      
3 3 'Structure model' 'Version format compliance' 
4 4 'Structure model' 'Data collection'           
5 4 'Structure model' 'Database references'       
6 4 'Structure model' 'Derived calculations'      
7 4 'Structure model' 'Refinement description'    
8 5 'Structure model' 'Structure summary'         
# 
loop_
_pdbx_audit_revision_category.ordinal 
_pdbx_audit_revision_category.revision_ordinal 
_pdbx_audit_revision_category.data_content_type 
_pdbx_audit_revision_category.category 
1 4 'Structure model' chem_comp_atom                
2 4 'Structure model' chem_comp_bond                
3 4 'Structure model' database_2                    
4 4 'Structure model' pdbx_initial_refinement_model 
5 4 'Structure model' struct_conn                   
6 4 'Structure model' struct_site                   
7 5 'Structure model' pdbx_entry_details            
8 5 'Structure model' pdbx_modification_feature     
# 
loop_
_pdbx_audit_revision_item.ordinal 
_pdbx_audit_revision_item.revision_ordinal 
_pdbx_audit_revision_item.data_content_type 
_pdbx_audit_revision_item.item 
1 4 'Structure model' '_database_2.pdbx_DOI'                
2 4 'Structure model' '_database_2.pdbx_database_accession' 
3 4 'Structure model' '_struct_conn.pdbx_leaving_atom_flag' 
4 4 'Structure model' '_struct_site.pdbx_auth_asym_id'      
5 4 'Structure model' '_struct_site.pdbx_auth_comp_id'      
6 4 'Structure model' '_struct_site.pdbx_auth_seq_id'       
# 
_pdbx_database_status.status_code                     REL 
_pdbx_database_status.entry_id                        2NTU 
_pdbx_database_status.recvd_initial_deposition_date   2006-11-08 
_pdbx_database_status.deposit_site                    RCSB 
_pdbx_database_status.process_site                    RCSB 
_pdbx_database_status.status_code_sf                  REL 
_pdbx_database_status.status_code_mr                  ? 
_pdbx_database_status.SG_entry                        ? 
_pdbx_database_status.pdb_format_compatible           Y 
_pdbx_database_status.status_code_cs                  ? 
_pdbx_database_status.status_code_nmr_data            ? 
_pdbx_database_status.methods_development_category    ? 
# 
loop_
_pdbx_database_related.db_name 
_pdbx_database_related.db_id 
_pdbx_database_related.details 
_pdbx_database_related.content_type 
PDB 1O0A 'An earlier attempt to determine the structure of the L intermediate of bacteriorhodopsin' unspecified 
PDB 2NTW .                                                                                          unspecified 
# 
loop_
_audit_author.name 
_audit_author.pdbx_ordinal 
'Lanyi, J.K.'  1 
'Schobert, B.' 2 
# 
_citation.id                        primary 
_citation.title                     'Structural changes in the L photointermediate of bacteriorhodopsin.' 
_citation.journal_abbrev            J.Mol.Biol. 
_citation.journal_volume            365 
_citation.page_first                1379 
_citation.page_last                 1392 
_citation.year                      2007 
_citation.journal_id_ASTM           JMOBAK 
_citation.country                   UK 
_citation.journal_id_ISSN           0022-2836 
_citation.journal_id_CSD            0070 
_citation.book_publisher            ? 
_citation.pdbx_database_id_PubMed   17141271 
_citation.pdbx_database_id_DOI      10.1016/j.jmb.2006.11.016 
# 
loop_
_citation_author.citation_id 
_citation_author.name 
_citation_author.ordinal 
_citation_author.identifier_ORCID 
primary 'Lanyi, J.K.'  1 ? 
primary 'Schobert, B.' 2 ? 
# 
loop_
_entity.id 
_entity.type 
_entity.src_method 
_entity.pdbx_description 
_entity.formula_weight 
_entity.pdbx_number_of_molecules 
_entity.pdbx_ec 
_entity.pdbx_mutation 
_entity.pdbx_fragment 
_entity.details 
1 polymer     man Bacteriorhodopsin 26929.500 1  ? ? ? ? 
2 non-polymer syn RETINAL           284.436   1  ? ? ? ? 
3 water       nat water             18.015    23 ? ? ? ? 
# 
_entity_name_com.entity_id   1 
_entity_name_com.name        BR 
# 
_entity_poly.entity_id                      1 
_entity_poly.type                           'polypeptide(L)' 
_entity_poly.nstd_linkage                   no 
_entity_poly.nstd_monomer                   no 
_entity_poly.pdbx_seq_one_letter_code       
;QAQITGRPEWIWLALGTALMGLGTLYFLVKGMGVSDPDAKKFYAITTLVPAIAFTMYLSMLLGYGLTMVPFGGEQNPIYW
ARYADWLFTTPLLLLDLALLVDADQGTILALVGADGIMIGTGLVGALTKVYSYRFVWWAISTAAMLYILYVLFFGFTSKA
ESMRPEVASTFKVLRNVTVVLWSAYPVVWLIGSEGAGIVPLNIETLLFMVLDVSAKVGFGLILLRSRAIFGEAEAPEPSA
GDGAAATSD
;
_entity_poly.pdbx_seq_one_letter_code_can   
;QAQITGRPEWIWLALGTALMGLGTLYFLVKGMGVSDPDAKKFYAITTLVPAIAFTMYLSMLLGYGLTMVPFGGEQNPIYW
ARYADWLFTTPLLLLDLALLVDADQGTILALVGADGIMIGTGLVGALTKVYSYRFVWWAISTAAMLYILYVLFFGFTSKA
ESMRPEVASTFKVLRNVTVVLWSAYPVVWLIGSEGAGIVPLNIETLLFMVLDVSAKVGFGLILLRSRAIFGEAEAPEPSA
GDGAAATSD
;
_entity_poly.pdbx_strand_id                 A 
_entity_poly.pdbx_target_identifier         ? 
# 
loop_
_pdbx_entity_nonpoly.entity_id 
_pdbx_entity_nonpoly.name 
_pdbx_entity_nonpoly.comp_id 
2 RETINAL RET 
3 water   HOH 
# 
loop_
_entity_poly_seq.entity_id 
_entity_poly_seq.num 
_entity_poly_seq.mon_id 
_entity_poly_seq.hetero 
1 1   GLN n 
1 2   ALA n 
1 3   GLN n 
1 4   ILE n 
1 5   THR n 
1 6   GLY n 
1 7   ARG n 
1 8   PRO n 
1 9   GLU n 
1 10  TRP n 
1 11  ILE n 
1 12  TRP n 
1 13  LEU n 
1 14  ALA n 
1 15  LEU n 
1 16  GLY n 
1 17  THR n 
1 18  ALA n 
1 19  LEU n 
1 20  MET n 
1 21  GLY n 
1 22  LEU n 
1 23  GLY n 
1 24  THR n 
1 25  LEU n 
1 26  TYR n 
1 27  PHE n 
1 28  LEU n 
1 29  VAL n 
1 30  LYS n 
1 31  GLY n 
1 32  MET n 
1 33  GLY n 
1 34  VAL n 
1 35  SER n 
1 36  ASP n 
1 37  PRO n 
1 38  ASP n 
1 39  ALA n 
1 40  LYS n 
1 41  LYS n 
1 42  PHE n 
1 43  TYR n 
1 44  ALA n 
1 45  ILE n 
1 46  THR n 
1 47  THR n 
1 48  LEU n 
1 49  VAL n 
1 50  PRO n 
1 51  ALA n 
1 52  ILE n 
1 53  ALA n 
1 54  PHE n 
1 55  THR n 
1 56  MET n 
1 57  TYR n 
1 58  LEU n 
1 59  SER n 
1 60  MET n 
1 61  LEU n 
1 62  LEU n 
1 63  GLY n 
1 64  TYR n 
1 65  GLY n 
1 66  LEU n 
1 67  THR n 
1 68  MET n 
1 69  VAL n 
1 70  PRO n 
1 71  PHE n 
1 72  GLY n 
1 73  GLY n 
1 74  GLU n 
1 75  GLN n 
1 76  ASN n 
1 77  PRO n 
1 78  ILE n 
1 79  TYR n 
1 80  TRP n 
1 81  ALA n 
1 82  ARG n 
1 83  TYR n 
1 84  ALA n 
1 85  ASP n 
1 86  TRP n 
1 87  LEU n 
1 88  PHE n 
1 89  THR n 
1 90  THR n 
1 91  PRO n 
1 92  LEU n 
1 93  LEU n 
1 94  LEU n 
1 95  LEU n 
1 96  ASP n 
1 97  LEU n 
1 98  ALA n 
1 99  LEU n 
1 100 LEU n 
1 101 VAL n 
1 102 ASP n 
1 103 ALA n 
1 104 ASP n 
1 105 GLN n 
1 106 GLY n 
1 107 THR n 
1 108 ILE n 
1 109 LEU n 
1 110 ALA n 
1 111 LEU n 
1 112 VAL n 
1 113 GLY n 
1 114 ALA n 
1 115 ASP n 
1 116 GLY n 
1 117 ILE n 
1 118 MET n 
1 119 ILE n 
1 120 GLY n 
1 121 THR n 
1 122 GLY n 
1 123 LEU n 
1 124 VAL n 
1 125 GLY n 
1 126 ALA n 
1 127 LEU n 
1 128 THR n 
1 129 LYS n 
1 130 VAL n 
1 131 TYR n 
1 132 SER n 
1 133 TYR n 
1 134 ARG n 
1 135 PHE n 
1 136 VAL n 
1 137 TRP n 
1 138 TRP n 
1 139 ALA n 
1 140 ILE n 
1 141 SER n 
1 142 THR n 
1 143 ALA n 
1 144 ALA n 
1 145 MET n 
1 146 LEU n 
1 147 TYR n 
1 148 ILE n 
1 149 LEU n 
1 150 TYR n 
1 151 VAL n 
1 152 LEU n 
1 153 PHE n 
1 154 PHE n 
1 155 GLY n 
1 156 PHE n 
1 157 THR n 
1 158 SER n 
1 159 LYS n 
1 160 ALA n 
1 161 GLU n 
1 162 SER n 
1 163 MET n 
1 164 ARG n 
1 165 PRO n 
1 166 GLU n 
1 167 VAL n 
1 168 ALA n 
1 169 SER n 
1 170 THR n 
1 171 PHE n 
1 172 LYS n 
1 173 VAL n 
1 174 LEU n 
1 175 ARG n 
1 176 ASN n 
1 177 VAL n 
1 178 THR n 
1 179 VAL n 
1 180 VAL n 
1 181 LEU n 
1 182 TRP n 
1 183 SER n 
1 184 ALA n 
1 185 TYR n 
1 186 PRO n 
1 187 VAL n 
1 188 VAL n 
1 189 TRP n 
1 190 LEU n 
1 191 ILE n 
1 192 GLY n 
1 193 SER n 
1 194 GLU n 
1 195 GLY n 
1 196 ALA n 
1 197 GLY n 
1 198 ILE n 
1 199 VAL n 
1 200 PRO n 
1 201 LEU n 
1 202 ASN n 
1 203 ILE n 
1 204 GLU n 
1 205 THR n 
1 206 LEU n 
1 207 LEU n 
1 208 PHE n 
1 209 MET n 
1 210 VAL n 
1 211 LEU n 
1 212 ASP n 
1 213 VAL n 
1 214 SER n 
1 215 ALA n 
1 216 LYS n 
1 217 VAL n 
1 218 GLY n 
1 219 PHE n 
1 220 GLY n 
1 221 LEU n 
1 222 ILE n 
1 223 LEU n 
1 224 LEU n 
1 225 ARG n 
1 226 SER n 
1 227 ARG n 
1 228 ALA n 
1 229 ILE n 
1 230 PHE n 
1 231 GLY n 
1 232 GLU n 
1 233 ALA n 
1 234 GLU n 
1 235 ALA n 
1 236 PRO n 
1 237 GLU n 
1 238 PRO n 
1 239 SER n 
1 240 ALA n 
1 241 GLY n 
1 242 ASP n 
1 243 GLY n 
1 244 ALA n 
1 245 ALA n 
1 246 ALA n 
1 247 THR n 
1 248 SER n 
1 249 ASP n 
# 
_entity_src_gen.entity_id                          1 
_entity_src_gen.pdbx_src_id                        1 
_entity_src_gen.pdbx_alt_source_flag               sample 
_entity_src_gen.pdbx_seq_type                      ? 
_entity_src_gen.pdbx_beg_seq_num                   ? 
_entity_src_gen.pdbx_end_seq_num                   ? 
_entity_src_gen.gene_src_common_name               ? 
_entity_src_gen.gene_src_genus                     Halobacterium 
_entity_src_gen.pdbx_gene_src_gene                 bop 
_entity_src_gen.gene_src_species                   ? 
_entity_src_gen.gene_src_strain                    ? 
_entity_src_gen.gene_src_tissue                    ? 
_entity_src_gen.gene_src_tissue_fraction           ? 
_entity_src_gen.gene_src_details                   ? 
_entity_src_gen.pdbx_gene_src_fragment             ? 
_entity_src_gen.pdbx_gene_src_scientific_name      'Halobacterium salinarum' 
_entity_src_gen.pdbx_gene_src_ncbi_taxonomy_id     2242 
_entity_src_gen.pdbx_gene_src_variant              ? 
_entity_src_gen.pdbx_gene_src_cell_line            ? 
_entity_src_gen.pdbx_gene_src_atcc                 ? 
_entity_src_gen.pdbx_gene_src_organ                ? 
_entity_src_gen.pdbx_gene_src_organelle            ? 
_entity_src_gen.pdbx_gene_src_cell                 ? 
_entity_src_gen.pdbx_gene_src_cellular_location    'PLASMA MEMBRANE' 
_entity_src_gen.host_org_common_name               ? 
_entity_src_gen.pdbx_host_org_scientific_name      'Halobacterium salinarum' 
_entity_src_gen.pdbx_host_org_ncbi_taxonomy_id     2242 
_entity_src_gen.host_org_genus                     Halobacterium 
_entity_src_gen.pdbx_host_org_gene                 ? 
_entity_src_gen.pdbx_host_org_organ                ? 
_entity_src_gen.host_org_species                   ? 
_entity_src_gen.pdbx_host_org_tissue               ? 
_entity_src_gen.pdbx_host_org_tissue_fraction      ? 
_entity_src_gen.pdbx_host_org_strain               MPK409 
_entity_src_gen.pdbx_host_org_variant              ? 
_entity_src_gen.pdbx_host_org_cell_line            ? 
_entity_src_gen.pdbx_host_org_atcc                 ? 
_entity_src_gen.pdbx_host_org_culture_collection   ? 
_entity_src_gen.pdbx_host_org_cell                 ? 
_entity_src_gen.pdbx_host_org_organelle            ? 
_entity_src_gen.pdbx_host_org_cellular_location    CYTOPLASM 
_entity_src_gen.pdbx_host_org_vector_type          PLASMID 
_entity_src_gen.pdbx_host_org_vector               ? 
_entity_src_gen.host_org_details                   ? 
_entity_src_gen.expression_system_id               ? 
_entity_src_gen.plasmid_name                       PBA2 
_entity_src_gen.plasmid_details                    ? 
_entity_src_gen.pdbx_description                   ? 
# 
loop_
_chem_comp.id 
_chem_comp.type 
_chem_comp.mon_nstd_flag 
_chem_comp.name 
_chem_comp.pdbx_synonyms 
_chem_comp.formula 
_chem_comp.formula_weight 
ALA 'L-peptide linking' y ALANINE         ? 'C3 H7 N O2'     89.093  
ARG 'L-peptide linking' y ARGININE        ? 'C6 H15 N4 O2 1' 175.209 
ASN 'L-peptide linking' y ASPARAGINE      ? 'C4 H8 N2 O3'    132.118 
ASP 'L-peptide linking' y 'ASPARTIC ACID' ? 'C4 H7 N O4'     133.103 
GLN 'L-peptide linking' y GLUTAMINE       ? 'C5 H10 N2 O3'   146.144 
GLU 'L-peptide linking' y 'GLUTAMIC ACID' ? 'C5 H9 N O4'     147.129 
GLY 'peptide linking'   y GLYCINE         ? 'C2 H5 N O2'     75.067  
HOH non-polymer         . WATER           ? 'H2 O'           18.015  
ILE 'L-peptide linking' y ISOLEUCINE      ? 'C6 H13 N O2'    131.173 
LEU 'L-peptide linking' y LEUCINE         ? 'C6 H13 N O2'    131.173 
LYS 'L-peptide linking' y LYSINE          ? 'C6 H15 N2 O2 1' 147.195 
MET 'L-peptide linking' y METHIONINE      ? 'C5 H11 N O2 S'  149.211 
PHE 'L-peptide linking' y PHENYLALANINE   ? 'C9 H11 N O2'    165.189 
PRO 'L-peptide linking' y PROLINE         ? 'C5 H9 N O2'     115.130 
RET non-polymer         . RETINAL         ? 'C20 H28 O'      284.436 
SER 'L-peptide linking' y SERINE          ? 'C3 H7 N O3'     105.093 
THR 'L-peptide linking' y THREONINE       ? 'C4 H9 N O3'     119.119 
TRP 'L-peptide linking' y TRYPTOPHAN      ? 'C11 H12 N2 O2'  204.225 
TYR 'L-peptide linking' y TYROSINE        ? 'C9 H11 N O3'    181.189 
VAL 'L-peptide linking' y VALINE          ? 'C5 H11 N O2'    117.146 
# 
loop_
_pdbx_poly_seq_scheme.asym_id 
_pdbx_poly_seq_scheme.entity_id 
_pdbx_poly_seq_scheme.seq_id 
_pdbx_poly_seq_scheme.mon_id 
_pdbx_poly_seq_scheme.ndb_seq_num 
_pdbx_poly_seq_scheme.pdb_seq_num 
_pdbx_poly_seq_scheme.auth_seq_num 
_pdbx_poly_seq_scheme.pdb_mon_id 
_pdbx_poly_seq_scheme.auth_mon_id 
_pdbx_poly_seq_scheme.pdb_strand_id 
_pdbx_poly_seq_scheme.pdb_ins_code 
_pdbx_poly_seq_scheme.hetero 
A 1 1   GLN 1   1   ?   ?   ?   A . n 
A 1 2   ALA 2   2   ?   ?   ?   A . n 
A 1 3   GLN 3   3   ?   ?   ?   A . n 
A 1 4   ILE 4   4   ?   ?   ?   A . n 
A 1 5   THR 5   5   5   THR THR A . n 
A 1 6   GLY 6   6   6   GLY GLY A . n 
A 1 7   ARG 7   7   7   ARG ARG A . n 
A 1 8   PRO 8   8   8   PRO PRO A . n 
A 1 9   GLU 9   9   9   GLU GLU A . n 
A 1 10  TRP 10  10  10  TRP TRP A . n 
A 1 11  ILE 11  11  11  ILE ILE A . n 
A 1 12  TRP 12  12  12  TRP TRP A . n 
A 1 13  LEU 13  13  13  LEU LEU A . n 
A 1 14  ALA 14  14  14  ALA ALA A . n 
A 1 15  LEU 15  15  15  LEU LEU A . n 
A 1 16  GLY 16  16  16  GLY GLY A . n 
A 1 17  THR 17  17  17  THR THR A . n 
A 1 18  ALA 18  18  18  ALA ALA A . n 
A 1 19  LEU 19  19  19  LEU LEU A . n 
A 1 20  MET 20  20  20  MET MET A . n 
A 1 21  GLY 21  21  21  GLY GLY A . n 
A 1 22  LEU 22  22  22  LEU LEU A . n 
A 1 23  GLY 23  23  23  GLY GLY A . n 
A 1 24  THR 24  24  24  THR THR A . n 
A 1 25  LEU 25  25  25  LEU LEU A . n 
A 1 26  TYR 26  26  26  TYR TYR A . n 
A 1 27  PHE 27  27  27  PHE PHE A . n 
A 1 28  LEU 28  28  28  LEU LEU A . n 
A 1 29  VAL 29  29  29  VAL VAL A . n 
A 1 30  LYS 30  30  30  LYS LYS A . n 
A 1 31  GLY 31  31  31  GLY GLY A . n 
A 1 32  MET 32  32  32  MET MET A . n 
A 1 33  GLY 33  33  33  GLY GLY A . n 
A 1 34  VAL 34  34  34  VAL VAL A . n 
A 1 35  SER 35  35  35  SER SER A . n 
A 1 36  ASP 36  36  36  ASP ASP A . n 
A 1 37  PRO 37  37  37  PRO PRO A . n 
A 1 38  ASP 38  38  38  ASP ASP A . n 
A 1 39  ALA 39  39  39  ALA ALA A . n 
A 1 40  LYS 40  40  40  LYS LYS A . n 
A 1 41  LYS 41  41  41  LYS LYS A . n 
A 1 42  PHE 42  42  42  PHE PHE A . n 
A 1 43  TYR 43  43  43  TYR TYR A . n 
A 1 44  ALA 44  44  44  ALA ALA A . n 
A 1 45  ILE 45  45  45  ILE ILE A . n 
A 1 46  THR 46  46  46  THR THR A . n 
A 1 47  THR 47  47  47  THR THR A . n 
A 1 48  LEU 48  48  48  LEU LEU A . n 
A 1 49  VAL 49  49  49  VAL VAL A . n 
A 1 50  PRO 50  50  50  PRO PRO A . n 
A 1 51  ALA 51  51  51  ALA ALA A . n 
A 1 52  ILE 52  52  52  ILE ILE A . n 
A 1 53  ALA 53  53  53  ALA ALA A . n 
A 1 54  PHE 54  54  54  PHE PHE A . n 
A 1 55  THR 55  55  55  THR THR A . n 
A 1 56  MET 56  56  56  MET MET A . n 
A 1 57  TYR 57  57  57  TYR TYR A . n 
A 1 58  LEU 58  58  58  LEU LEU A . n 
A 1 59  SER 59  59  59  SER SER A . n 
A 1 60  MET 60  60  60  MET MET A . n 
A 1 61  LEU 61  61  61  LEU LEU A . n 
A 1 62  LEU 62  62  62  LEU LEU A . n 
A 1 63  GLY 63  63  63  GLY GLY A . n 
A 1 64  TYR 64  64  64  TYR TYR A . n 
A 1 65  GLY 65  65  65  GLY GLY A . n 
A 1 66  LEU 66  66  66  LEU LEU A . n 
A 1 67  THR 67  67  67  THR THR A . n 
A 1 68  MET 68  68  68  MET MET A . n 
A 1 69  VAL 69  69  69  VAL VAL A . n 
A 1 70  PRO 70  70  70  PRO PRO A . n 
A 1 71  PHE 71  71  71  PHE PHE A . n 
A 1 72  GLY 72  72  72  GLY GLY A . n 
A 1 73  GLY 73  73  73  GLY GLY A . n 
A 1 74  GLU 74  74  74  GLU GLU A . n 
A 1 75  GLN 75  75  75  GLN GLN A . n 
A 1 76  ASN 76  76  76  ASN ASN A . n 
A 1 77  PRO 77  77  77  PRO PRO A . n 
A 1 78  ILE 78  78  78  ILE ILE A . n 
A 1 79  TYR 79  79  79  TYR TYR A . n 
A 1 80  TRP 80  80  80  TRP TRP A . n 
A 1 81  ALA 81  81  81  ALA ALA A . n 
A 1 82  ARG 82  82  82  ARG ARG A . n 
A 1 83  TYR 83  83  83  TYR TYR A . n 
A 1 84  ALA 84  84  84  ALA ALA A . n 
A 1 85  ASP 85  85  85  ASP ASP A . n 
A 1 86  TRP 86  86  86  TRP TRP A . n 
A 1 87  LEU 87  87  87  LEU LEU A . n 
A 1 88  PHE 88  88  88  PHE PHE A . n 
A 1 89  THR 89  89  89  THR THR A . n 
A 1 90  THR 90  90  90  THR THR A . n 
A 1 91  PRO 91  91  91  PRO PRO A . n 
A 1 92  LEU 92  92  92  LEU LEU A . n 
A 1 93  LEU 93  93  93  LEU LEU A . n 
A 1 94  LEU 94  94  94  LEU LEU A . n 
A 1 95  LEU 95  95  95  LEU LEU A . n 
A 1 96  ASP 96  96  96  ASP ASP A . n 
A 1 97  LEU 97  97  97  LEU LEU A . n 
A 1 98  ALA 98  98  98  ALA ALA A . n 
A 1 99  LEU 99  99  99  LEU LEU A . n 
A 1 100 LEU 100 100 100 LEU LEU A . n 
A 1 101 VAL 101 101 101 VAL VAL A . n 
A 1 102 ASP 102 102 102 ASP ASP A . n 
A 1 103 ALA 103 103 103 ALA ALA A . n 
A 1 104 ASP 104 104 104 ASP ASP A . n 
A 1 105 GLN 105 105 105 GLN GLN A . n 
A 1 106 GLY 106 106 106 GLY GLY A . n 
A 1 107 THR 107 107 107 THR THR A . n 
A 1 108 ILE 108 108 108 ILE ILE A . n 
A 1 109 LEU 109 109 109 LEU LEU A . n 
A 1 110 ALA 110 110 110 ALA ALA A . n 
A 1 111 LEU 111 111 111 LEU LEU A . n 
A 1 112 VAL 112 112 112 VAL VAL A . n 
A 1 113 GLY 113 113 113 GLY GLY A . n 
A 1 114 ALA 114 114 114 ALA ALA A . n 
A 1 115 ASP 115 115 115 ASP ASP A . n 
A 1 116 GLY 116 116 116 GLY GLY A . n 
A 1 117 ILE 117 117 117 ILE ILE A . n 
A 1 118 MET 118 118 118 MET MET A . n 
A 1 119 ILE 119 119 119 ILE ILE A . n 
A 1 120 GLY 120 120 120 GLY GLY A . n 
A 1 121 THR 121 121 121 THR THR A . n 
A 1 122 GLY 122 122 122 GLY GLY A . n 
A 1 123 LEU 123 123 123 LEU LEU A . n 
A 1 124 VAL 124 124 124 VAL VAL A . n 
A 1 125 GLY 125 125 125 GLY GLY A . n 
A 1 126 ALA 126 126 126 ALA ALA A . n 
A 1 127 LEU 127 127 127 LEU LEU A . n 
A 1 128 THR 128 128 128 THR THR A . n 
A 1 129 LYS 129 129 129 LYS LYS A . n 
A 1 130 VAL 130 130 130 VAL VAL A . n 
A 1 131 TYR 131 131 131 TYR TYR A . n 
A 1 132 SER 132 132 132 SER SER A . n 
A 1 133 TYR 133 133 133 TYR TYR A . n 
A 1 134 ARG 134 134 134 ARG ARG A . n 
A 1 135 PHE 135 135 135 PHE PHE A . n 
A 1 136 VAL 136 136 136 VAL VAL A . n 
A 1 137 TRP 137 137 137 TRP TRP A . n 
A 1 138 TRP 138 138 138 TRP TRP A . n 
A 1 139 ALA 139 139 139 ALA ALA A . n 
A 1 140 ILE 140 140 140 ILE ILE A . n 
A 1 141 SER 141 141 141 SER SER A . n 
A 1 142 THR 142 142 142 THR THR A . n 
A 1 143 ALA 143 143 143 ALA ALA A . n 
A 1 144 ALA 144 144 144 ALA ALA A . n 
A 1 145 MET 145 145 145 MET MET A . n 
A 1 146 LEU 146 146 146 LEU LEU A . n 
A 1 147 TYR 147 147 147 TYR TYR A . n 
A 1 148 ILE 148 148 148 ILE ILE A . n 
A 1 149 LEU 149 149 149 LEU LEU A . n 
A 1 150 TYR 150 150 150 TYR TYR A . n 
A 1 151 VAL 151 151 151 VAL VAL A . n 
A 1 152 LEU 152 152 152 LEU LEU A . n 
A 1 153 PHE 153 153 153 PHE PHE A . n 
A 1 154 PHE 154 154 154 PHE PHE A . n 
A 1 155 GLY 155 155 155 GLY GLY A . n 
A 1 156 PHE 156 156 156 PHE PHE A . n 
A 1 157 THR 157 157 ?   ?   ?   A . n 
A 1 158 SER 158 158 ?   ?   ?   A . n 
A 1 159 LYS 159 159 ?   ?   ?   A . n 
A 1 160 ALA 160 160 ?   ?   ?   A . n 
A 1 161 GLU 161 161 ?   ?   ?   A . n 
A 1 162 SER 162 162 162 SER SER A . n 
A 1 163 MET 163 163 163 MET MET A . n 
A 1 164 ARG 164 164 164 ARG ARG A . n 
A 1 165 PRO 165 165 165 PRO PRO A . n 
A 1 166 GLU 166 166 166 GLU GLU A . n 
A 1 167 VAL 167 167 167 VAL VAL A . n 
A 1 168 ALA 168 168 168 ALA ALA A . n 
A 1 169 SER 169 169 169 SER SER A . n 
A 1 170 THR 170 170 170 THR THR A . n 
A 1 171 PHE 171 171 171 PHE PHE A . n 
A 1 172 LYS 172 172 172 LYS LYS A . n 
A 1 173 VAL 173 173 173 VAL VAL A . n 
A 1 174 LEU 174 174 174 LEU LEU A . n 
A 1 175 ARG 175 175 175 ARG ARG A . n 
A 1 176 ASN 176 176 176 ASN ASN A . n 
A 1 177 VAL 177 177 177 VAL VAL A . n 
A 1 178 THR 178 178 178 THR THR A . n 
A 1 179 VAL 179 179 179 VAL VAL A . n 
A 1 180 VAL 180 180 180 VAL VAL A . n 
A 1 181 LEU 181 181 181 LEU LEU A . n 
A 1 182 TRP 182 182 182 TRP TRP A . n 
A 1 183 SER 183 183 183 SER SER A . n 
A 1 184 ALA 184 184 184 ALA ALA A . n 
A 1 185 TYR 185 185 185 TYR TYR A . n 
A 1 186 PRO 186 186 186 PRO PRO A . n 
A 1 187 VAL 187 187 187 VAL VAL A . n 
A 1 188 VAL 188 188 188 VAL VAL A . n 
A 1 189 TRP 189 189 189 TRP TRP A . n 
A 1 190 LEU 190 190 190 LEU LEU A . n 
A 1 191 ILE 191 191 191 ILE ILE A . n 
A 1 192 GLY 192 192 192 GLY GLY A . n 
A 1 193 SER 193 193 193 SER SER A . n 
A 1 194 GLU 194 194 194 GLU GLU A . n 
A 1 195 GLY 195 195 195 GLY GLY A . n 
A 1 196 ALA 196 196 196 ALA ALA A . n 
A 1 197 GLY 197 197 197 GLY GLY A . n 
A 1 198 ILE 198 198 198 ILE ILE A . n 
A 1 199 VAL 199 199 199 VAL VAL A . n 
A 1 200 PRO 200 200 200 PRO PRO A . n 
A 1 201 LEU 201 201 201 LEU LEU A . n 
A 1 202 ASN 202 202 202 ASN ASN A . n 
A 1 203 ILE 203 203 203 ILE ILE A . n 
A 1 204 GLU 204 204 204 GLU GLU A . n 
A 1 205 THR 205 205 205 THR THR A . n 
A 1 206 LEU 206 206 206 LEU LEU A . n 
A 1 207 LEU 207 207 207 LEU LEU A . n 
A 1 208 PHE 208 208 208 PHE PHE A . n 
A 1 209 MET 209 209 209 MET MET A . n 
A 1 210 VAL 210 210 210 VAL VAL A . n 
A 1 211 LEU 211 211 211 LEU LEU A . n 
A 1 212 ASP 212 212 212 ASP ASP A . n 
A 1 213 VAL 213 213 213 VAL VAL A . n 
A 1 214 SER 214 214 214 SER SER A . n 
A 1 215 ALA 215 215 215 ALA ALA A . n 
A 1 216 LYS 216 216 216 LYS LYS A . n 
A 1 217 VAL 217 217 217 VAL VAL A . n 
A 1 218 GLY 218 218 218 GLY GLY A . n 
A 1 219 PHE 219 219 219 PHE PHE A . n 
A 1 220 GLY 220 220 220 GLY GLY A . n 
A 1 221 LEU 221 221 221 LEU LEU A . n 
A 1 222 ILE 222 222 222 ILE ILE A . n 
A 1 223 LEU 223 223 223 LEU LEU A . n 
A 1 224 LEU 224 224 224 LEU LEU A . n 
A 1 225 ARG 225 225 225 ARG ARG A . n 
A 1 226 SER 226 226 226 SER SER A . n 
A 1 227 ARG 227 227 227 ARG ARG A . n 
A 1 228 ALA 228 228 228 ALA ALA A . n 
A 1 229 ILE 229 229 229 ILE ILE A . n 
A 1 230 PHE 230 230 230 PHE PHE A . n 
A 1 231 GLY 231 231 231 GLY GLY A . n 
A 1 232 GLU 232 232 ?   ?   ?   A . n 
A 1 233 ALA 233 233 ?   ?   ?   A . n 
A 1 234 GLU 234 234 ?   ?   ?   A . n 
A 1 235 ALA 235 235 ?   ?   ?   A . n 
A 1 236 PRO 236 236 ?   ?   ?   A . n 
A 1 237 GLU 237 237 ?   ?   ?   A . n 
A 1 238 PRO 238 238 ?   ?   ?   A . n 
A 1 239 SER 239 239 ?   ?   ?   A . n 
A 1 240 ALA 240 240 ?   ?   ?   A . n 
A 1 241 GLY 241 241 ?   ?   ?   A . n 
A 1 242 ASP 242 242 ?   ?   ?   A . n 
A 1 243 GLY 243 243 ?   ?   ?   A . n 
A 1 244 ALA 244 244 ?   ?   ?   A . n 
A 1 245 ALA 245 245 ?   ?   ?   A . n 
A 1 246 ALA 246 246 ?   ?   ?   A . n 
A 1 247 THR 247 247 ?   ?   ?   A . n 
A 1 248 SER 248 248 ?   ?   ?   A . n 
A 1 249 ASP 249 249 ?   ?   ?   A . n 
# 
loop_
_pdbx_nonpoly_scheme.asym_id 
_pdbx_nonpoly_scheme.entity_id 
_pdbx_nonpoly_scheme.mon_id 
_pdbx_nonpoly_scheme.ndb_seq_num 
_pdbx_nonpoly_scheme.pdb_seq_num 
_pdbx_nonpoly_scheme.auth_seq_num 
_pdbx_nonpoly_scheme.pdb_mon_id 
_pdbx_nonpoly_scheme.auth_mon_id 
_pdbx_nonpoly_scheme.pdb_strand_id 
_pdbx_nonpoly_scheme.pdb_ins_code 
B 2 RET 1  301 301 RET RET A . 
C 3 HOH 1  401 401 HOH HOH A . 
C 3 HOH 2  402 402 HOH HOH A . 
C 3 HOH 3  403 403 HOH HOH A . 
C 3 HOH 4  404 404 HOH HOH A . 
C 3 HOH 5  405 405 HOH HOH A . 
C 3 HOH 6  406 406 HOH HOH A . 
C 3 HOH 7  407 407 HOH HOH A . 
C 3 HOH 8  411 411 HOH HOH A . 
C 3 HOH 9  412 412 HOH HOH A . 
C 3 HOH 10 413 413 HOH HOH A . 
C 3 HOH 11 414 414 HOH HOH A . 
C 3 HOH 12 415 415 HOH HOH A . 
C 3 HOH 13 416 416 HOH HOH A . 
C 3 HOH 14 417 417 HOH HOH A . 
C 3 HOH 15 418 418 HOH HOH A . 
C 3 HOH 16 419 419 HOH HOH A . 
C 3 HOH 17 420 420 HOH HOH A . 
C 3 HOH 18 501 501 HOH HOH A . 
C 3 HOH 19 502 502 HOH HOH A . 
C 3 HOH 20 511 511 HOH HOH A . 
C 3 HOH 21 512 512 HOH HOH A . 
C 3 HOH 22 513 513 HOH HOH A . 
C 3 HOH 23 514 514 HOH HOH A . 
# 
loop_
_software.name 
_software.classification 
_software.version 
_software.citation_id 
_software.pdbx_ordinal 
SHELX     'model building'  .       ? 1 
SHELXL-97 refinement        .       ? 2 
ADSC      'data collection' QUANTUM ? 3 
HKL-2000  'data reduction'  .       ? 4 
HKL-2000  'data scaling'    .       ? 5 
SHELX     phasing           .       ? 6 
# 
_cell.entry_id           2NTU 
_cell.length_a           60.966 
_cell.length_b           60.966 
_cell.length_c           110.388 
_cell.angle_alpha        90.00 
_cell.angle_beta         90.00 
_cell.angle_gamma        120.00 
_cell.Z_PDB              6 
_cell.pdbx_unique_axis   ? 
_cell.length_a_esd       ? 
_cell.length_b_esd       ? 
_cell.length_c_esd       ? 
_cell.angle_alpha_esd    ? 
_cell.angle_beta_esd     ? 
_cell.angle_gamma_esd    ? 
# 
_symmetry.entry_id                         2NTU 
_symmetry.space_group_name_H-M             'P 63' 
_symmetry.pdbx_full_space_group_name_H-M   ? 
_symmetry.cell_setting                     ? 
_symmetry.Int_Tables_number                173 
_symmetry.space_group_name_Hall            ? 
# 
_exptl.entry_id          2NTU 
_exptl.method            'X-RAY DIFFRACTION' 
_exptl.crystals_number   1 
# 
_exptl_crystal.id                    1 
_exptl_crystal.density_meas          ? 
_exptl_crystal.density_Matthews      2.20 
_exptl_crystal.density_percent_sol   44.05 
_exptl_crystal.description           ? 
_exptl_crystal.F_000                 ? 
_exptl_crystal.preparation           ? 
# 
_exptl_crystal_grow.crystal_id      1 
_exptl_crystal_grow.method          ? 
_exptl_crystal_grow.temp            295 
_exptl_crystal_grow.temp_details    ? 
_exptl_crystal_grow.pH              5.6 
_exptl_crystal_grow.pdbx_details    'MO:WATER:PHOSPHATE, PH 5.6, CUBIC LIPID PHASE, TEMPERATURE 295K' 
_exptl_crystal_grow.pdbx_pH_range   . 
# 
_diffrn.id                     1 
_diffrn.ambient_temp           100.0 
_diffrn.ambient_temp_details   ? 
_diffrn.crystal_id             1 
# 
_diffrn_detector.diffrn_id              1 
_diffrn_detector.detector               CCD 
_diffrn_detector.type                   'ADSC QUANTUM' 
_diffrn_detector.pdbx_collection_date   2006-04-14 
_diffrn_detector.details                ? 
# 
_diffrn_radiation.diffrn_id                        1 
_diffrn_radiation.wavelength_id                    1 
_diffrn_radiation.pdbx_monochromatic_or_laue_m_l   M 
_diffrn_radiation.monochromator                    ? 
_diffrn_radiation.pdbx_diffrn_protocol             'SINGLE WAVELENGTH' 
_diffrn_radiation.pdbx_scattering_type             x-ray 
# 
_diffrn_radiation_wavelength.id           1 
_diffrn_radiation_wavelength.wavelength   0.97977 
_diffrn_radiation_wavelength.wt           1.0 
# 
_diffrn_source.diffrn_id                   1 
_diffrn_source.source                      SYNCHROTRON 
_diffrn_source.type                        'SSRL BEAMLINE BL11-1' 
_diffrn_source.pdbx_synchrotron_site       SSRL 
_diffrn_source.pdbx_synchrotron_beamline   BL11-1 
_diffrn_source.pdbx_wavelength             0.97977 
_diffrn_source.pdbx_wavelength_list        ? 
# 
_reflns.entry_id                     2NTU 
_reflns.observed_criterion_sigma_I   2.0 
_reflns.observed_criterion_sigma_F   ? 
_reflns.d_resolution_low             25.00 
_reflns.d_resolution_high            1.53 
_reflns.number_obs                   33846 
_reflns.number_all                   34929 
_reflns.percent_possible_obs         96.9 
_reflns.pdbx_Rmerge_I_obs            0.033 
_reflns.pdbx_Rsym_value              ? 
_reflns.pdbx_netI_over_sigmaI        41.7000 
_reflns.B_iso_Wilson_estimate        ? 
_reflns.pdbx_redundancy              ? 
_reflns.R_free_details               ? 
_reflns.limit_h_max                  ? 
_reflns.limit_h_min                  ? 
_reflns.limit_k_max                  ? 
_reflns.limit_k_min                  ? 
_reflns.limit_l_max                  ? 
_reflns.limit_l_min                  ? 
_reflns.observed_criterion_F_max     ? 
_reflns.observed_criterion_F_min     ? 
_reflns.pdbx_chi_squared             ? 
_reflns.pdbx_scaling_rejects         ? 
_reflns.pdbx_ordinal                 1 
_reflns.pdbx_diffrn_id               1 
# 
_reflns_shell.d_res_high             1.53 
_reflns_shell.d_res_low              1.59 
_reflns_shell.percent_possible_all   87.0 
_reflns_shell.Rmerge_I_obs           0.621 
_reflns_shell.pdbx_Rsym_value        ? 
_reflns_shell.meanI_over_sigI_obs    1.90 
_reflns_shell.pdbx_redundancy        ? 
_reflns_shell.percent_possible_obs   ? 
_reflns_shell.number_unique_all      3360 
_reflns_shell.number_measured_all    ? 
_reflns_shell.number_measured_obs    ? 
_reflns_shell.number_unique_obs      ? 
_reflns_shell.pdbx_chi_squared       ? 
_reflns_shell.pdbx_ordinal           1 
_reflns_shell.pdbx_diffrn_id         1 
# 
_refine.entry_id                                 2NTU 
_refine.ls_number_reflns_obs                     33846 
_refine.ls_number_reflns_all                     34929 
_refine.pdbx_ls_sigma_I                          ? 
_refine.pdbx_ls_sigma_F                          0.000 
_refine.pdbx_data_cutoff_high_absF               ? 
_refine.pdbx_data_cutoff_low_absF                ? 
_refine.pdbx_data_cutoff_high_rms_absF           ? 
_refine.ls_d_res_low                             25.00 
_refine.ls_d_res_high                            1.53 
_refine.ls_percent_reflns_obs                    96.9 
_refine.ls_R_factor_obs                          0.151 
_refine.ls_R_factor_all                          ? 
_refine.ls_R_factor_R_work                       ? 
_refine.ls_R_factor_R_free                       0.188 
_refine.ls_R_factor_R_free_error                 ? 
_refine.ls_R_factor_R_free_error_details         ? 
_refine.ls_percent_reflns_R_free                 5.000 
_refine.ls_number_reflns_R_free                  1548 
_refine.ls_number_parameters                     7056 
_refine.ls_number_restraints                     7241 
_refine.occupancy_min                            ? 
_refine.occupancy_max                            ? 
_refine.correlation_coeff_Fo_to_Fc               ? 
_refine.correlation_coeff_Fo_to_Fc_free          ? 
_refine.B_iso_mean                               ? 
_refine.aniso_B[1][1]                            ? 
_refine.aniso_B[2][2]                            ? 
_refine.aniso_B[3][3]                            ? 
_refine.aniso_B[1][2]                            ? 
_refine.aniso_B[1][3]                            ? 
_refine.aniso_B[2][3]                            ? 
_refine.solvent_model_details                    ? 
_refine.solvent_model_param_ksol                 ? 
_refine.solvent_model_param_bsol                 ? 
_refine.pdbx_solvent_vdw_probe_radii             ? 
_refine.pdbx_solvent_ion_probe_radii             ? 
_refine.pdbx_solvent_shrinkage_radii             ? 
_refine.pdbx_ls_cross_valid_method               'FREE R' 
_refine.details                                  ? 
_refine.pdbx_starting_model                      'PDB ENTRY 1C3W' 
_refine.pdbx_method_to_determine_struct          'MOLECULAR REPLACEMENT' 
_refine.pdbx_isotropic_thermal_model             ? 
_refine.pdbx_stereochemistry_target_values       'ENGH AND HUBER' 
_refine.pdbx_stereochem_target_val_spec_case     ? 
_refine.pdbx_R_Free_selection_details            RANDOM 
_refine.pdbx_overall_ESU_R                       ? 
_refine.pdbx_overall_ESU_R_Free                  ? 
_refine.overall_SU_ML                            ? 
_refine.overall_SU_B                             ? 
_refine.ls_redundancy_reflns_obs                 ? 
_refine.B_iso_min                                ? 
_refine.B_iso_max                                ? 
_refine.overall_SU_R_Cruickshank_DPI             ? 
_refine.overall_SU_R_free                        ? 
_refine.ls_wR_factor_R_free                      ? 
_refine.ls_wR_factor_R_work                      ? 
_refine.overall_FOM_free_R_set                   ? 
_refine.overall_FOM_work_R_set                   ? 
_refine.pdbx_refine_id                           'X-RAY DIFFRACTION' 
_refine.pdbx_diffrn_id                           1 
_refine.pdbx_TLS_residual_ADP_flag               ? 
_refine.pdbx_overall_phase_error                 ? 
_refine.pdbx_overall_SU_R_free_Cruickshank_DPI   ? 
_refine.pdbx_overall_SU_R_Blow_DPI               ? 
_refine.pdbx_overall_SU_R_free_Blow_DPI          ? 
# 
_refine_analyze.entry_id                        2NTU 
_refine_analyze.Luzzati_coordinate_error_obs    ? 
_refine_analyze.Luzzati_sigma_a_obs             ? 
_refine_analyze.Luzzati_d_res_low_obs           ? 
_refine_analyze.Luzzati_coordinate_error_free   ? 
_refine_analyze.Luzzati_sigma_a_free            ? 
_refine_analyze.Luzzati_d_res_low_free          ? 
_refine_analyze.number_disordered_residues      0 
_refine_analyze.occupancy_sum_hydrogen          ? 
_refine_analyze.occupancy_sum_non_hydrogen      1763.00 
_refine_analyze.pdbx_Luzzati_d_res_high_obs     ? 
_refine_analyze.pdbx_refine_id                  'X-RAY DIFFRACTION' 
# 
_refine_hist.pdbx_refine_id                   'X-RAY DIFFRACTION' 
_refine_hist.cycle_id                         LAST 
_refine_hist.pdbx_number_atoms_protein        1720 
_refine_hist.pdbx_number_atoms_nucleic_acid   0 
_refine_hist.pdbx_number_atoms_ligand         20 
_refine_hist.number_atoms_solvent             23 
_refine_hist.number_atoms_total               1763 
_refine_hist.d_res_high                       1.53 
_refine_hist.d_res_low                        25.00 
# 
loop_
_refine_ls_restr.type 
_refine_ls_restr.dev_ideal 
_refine_ls_restr.dev_ideal_target 
_refine_ls_restr.weight 
_refine_ls_restr.number 
_refine_ls_restr.pdbx_refine_id 
_refine_ls_restr.pdbx_restraint_function 
s_bond_d              0.013 ? ? ? 'X-RAY DIFFRACTION' ? 
s_angle_d             0.029 ? ? ? 'X-RAY DIFFRACTION' ? 
s_from_restr_planes   0.025 ? ? ? 'X-RAY DIFFRACTION' ? 
s_zero_chiral_vol     0.049 ? ? ? 'X-RAY DIFFRACTION' ? 
s_non_zero_chiral_vol 0.055 ? ? ? 'X-RAY DIFFRACTION' ? 
s_anti_bump_dis_restr 0.011 ? ? ? 'X-RAY DIFFRACTION' ? 
s_similar_adp_cmpnt   0.076 ? ? ? 'X-RAY DIFFRACTION' ? 
# 
_refine_ls_shell.pdbx_total_number_of_bins_used   ? 
_refine_ls_shell.d_res_high                       1.53 
_refine_ls_shell.d_res_low                        1.59 
_refine_ls_shell.number_reflns_R_work             ? 
_refine_ls_shell.R_factor_R_work                  ? 
_refine_ls_shell.percent_reflns_obs               ? 
_refine_ls_shell.R_factor_R_free                  ? 
_refine_ls_shell.R_factor_R_free_error            ? 
_refine_ls_shell.percent_reflns_R_free            ? 
_refine_ls_shell.number_reflns_R_free             168 
_refine_ls_shell.number_reflns_all                ? 
_refine_ls_shell.R_factor_all                     ? 
_refine_ls_shell.number_reflns_obs                3360 
_refine_ls_shell.redundancy_reflns_obs            ? 
_refine_ls_shell.pdbx_refine_id                   'X-RAY DIFFRACTION' 
# 
_pdbx_refine.entry_id                                    2NTU 
_pdbx_refine.R_factor_all_no_cutoff                      0.152 
_pdbx_refine.R_factor_obs_no_cutoff                      0.151 
_pdbx_refine.free_R_factor_no_cutoff                     0.188 
_pdbx_refine.free_R_val_test_set_size_perc_no_cutoff     5.000 
_pdbx_refine.free_R_val_test_set_ct_no_cutoff            1548 
_pdbx_refine.R_factor_all_4sig_cutoff                    0.141 
_pdbx_refine.R_factor_obs_4sig_cutoff                    0.141 
_pdbx_refine.free_R_factor_4sig_cutoff                   0.181 
_pdbx_refine.free_R_val_test_set_size_perc_4sig_cutoff   5.000 
_pdbx_refine.free_R_val_test_set_ct_4sig_cutoff          1356 
_pdbx_refine.number_reflns_obs_4sig_cutoff               27850 
_pdbx_refine.pdbx_refine_id                              'X-RAY DIFFRACTION' 
_pdbx_refine.free_R_error_no_cutoff                      ? 
# 
_struct.entry_id                  2NTU 
_struct.title                     'Bacteriorhodopsin, wild type, before illumination' 
_struct.pdbx_model_details        ? 
_struct.pdbx_CASP_flag            ? 
_struct.pdbx_model_type_details   ? 
# 
_struct_keywords.entry_id        2NTU 
_struct_keywords.pdbx_keywords   'PROTON TRANSPORT' 
_struct_keywords.text            
;ION PUMP, MEMBRANE PROTEIN, RETINAL PROTEIN, LIPIDS, PHOTORECEPTOR, HALOARCHAEA, 7-TRANSMEMBRANE, SERPENTINE, ION TRANSPORT, PROTON TRANSPORT
;
# 
loop_
_struct_asym.id 
_struct_asym.pdbx_blank_PDB_chainid_flag 
_struct_asym.pdbx_modified 
_struct_asym.entity_id 
_struct_asym.details 
A N N 1 ? 
B N N 2 ? 
C N N 3 ? 
# 
_struct_ref.id                         1 
_struct_ref.db_name                    UNP 
_struct_ref.db_code                    BACR_HALSA 
_struct_ref.pdbx_db_accession          P02945 
_struct_ref.entity_id                  1 
_struct_ref.pdbx_seq_one_letter_code   
;QAQITGRPEWIWLALGTALMGLGTLYFLVKGMGVSDPDAKKFYAITTLVPAIAFTMYLSMLLGYGLTMVPFGGEQNPIYW
ARYADWLFTTPLLLLDLALLVDADQGTILALVGADGIMIGTGLVGALTKVYSYRFVWWAISTAAMLYILYVLFFGFTSKA
ESMRPEVASTFKVLRNVTVVLWSAYPVVWLIGSEGAGIVPLNIETLLFMVLDVSAKVGFGLILLRSRAIFGEAEAPEPSA
GDGAAATSD
;
_struct_ref.pdbx_align_begin           14 
_struct_ref.pdbx_db_isoform            ? 
# 
_struct_ref_seq.align_id                      1 
_struct_ref_seq.ref_id                        1 
_struct_ref_seq.pdbx_PDB_id_code              2NTU 
_struct_ref_seq.pdbx_strand_id                A 
_struct_ref_seq.seq_align_beg                 1 
_struct_ref_seq.pdbx_seq_align_beg_ins_code   ? 
_struct_ref_seq.seq_align_end                 249 
_struct_ref_seq.pdbx_seq_align_end_ins_code   ? 
_struct_ref_seq.pdbx_db_accession             P02945 
_struct_ref_seq.db_align_beg                  14 
_struct_ref_seq.pdbx_db_align_beg_ins_code    ? 
_struct_ref_seq.db_align_end                  262 
_struct_ref_seq.pdbx_db_align_end_ins_code    ? 
_struct_ref_seq.pdbx_auth_seq_align_beg       1 
_struct_ref_seq.pdbx_auth_seq_align_end       249 
# 
_pdbx_struct_assembly.id                   1 
_pdbx_struct_assembly.details              author_and_software_defined_assembly 
_pdbx_struct_assembly.method_details       PISA,PQS 
_pdbx_struct_assembly.oligomeric_details   trimeric 
_pdbx_struct_assembly.oligomeric_count     3 
# 
loop_
_pdbx_struct_assembly_prop.biol_id 
_pdbx_struct_assembly_prop.type 
_pdbx_struct_assembly_prop.value 
_pdbx_struct_assembly_prop.details 
1 'ABSA (A^2)' 6510  ? 
1 MORE         -51   ? 
1 'SSA (A^2)'  25460 ? 
# 
_pdbx_struct_assembly_gen.assembly_id       1 
_pdbx_struct_assembly_gen.oper_expression   1,2,3 
_pdbx_struct_assembly_gen.asym_id_list      A,B,C 
# 
loop_
_pdbx_struct_oper_list.id 
_pdbx_struct_oper_list.type 
_pdbx_struct_oper_list.name 
_pdbx_struct_oper_list.symmetry_operation 
_pdbx_struct_oper_list.matrix[1][1] 
_pdbx_struct_oper_list.matrix[1][2] 
_pdbx_struct_oper_list.matrix[1][3] 
_pdbx_struct_oper_list.vector[1] 
_pdbx_struct_oper_list.matrix[2][1] 
_pdbx_struct_oper_list.matrix[2][2] 
_pdbx_struct_oper_list.matrix[2][3] 
_pdbx_struct_oper_list.vector[2] 
_pdbx_struct_oper_list.matrix[3][1] 
_pdbx_struct_oper_list.matrix[3][2] 
_pdbx_struct_oper_list.matrix[3][3] 
_pdbx_struct_oper_list.vector[3] 
1 'identity operation'         1_555 x,y,z        1.0000000000 0.0000000000 0.0000000000 0.0000000000  0.0000000000 1.0000000000  0.0000000000  0.0000000000   0.0000000000 0.0000000000  1.0000000000  0.0000000000   
2 'crystal symmetry operation' 2_665 -y+1,x-y+1,z 0.7208963019 0.6925006670 0.0274107288 0.5489987491  0.2652039620 -0.3121875390 0.9122531442  15.7533899317  0.6402931988 -0.6503704842 -0.4087087629 -24.6031734533 
3 'crystal symmetry operation' 3_565 -x+y,-x+1,z  0.7208963019 0.2652039620 0.6402931988 11.1796120377 0.6925006670 -0.3121875390 -0.6503704842 -11.4633477978 0.0274107288 0.9122531442  -0.4087087629 -24.4416605377 
# 
_struct_biol.id                    1 
_struct_biol.pdbx_parent_biol_id   ? 
_struct_biol.details               ? 
# 
loop_
_struct_conf.conf_type_id 
_struct_conf.id 
_struct_conf.pdbx_PDB_helix_id 
_struct_conf.beg_label_comp_id 
_struct_conf.beg_label_asym_id 
_struct_conf.beg_label_seq_id 
_struct_conf.pdbx_beg_PDB_ins_code 
_struct_conf.end_label_comp_id 
_struct_conf.end_label_asym_id 
_struct_conf.end_label_seq_id 
_struct_conf.pdbx_end_PDB_ins_code 
_struct_conf.beg_auth_comp_id 
_struct_conf.beg_auth_asym_id 
_struct_conf.beg_auth_seq_id 
_struct_conf.end_auth_comp_id 
_struct_conf.end_auth_asym_id 
_struct_conf.end_auth_seq_id 
_struct_conf.pdbx_PDB_helix_class 
_struct_conf.details 
_struct_conf.pdbx_PDB_helix_length 
HELX_P HELX_P1 1 GLU A 9   ? GLY A 31  ? GLU A 9   GLY A 31  1 ? 23 
HELX_P HELX_P2 2 ASP A 36  ? LEU A 62  ? ASP A 36  LEU A 62  1 ? 27 
HELX_P HELX_P3 3 TRP A 80  ? VAL A 101 ? TRP A 80  VAL A 101 1 ? 22 
HELX_P HELX_P4 4 ASP A 104 ? THR A 128 ? ASP A 104 THR A 128 1 ? 25 
HELX_P HELX_P5 5 VAL A 130 ? GLY A 155 ? VAL A 130 GLY A 155 1 ? 26 
HELX_P HELX_P6 6 ARG A 164 ? GLY A 192 ? ARG A 164 GLY A 192 1 ? 29 
HELX_P HELX_P7 7 PRO A 200 ? SER A 226 ? PRO A 200 SER A 226 1 ? 27 
HELX_P HELX_P8 8 ARG A 227 ? PHE A 230 ? ARG A 227 PHE A 230 5 ? 4  
# 
_struct_conf_type.id          HELX_P 
_struct_conf_type.criteria    ? 
_struct_conf_type.reference   ? 
# 
_struct_conn.id                            covale1 
_struct_conn.conn_type_id                  covale 
_struct_conn.pdbx_leaving_atom_flag        one 
_struct_conn.pdbx_PDB_id                   ? 
_struct_conn.ptnr1_label_asym_id           A 
_struct_conn.ptnr1_label_comp_id           LYS 
_struct_conn.ptnr1_label_seq_id            216 
_struct_conn.ptnr1_label_atom_id           NZ 
_struct_conn.pdbx_ptnr1_label_alt_id       ? 
_struct_conn.pdbx_ptnr1_PDB_ins_code       ? 
_struct_conn.pdbx_ptnr1_standard_comp_id   ? 
_struct_conn.ptnr1_symmetry                1_555 
_struct_conn.ptnr2_label_asym_id           B 
_struct_conn.ptnr2_label_comp_id           RET 
_struct_conn.ptnr2_label_seq_id            . 
_struct_conn.ptnr2_label_atom_id           C15 
_struct_conn.pdbx_ptnr2_label_alt_id       ? 
_struct_conn.pdbx_ptnr2_PDB_ins_code       ? 
_struct_conn.ptnr1_auth_asym_id            A 
_struct_conn.ptnr1_auth_comp_id            LYS 
_struct_conn.ptnr1_auth_seq_id             216 
_struct_conn.ptnr2_auth_asym_id            A 
_struct_conn.ptnr2_auth_comp_id            RET 
_struct_conn.ptnr2_auth_seq_id             301 
_struct_conn.ptnr2_symmetry                1_555 
_struct_conn.pdbx_ptnr3_label_atom_id      ? 
_struct_conn.pdbx_ptnr3_label_seq_id       ? 
_struct_conn.pdbx_ptnr3_label_comp_id      ? 
_struct_conn.pdbx_ptnr3_label_asym_id      ? 
_struct_conn.pdbx_ptnr3_label_alt_id       ? 
_struct_conn.pdbx_ptnr3_PDB_ins_code       ? 
_struct_conn.details                       ? 
_struct_conn.pdbx_dist_value               1.324 
_struct_conn.pdbx_value_order              ? 
_struct_conn.pdbx_role                     ? 
# 
_struct_conn_type.id          covale 
_struct_conn_type.criteria    ? 
_struct_conn_type.reference   ? 
# 
_pdbx_modification_feature.ordinal                            1 
_pdbx_modification_feature.label_comp_id                      RET 
_pdbx_modification_feature.label_asym_id                      B 
_pdbx_modification_feature.label_seq_id                       . 
_pdbx_modification_feature.label_alt_id                       ? 
_pdbx_modification_feature.modified_residue_label_comp_id     LYS 
_pdbx_modification_feature.modified_residue_label_asym_id     A 
_pdbx_modification_feature.modified_residue_label_seq_id      216 
_pdbx_modification_feature.modified_residue_label_alt_id      ? 
_pdbx_modification_feature.auth_comp_id                       RET 
_pdbx_modification_feature.auth_asym_id                       A 
_pdbx_modification_feature.auth_seq_id                        301 
_pdbx_modification_feature.PDB_ins_code                       ? 
_pdbx_modification_feature.symmetry                           1_555 
_pdbx_modification_feature.modified_residue_auth_comp_id      LYS 
_pdbx_modification_feature.modified_residue_auth_asym_id      A 
_pdbx_modification_feature.modified_residue_auth_seq_id       216 
_pdbx_modification_feature.modified_residue_PDB_ins_code      ? 
_pdbx_modification_feature.modified_residue_symmetry          1_555 
_pdbx_modification_feature.comp_id_linking_atom               C15 
_pdbx_modification_feature.modified_residue_id_linking_atom   NZ 
_pdbx_modification_feature.modified_residue_id                LYS 
_pdbx_modification_feature.ref_pcm_id                         1 
_pdbx_modification_feature.ref_comp_id                        RET 
_pdbx_modification_feature.type                               Retinoylation 
_pdbx_modification_feature.category                           Lipid/lipid-like 
# 
_struct_sheet.id               A 
_struct_sheet.type             ? 
_struct_sheet.number_strands   2 
_struct_sheet.details          ? 
# 
_struct_sheet_order.sheet_id     A 
_struct_sheet_order.range_id_1   1 
_struct_sheet_order.range_id_2   2 
_struct_sheet_order.offset       ? 
_struct_sheet_order.sense        anti-parallel 
# 
loop_
_struct_sheet_range.sheet_id 
_struct_sheet_range.id 
_struct_sheet_range.beg_label_comp_id 
_struct_sheet_range.beg_label_asym_id 
_struct_sheet_range.beg_label_seq_id 
_struct_sheet_range.pdbx_beg_PDB_ins_code 
_struct_sheet_range.end_label_comp_id 
_struct_sheet_range.end_label_asym_id 
_struct_sheet_range.end_label_seq_id 
_struct_sheet_range.pdbx_end_PDB_ins_code 
_struct_sheet_range.beg_auth_comp_id 
_struct_sheet_range.beg_auth_asym_id 
_struct_sheet_range.beg_auth_seq_id 
_struct_sheet_range.end_auth_comp_id 
_struct_sheet_range.end_auth_asym_id 
_struct_sheet_range.end_auth_seq_id 
A 1 LEU A 66 ? PHE A 71 ? LEU A 66 PHE A 71 
A 2 GLU A 74 ? TYR A 79 ? GLU A 74 TYR A 79 
# 
_pdbx_struct_sheet_hbond.sheet_id                A 
_pdbx_struct_sheet_hbond.range_id_1              1 
_pdbx_struct_sheet_hbond.range_id_2              2 
_pdbx_struct_sheet_hbond.range_1_label_atom_id   N 
_pdbx_struct_sheet_hbond.range_1_label_comp_id   THR 
_pdbx_struct_sheet_hbond.range_1_label_asym_id   A 
_pdbx_struct_sheet_hbond.range_1_label_seq_id    67 
_pdbx_struct_sheet_hbond.range_1_PDB_ins_code    ? 
_pdbx_struct_sheet_hbond.range_1_auth_atom_id    N 
_pdbx_struct_sheet_hbond.range_1_auth_comp_id    THR 
_pdbx_struct_sheet_hbond.range_1_auth_asym_id    A 
_pdbx_struct_sheet_hbond.range_1_auth_seq_id     67 
_pdbx_struct_sheet_hbond.range_2_label_atom_id   O 
_pdbx_struct_sheet_hbond.range_2_label_comp_id   ILE 
_pdbx_struct_sheet_hbond.range_2_label_asym_id   A 
_pdbx_struct_sheet_hbond.range_2_label_seq_id    78 
_pdbx_struct_sheet_hbond.range_2_PDB_ins_code    ? 
_pdbx_struct_sheet_hbond.range_2_auth_atom_id    O 
_pdbx_struct_sheet_hbond.range_2_auth_comp_id    ILE 
_pdbx_struct_sheet_hbond.range_2_auth_asym_id    A 
_pdbx_struct_sheet_hbond.range_2_auth_seq_id     78 
# 
_struct_site.id                   AC1 
_struct_site.pdbx_evidence_code   Software 
_struct_site.pdbx_auth_asym_id    A 
_struct_site.pdbx_auth_comp_id    RET 
_struct_site.pdbx_auth_seq_id     301 
_struct_site.pdbx_auth_ins_code   ? 
_struct_site.pdbx_num_residues    11 
_struct_site.details              'BINDING SITE FOR RESIDUE RET A 301' 
# 
loop_
_struct_site_gen.id 
_struct_site_gen.site_id 
_struct_site_gen.pdbx_num_res 
_struct_site_gen.label_comp_id 
_struct_site_gen.label_asym_id 
_struct_site_gen.label_seq_id 
_struct_site_gen.pdbx_auth_ins_code 
_struct_site_gen.auth_comp_id 
_struct_site_gen.auth_asym_id 
_struct_site_gen.auth_seq_id 
_struct_site_gen.label_atom_id 
_struct_site_gen.label_alt_id 
_struct_site_gen.symmetry 
_struct_site_gen.details 
1  AC1 11 TRP A 86  ? TRP A 86  . ? 1_555 ? 
2  AC1 11 THR A 89  ? THR A 89  . ? 1_555 ? 
3  AC1 11 THR A 90  ? THR A 90  . ? 1_555 ? 
4  AC1 11 TRP A 138 ? TRP A 138 . ? 1_555 ? 
5  AC1 11 SER A 141 ? SER A 141 . ? 1_555 ? 
6  AC1 11 THR A 142 ? THR A 142 . ? 1_555 ? 
7  AC1 11 TRP A 182 ? TRP A 182 . ? 1_555 ? 
8  AC1 11 TYR A 185 ? TYR A 185 . ? 1_555 ? 
9  AC1 11 TRP A 189 ? TRP A 189 . ? 1_555 ? 
10 AC1 11 ASP A 212 ? ASP A 212 . ? 1_555 ? 
11 AC1 11 LYS A 216 ? LYS A 216 . ? 1_555 ? 
# 
_pdbx_entry_details.entry_id                   2NTU 
_pdbx_entry_details.compound_details           ? 
_pdbx_entry_details.source_details             ? 
_pdbx_entry_details.nonpolymer_details         ? 
_pdbx_entry_details.sequence_details           ? 
_pdbx_entry_details.has_ligand_of_interest     ? 
_pdbx_entry_details.has_protein_modification   Y 
# 
loop_
_pdbx_validate_rmsd_angle.id 
_pdbx_validate_rmsd_angle.PDB_model_num 
_pdbx_validate_rmsd_angle.auth_atom_id_1 
_pdbx_validate_rmsd_angle.auth_asym_id_1 
_pdbx_validate_rmsd_angle.auth_comp_id_1 
_pdbx_validate_rmsd_angle.auth_seq_id_1 
_pdbx_validate_rmsd_angle.PDB_ins_code_1 
_pdbx_validate_rmsd_angle.label_alt_id_1 
_pdbx_validate_rmsd_angle.auth_atom_id_2 
_pdbx_validate_rmsd_angle.auth_asym_id_2 
_pdbx_validate_rmsd_angle.auth_comp_id_2 
_pdbx_validate_rmsd_angle.auth_seq_id_2 
_pdbx_validate_rmsd_angle.PDB_ins_code_2 
_pdbx_validate_rmsd_angle.label_alt_id_2 
_pdbx_validate_rmsd_angle.auth_atom_id_3 
_pdbx_validate_rmsd_angle.auth_asym_id_3 
_pdbx_validate_rmsd_angle.auth_comp_id_3 
_pdbx_validate_rmsd_angle.auth_seq_id_3 
_pdbx_validate_rmsd_angle.PDB_ins_code_3 
_pdbx_validate_rmsd_angle.label_alt_id_3 
_pdbx_validate_rmsd_angle.angle_value 
_pdbx_validate_rmsd_angle.angle_target_value 
_pdbx_validate_rmsd_angle.angle_deviation 
_pdbx_validate_rmsd_angle.angle_standard_deviation 
_pdbx_validate_rmsd_angle.linker_flag 
1  1 NE  A ARG 7   ? ? CZ  A ARG 7   ? ? NH1 A ARG 7   ? ? 124.75 120.30 4.45   0.50 N 
2  1 O   A ALA 18  ? ? C   A ALA 18  ? ? N   A LEU 19  ? ? 112.85 122.70 -9.85  1.60 Y 
3  1 CZ  A TYR 57  ? ? CE2 A TYR 57  ? ? CD2 A TYR 57  ? ? 113.86 119.80 -5.94  0.90 N 
4  1 CD  A ARG 82  ? ? NE  A ARG 82  ? ? CZ  A ARG 82  ? ? 112.88 123.60 -10.72 1.40 N 
5  1 NH1 A ARG 82  ? ? CZ  A ARG 82  ? ? NH2 A ARG 82  ? ? 126.38 119.40 6.98   1.10 N 
6  1 NE  A ARG 82  ? ? CZ  A ARG 82  ? ? NH1 A ARG 82  ? ? 115.24 120.30 -5.06  0.50 N 
7  1 CB  A TYR 83  ? ? CG  A TYR 83  ? ? CD1 A TYR 83  ? ? 116.94 121.00 -4.06  0.60 N 
8  1 CB  A TYR 133 ? ? CG  A TYR 133 ? ? CD2 A TYR 133 ? ? 117.12 121.00 -3.88  0.60 N 
9  1 CB  A PHE 135 ? ? CG  A PHE 135 ? ? CD1 A PHE 135 ? ? 115.63 120.80 -5.17  0.70 N 
10 1 NE  A ARG 175 ? ? CZ  A ARG 175 ? ? NH1 A ARG 175 ? ? 123.90 120.30 3.60   0.50 N 
11 1 NE  A ARG 175 ? ? CZ  A ARG 175 ? ? NH2 A ARG 175 ? ? 117.06 120.30 -3.24  0.50 N 
# 
loop_
_pdbx_unobs_or_zero_occ_residues.id 
_pdbx_unobs_or_zero_occ_residues.PDB_model_num 
_pdbx_unobs_or_zero_occ_residues.polymer_flag 
_pdbx_unobs_or_zero_occ_residues.occupancy_flag 
_pdbx_unobs_or_zero_occ_residues.auth_asym_id 
_pdbx_unobs_or_zero_occ_residues.auth_comp_id 
_pdbx_unobs_or_zero_occ_residues.auth_seq_id 
_pdbx_unobs_or_zero_occ_residues.PDB_ins_code 
_pdbx_unobs_or_zero_occ_residues.label_asym_id 
_pdbx_unobs_or_zero_occ_residues.label_comp_id 
_pdbx_unobs_or_zero_occ_residues.label_seq_id 
1  1 Y 1 A GLN 1   ? A GLN 1   
2  1 Y 1 A ALA 2   ? A ALA 2   
3  1 Y 1 A GLN 3   ? A GLN 3   
4  1 Y 1 A ILE 4   ? A ILE 4   
5  1 Y 1 A THR 157 ? A THR 157 
6  1 Y 1 A SER 158 ? A SER 158 
7  1 Y 1 A LYS 159 ? A LYS 159 
8  1 Y 1 A ALA 160 ? A ALA 160 
9  1 Y 1 A GLU 161 ? A GLU 161 
10 1 Y 1 A GLU 232 ? A GLU 232 
11 1 Y 1 A ALA 233 ? A ALA 233 
12 1 Y 1 A GLU 234 ? A GLU 234 
13 1 Y 1 A ALA 235 ? A ALA 235 
14 1 Y 1 A PRO 236 ? A PRO 236 
15 1 Y 1 A GLU 237 ? A GLU 237 
16 1 Y 1 A PRO 238 ? A PRO 238 
17 1 Y 1 A SER 239 ? A SER 239 
18 1 Y 1 A ALA 240 ? A ALA 240 
19 1 Y 1 A GLY 241 ? A GLY 241 
20 1 Y 1 A ASP 242 ? A ASP 242 
21 1 Y 1 A GLY 243 ? A GLY 243 
22 1 Y 1 A ALA 244 ? A ALA 244 
23 1 Y 1 A ALA 245 ? A ALA 245 
24 1 Y 1 A ALA 246 ? A ALA 246 
25 1 Y 1 A THR 247 ? A THR 247 
26 1 Y 1 A SER 248 ? A SER 248 
27 1 Y 1 A ASP 249 ? A ASP 249 
# 
loop_
_chem_comp_atom.comp_id 
_chem_comp_atom.atom_id 
_chem_comp_atom.type_symbol 
_chem_comp_atom.pdbx_aromatic_flag 
_chem_comp_atom.pdbx_stereo_config 
_chem_comp_atom.pdbx_ordinal 
ALA N    N N N 1   
ALA CA   C N S 2   
ALA C    C N N 3   
ALA O    O N N 4   
ALA CB   C N N 5   
ALA OXT  O N N 6   
ALA H    H N N 7   
ALA H2   H N N 8   
ALA HA   H N N 9   
ALA HB1  H N N 10  
ALA HB2  H N N 11  
ALA HB3  H N N 12  
ALA HXT  H N N 13  
ARG N    N N N 14  
ARG CA   C N S 15  
ARG C    C N N 16  
ARG O    O N N 17  
ARG CB   C N N 18  
ARG CG   C N N 19  
ARG CD   C N N 20  
ARG NE   N N N 21  
ARG CZ   C N N 22  
ARG NH1  N N N 23  
ARG NH2  N N N 24  
ARG OXT  O N N 25  
ARG H    H N N 26  
ARG H2   H N N 27  
ARG HA   H N N 28  
ARG HB2  H N N 29  
ARG HB3  H N N 30  
ARG HG2  H N N 31  
ARG HG3  H N N 32  
ARG HD2  H N N 33  
ARG HD3  H N N 34  
ARG HE   H N N 35  
ARG HH11 H N N 36  
ARG HH12 H N N 37  
ARG HH21 H N N 38  
ARG HH22 H N N 39  
ARG HXT  H N N 40  
ASN N    N N N 41  
ASN CA   C N S 42  
ASN C    C N N 43  
ASN O    O N N 44  
ASN CB   C N N 45  
ASN CG   C N N 46  
ASN OD1  O N N 47  
ASN ND2  N N N 48  
ASN OXT  O N N 49  
ASN H    H N N 50  
ASN H2   H N N 51  
ASN HA   H N N 52  
ASN HB2  H N N 53  
ASN HB3  H N N 54  
ASN HD21 H N N 55  
ASN HD22 H N N 56  
ASN HXT  H N N 57  
ASP N    N N N 58  
ASP CA   C N S 59  
ASP C    C N N 60  
ASP O    O N N 61  
ASP CB   C N N 62  
ASP CG   C N N 63  
ASP OD1  O N N 64  
ASP OD2  O N N 65  
ASP OXT  O N N 66  
ASP H    H N N 67  
ASP H2   H N N 68  
ASP HA   H N N 69  
ASP HB2  H N N 70  
ASP HB3  H N N 71  
ASP HD2  H N N 72  
ASP HXT  H N N 73  
GLN N    N N N 74  
GLN CA   C N S 75  
GLN C    C N N 76  
GLN O    O N N 77  
GLN CB   C N N 78  
GLN CG   C N N 79  
GLN CD   C N N 80  
GLN OE1  O N N 81  
GLN NE2  N N N 82  
GLN OXT  O N N 83  
GLN H    H N N 84  
GLN H2   H N N 85  
GLN HA   H N N 86  
GLN HB2  H N N 87  
GLN HB3  H N N 88  
GLN HG2  H N N 89  
GLN HG3  H N N 90  
GLN HE21 H N N 91  
GLN HE22 H N N 92  
GLN HXT  H N N 93  
GLU N    N N N 94  
GLU CA   C N S 95  
GLU C    C N N 96  
GLU O    O N N 97  
GLU CB   C N N 98  
GLU CG   C N N 99  
GLU CD   C N N 100 
GLU OE1  O N N 101 
GLU OE2  O N N 102 
GLU OXT  O N N 103 
GLU H    H N N 104 
GLU H2   H N N 105 
GLU HA   H N N 106 
GLU HB2  H N N 107 
GLU HB3  H N N 108 
GLU HG2  H N N 109 
GLU HG3  H N N 110 
GLU HE2  H N N 111 
GLU HXT  H N N 112 
GLY N    N N N 113 
GLY CA   C N N 114 
GLY C    C N N 115 
GLY O    O N N 116 
GLY OXT  O N N 117 
GLY H    H N N 118 
GLY H2   H N N 119 
GLY HA2  H N N 120 
GLY HA3  H N N 121 
GLY HXT  H N N 122 
HOH O    O N N 123 
HOH H1   H N N 124 
HOH H2   H N N 125 
ILE N    N N N 126 
ILE CA   C N S 127 
ILE C    C N N 128 
ILE O    O N N 129 
ILE CB   C N S 130 
ILE CG1  C N N 131 
ILE CG2  C N N 132 
ILE CD1  C N N 133 
ILE OXT  O N N 134 
ILE H    H N N 135 
ILE H2   H N N 136 
ILE HA   H N N 137 
ILE HB   H N N 138 
ILE HG12 H N N 139 
ILE HG13 H N N 140 
ILE HG21 H N N 141 
ILE HG22 H N N 142 
ILE HG23 H N N 143 
ILE HD11 H N N 144 
ILE HD12 H N N 145 
ILE HD13 H N N 146 
ILE HXT  H N N 147 
LEU N    N N N 148 
LEU CA   C N S 149 
LEU C    C N N 150 
LEU O    O N N 151 
LEU CB   C N N 152 
LEU CG   C N N 153 
LEU CD1  C N N 154 
LEU CD2  C N N 155 
LEU OXT  O N N 156 
LEU H    H N N 157 
LEU H2   H N N 158 
LEU HA   H N N 159 
LEU HB2  H N N 160 
LEU HB3  H N N 161 
LEU HG   H N N 162 
LEU HD11 H N N 163 
LEU HD12 H N N 164 
LEU HD13 H N N 165 
LEU HD21 H N N 166 
LEU HD22 H N N 167 
LEU HD23 H N N 168 
LEU HXT  H N N 169 
LYS N    N N N 170 
LYS CA   C N S 171 
LYS C    C N N 172 
LYS O    O N N 173 
LYS CB   C N N 174 
LYS CG   C N N 175 
LYS CD   C N N 176 
LYS CE   C N N 177 
LYS NZ   N N N 178 
LYS OXT  O N N 179 
LYS H    H N N 180 
LYS H2   H N N 181 
LYS HA   H N N 182 
LYS HB2  H N N 183 
LYS HB3  H N N 184 
LYS HG2  H N N 185 
LYS HG3  H N N 186 
LYS HD2  H N N 187 
LYS HD3  H N N 188 
LYS HE2  H N N 189 
LYS HE3  H N N 190 
LYS HZ1  H N N 191 
LYS HZ2  H N N 192 
LYS HZ3  H N N 193 
LYS HXT  H N N 194 
MET N    N N N 195 
MET CA   C N S 196 
MET C    C N N 197 
MET O    O N N 198 
MET CB   C N N 199 
MET CG   C N N 200 
MET SD   S N N 201 
MET CE   C N N 202 
MET OXT  O N N 203 
MET H    H N N 204 
MET H2   H N N 205 
MET HA   H N N 206 
MET HB2  H N N 207 
MET HB3  H N N 208 
MET HG2  H N N 209 
MET HG3  H N N 210 
MET HE1  H N N 211 
MET HE2  H N N 212 
MET HE3  H N N 213 
MET HXT  H N N 214 
PHE N    N N N 215 
PHE CA   C N S 216 
PHE C    C N N 217 
PHE O    O N N 218 
PHE CB   C N N 219 
PHE CG   C Y N 220 
PHE CD1  C Y N 221 
PHE CD2  C Y N 222 
PHE CE1  C Y N 223 
PHE CE2  C Y N 224 
PHE CZ   C Y N 225 
PHE OXT  O N N 226 
PHE H    H N N 227 
PHE H2   H N N 228 
PHE HA   H N N 229 
PHE HB2  H N N 230 
PHE HB3  H N N 231 
PHE HD1  H N N 232 
PHE HD2  H N N 233 
PHE HE1  H N N 234 
PHE HE2  H N N 235 
PHE HZ   H N N 236 
PHE HXT  H N N 237 
PRO N    N N N 238 
PRO CA   C N S 239 
PRO C    C N N 240 
PRO O    O N N 241 
PRO CB   C N N 242 
PRO CG   C N N 243 
PRO CD   C N N 244 
PRO OXT  O N N 245 
PRO H    H N N 246 
PRO HA   H N N 247 
PRO HB2  H N N 248 
PRO HB3  H N N 249 
PRO HG2  H N N 250 
PRO HG3  H N N 251 
PRO HD2  H N N 252 
PRO HD3  H N N 253 
PRO HXT  H N N 254 
RET C1   C N N 255 
RET C2   C N N 256 
RET C3   C N N 257 
RET C4   C N N 258 
RET C5   C N N 259 
RET C6   C N N 260 
RET C7   C N N 261 
RET C8   C N N 262 
RET C9   C N N 263 
RET C10  C N N 264 
RET C11  C N N 265 
RET C12  C N N 266 
RET C13  C N N 267 
RET C14  C N N 268 
RET C15  C N N 269 
RET O1   O N N 270 
RET C16  C N N 271 
RET C17  C N N 272 
RET C18  C N N 273 
RET C19  C N N 274 
RET C20  C N N 275 
RET H21  H N N 276 
RET H22  H N N 277 
RET H31  H N N 278 
RET H32  H N N 279 
RET H41  H N N 280 
RET H42  H N N 281 
RET H7   H N N 282 
RET H8   H N N 283 
RET H10  H N N 284 
RET H11  H N N 285 
RET H12  H N N 286 
RET H14  H N N 287 
RET H15  H N N 288 
RET H161 H N N 289 
RET H162 H N N 290 
RET H163 H N N 291 
RET H171 H N N 292 
RET H172 H N N 293 
RET H173 H N N 294 
RET H181 H N N 295 
RET H182 H N N 296 
RET H183 H N N 297 
RET H191 H N N 298 
RET H192 H N N 299 
RET H193 H N N 300 
RET H201 H N N 301 
RET H202 H N N 302 
RET H203 H N N 303 
SER N    N N N 304 
SER CA   C N S 305 
SER C    C N N 306 
SER O    O N N 307 
SER CB   C N N 308 
SER OG   O N N 309 
SER OXT  O N N 310 
SER H    H N N 311 
SER H2   H N N 312 
SER HA   H N N 313 
SER HB2  H N N 314 
SER HB3  H N N 315 
SER HG   H N N 316 
SER HXT  H N N 317 
THR N    N N N 318 
THR CA   C N S 319 
THR C    C N N 320 
THR O    O N N 321 
THR CB   C N R 322 
THR OG1  O N N 323 
THR CG2  C N N 324 
THR OXT  O N N 325 
THR H    H N N 326 
THR H2   H N N 327 
THR HA   H N N 328 
THR HB   H N N 329 
THR HG1  H N N 330 
THR HG21 H N N 331 
THR HG22 H N N 332 
THR HG23 H N N 333 
THR HXT  H N N 334 
TRP N    N N N 335 
TRP CA   C N S 336 
TRP C    C N N 337 
TRP O    O N N 338 
TRP CB   C N N 339 
TRP CG   C Y N 340 
TRP CD1  C Y N 341 
TRP CD2  C Y N 342 
TRP NE1  N Y N 343 
TRP CE2  C Y N 344 
TRP CE3  C Y N 345 
TRP CZ2  C Y N 346 
TRP CZ3  C Y N 347 
TRP CH2  C Y N 348 
TRP OXT  O N N 349 
TRP H    H N N 350 
TRP H2   H N N 351 
TRP HA   H N N 352 
TRP HB2  H N N 353 
TRP HB3  H N N 354 
TRP HD1  H N N 355 
TRP HE1  H N N 356 
TRP HE3  H N N 357 
TRP HZ2  H N N 358 
TRP HZ3  H N N 359 
TRP HH2  H N N 360 
TRP HXT  H N N 361 
TYR N    N N N 362 
TYR CA   C N S 363 
TYR C    C N N 364 
TYR O    O N N 365 
TYR CB   C N N 366 
TYR CG   C Y N 367 
TYR CD1  C Y N 368 
TYR CD2  C Y N 369 
TYR CE1  C Y N 370 
TYR CE2  C Y N 371 
TYR CZ   C Y N 372 
TYR OH   O N N 373 
TYR OXT  O N N 374 
TYR H    H N N 375 
TYR H2   H N N 376 
TYR HA   H N N 377 
TYR HB2  H N N 378 
TYR HB3  H N N 379 
TYR HD1  H N N 380 
TYR HD2  H N N 381 
TYR HE1  H N N 382 
TYR HE2  H N N 383 
TYR HH   H N N 384 
TYR HXT  H N N 385 
VAL N    N N N 386 
VAL CA   C N S 387 
VAL C    C N N 388 
VAL O    O N N 389 
VAL CB   C N N 390 
VAL CG1  C N N 391 
VAL CG2  C N N 392 
VAL OXT  O N N 393 
VAL H    H N N 394 
VAL H2   H N N 395 
VAL HA   H N N 396 
VAL HB   H N N 397 
VAL HG11 H N N 398 
VAL HG12 H N N 399 
VAL HG13 H N N 400 
VAL HG21 H N N 401 
VAL HG22 H N N 402 
VAL HG23 H N N 403 
VAL HXT  H N N 404 
# 
loop_
_chem_comp_bond.comp_id 
_chem_comp_bond.atom_id_1 
_chem_comp_bond.atom_id_2 
_chem_comp_bond.value_order 
_chem_comp_bond.pdbx_aromatic_flag 
_chem_comp_bond.pdbx_stereo_config 
_chem_comp_bond.pdbx_ordinal 
ALA N   CA   sing N N 1   
ALA N   H    sing N N 2   
ALA N   H2   sing N N 3   
ALA CA  C    sing N N 4   
ALA CA  CB   sing N N 5   
ALA CA  HA   sing N N 6   
ALA C   O    doub N N 7   
ALA C   OXT  sing N N 8   
ALA CB  HB1  sing N N 9   
ALA CB  HB2  sing N N 10  
ALA CB  HB3  sing N N 11  
ALA OXT HXT  sing N N 12  
ARG N   CA   sing N N 13  
ARG N   H    sing N N 14  
ARG N   H2   sing N N 15  
ARG CA  C    sing N N 16  
ARG CA  CB   sing N N 17  
ARG CA  HA   sing N N 18  
ARG C   O    doub N N 19  
ARG C   OXT  sing N N 20  
ARG CB  CG   sing N N 21  
ARG CB  HB2  sing N N 22  
ARG CB  HB3  sing N N 23  
ARG CG  CD   sing N N 24  
ARG CG  HG2  sing N N 25  
ARG CG  HG3  sing N N 26  
ARG CD  NE   sing N N 27  
ARG CD  HD2  sing N N 28  
ARG CD  HD3  sing N N 29  
ARG NE  CZ   sing N N 30  
ARG NE  HE   sing N N 31  
ARG CZ  NH1  sing N N 32  
ARG CZ  NH2  doub N N 33  
ARG NH1 HH11 sing N N 34  
ARG NH1 HH12 sing N N 35  
ARG NH2 HH21 sing N N 36  
ARG NH2 HH22 sing N N 37  
ARG OXT HXT  sing N N 38  
ASN N   CA   sing N N 39  
ASN N   H    sing N N 40  
ASN N   H2   sing N N 41  
ASN CA  C    sing N N 42  
ASN CA  CB   sing N N 43  
ASN CA  HA   sing N N 44  
ASN C   O    doub N N 45  
ASN C   OXT  sing N N 46  
ASN CB  CG   sing N N 47  
ASN CB  HB2  sing N N 48  
ASN CB  HB3  sing N N 49  
ASN CG  OD1  doub N N 50  
ASN CG  ND2  sing N N 51  
ASN ND2 HD21 sing N N 52  
ASN ND2 HD22 sing N N 53  
ASN OXT HXT  sing N N 54  
ASP N   CA   sing N N 55  
ASP N   H    sing N N 56  
ASP N   H2   sing N N 57  
ASP CA  C    sing N N 58  
ASP CA  CB   sing N N 59  
ASP CA  HA   sing N N 60  
ASP C   O    doub N N 61  
ASP C   OXT  sing N N 62  
ASP CB  CG   sing N N 63  
ASP CB  HB2  sing N N 64  
ASP CB  HB3  sing N N 65  
ASP CG  OD1  doub N N 66  
ASP CG  OD2  sing N N 67  
ASP OD2 HD2  sing N N 68  
ASP OXT HXT  sing N N 69  
GLN N   CA   sing N N 70  
GLN N   H    sing N N 71  
GLN N   H2   sing N N 72  
GLN CA  C    sing N N 73  
GLN CA  CB   sing N N 74  
GLN CA  HA   sing N N 75  
GLN C   O    doub N N 76  
GLN C   OXT  sing N N 77  
GLN CB  CG   sing N N 78  
GLN CB  HB2  sing N N 79  
GLN CB  HB3  sing N N 80  
GLN CG  CD   sing N N 81  
GLN CG  HG2  sing N N 82  
GLN CG  HG3  sing N N 83  
GLN CD  OE1  doub N N 84  
GLN CD  NE2  sing N N 85  
GLN NE2 HE21 sing N N 86  
GLN NE2 HE22 sing N N 87  
GLN OXT HXT  sing N N 88  
GLU N   CA   sing N N 89  
GLU N   H    sing N N 90  
GLU N   H2   sing N N 91  
GLU CA  C    sing N N 92  
GLU CA  CB   sing N N 93  
GLU CA  HA   sing N N 94  
GLU C   O    doub N N 95  
GLU C   OXT  sing N N 96  
GLU CB  CG   sing N N 97  
GLU CB  HB2  sing N N 98  
GLU CB  HB3  sing N N 99  
GLU CG  CD   sing N N 100 
GLU CG  HG2  sing N N 101 
GLU CG  HG3  sing N N 102 
GLU CD  OE1  doub N N 103 
GLU CD  OE2  sing N N 104 
GLU OE2 HE2  sing N N 105 
GLU OXT HXT  sing N N 106 
GLY N   CA   sing N N 107 
GLY N   H    sing N N 108 
GLY N   H2   sing N N 109 
GLY CA  C    sing N N 110 
GLY CA  HA2  sing N N 111 
GLY CA  HA3  sing N N 112 
GLY C   O    doub N N 113 
GLY C   OXT  sing N N 114 
GLY OXT HXT  sing N N 115 
HOH O   H1   sing N N 116 
HOH O   H2   sing N N 117 
ILE N   CA   sing N N 118 
ILE N   H    sing N N 119 
ILE N   H2   sing N N 120 
ILE CA  C    sing N N 121 
ILE CA  CB   sing N N 122 
ILE CA  HA   sing N N 123 
ILE C   O    doub N N 124 
ILE C   OXT  sing N N 125 
ILE CB  CG1  sing N N 126 
ILE CB  CG2  sing N N 127 
ILE CB  HB   sing N N 128 
ILE CG1 CD1  sing N N 129 
ILE CG1 HG12 sing N N 130 
ILE CG1 HG13 sing N N 131 
ILE CG2 HG21 sing N N 132 
ILE CG2 HG22 sing N N 133 
ILE CG2 HG23 sing N N 134 
ILE CD1 HD11 sing N N 135 
ILE CD1 HD12 sing N N 136 
ILE CD1 HD13 sing N N 137 
ILE OXT HXT  sing N N 138 
LEU N   CA   sing N N 139 
LEU N   H    sing N N 140 
LEU N   H2   sing N N 141 
LEU CA  C    sing N N 142 
LEU CA  CB   sing N N 143 
LEU CA  HA   sing N N 144 
LEU C   O    doub N N 145 
LEU C   OXT  sing N N 146 
LEU CB  CG   sing N N 147 
LEU CB  HB2  sing N N 148 
LEU CB  HB3  sing N N 149 
LEU CG  CD1  sing N N 150 
LEU CG  CD2  sing N N 151 
LEU CG  HG   sing N N 152 
LEU CD1 HD11 sing N N 153 
LEU CD1 HD12 sing N N 154 
LEU CD1 HD13 sing N N 155 
LEU CD2 HD21 sing N N 156 
LEU CD2 HD22 sing N N 157 
LEU CD2 HD23 sing N N 158 
LEU OXT HXT  sing N N 159 
LYS N   CA   sing N N 160 
LYS N   H    sing N N 161 
LYS N   H2   sing N N 162 
LYS CA  C    sing N N 163 
LYS CA  CB   sing N N 164 
LYS CA  HA   sing N N 165 
LYS C   O    doub N N 166 
LYS C   OXT  sing N N 167 
LYS CB  CG   sing N N 168 
LYS CB  HB2  sing N N 169 
LYS CB  HB3  sing N N 170 
LYS CG  CD   sing N N 171 
LYS CG  HG2  sing N N 172 
LYS CG  HG3  sing N N 173 
LYS CD  CE   sing N N 174 
LYS CD  HD2  sing N N 175 
LYS CD  HD3  sing N N 176 
LYS CE  NZ   sing N N 177 
LYS CE  HE2  sing N N 178 
LYS CE  HE3  sing N N 179 
LYS NZ  HZ1  sing N N 180 
LYS NZ  HZ2  sing N N 181 
LYS NZ  HZ3  sing N N 182 
LYS OXT HXT  sing N N 183 
MET N   CA   sing N N 184 
MET N   H    sing N N 185 
MET N   H2   sing N N 186 
MET CA  C    sing N N 187 
MET CA  CB   sing N N 188 
MET CA  HA   sing N N 189 
MET C   O    doub N N 190 
MET C   OXT  sing N N 191 
MET CB  CG   sing N N 192 
MET CB  HB2  sing N N 193 
MET CB  HB3  sing N N 194 
MET CG  SD   sing N N 195 
MET CG  HG2  sing N N 196 
MET CG  HG3  sing N N 197 
MET SD  CE   sing N N 198 
MET CE  HE1  sing N N 199 
MET CE  HE2  sing N N 200 
MET CE  HE3  sing N N 201 
MET OXT HXT  sing N N 202 
PHE N   CA   sing N N 203 
PHE N   H    sing N N 204 
PHE N   H2   sing N N 205 
PHE CA  C    sing N N 206 
PHE CA  CB   sing N N 207 
PHE CA  HA   sing N N 208 
PHE C   O    doub N N 209 
PHE C   OXT  sing N N 210 
PHE CB  CG   sing N N 211 
PHE CB  HB2  sing N N 212 
PHE CB  HB3  sing N N 213 
PHE CG  CD1  doub Y N 214 
PHE CG  CD2  sing Y N 215 
PHE CD1 CE1  sing Y N 216 
PHE CD1 HD1  sing N N 217 
PHE CD2 CE2  doub Y N 218 
PHE CD2 HD2  sing N N 219 
PHE CE1 CZ   doub Y N 220 
PHE CE1 HE1  sing N N 221 
PHE CE2 CZ   sing Y N 222 
PHE CE2 HE2  sing N N 223 
PHE CZ  HZ   sing N N 224 
PHE OXT HXT  sing N N 225 
PRO N   CA   sing N N 226 
PRO N   CD   sing N N 227 
PRO N   H    sing N N 228 
PRO CA  C    sing N N 229 
PRO CA  CB   sing N N 230 
PRO CA  HA   sing N N 231 
PRO C   O    doub N N 232 
PRO C   OXT  sing N N 233 
PRO CB  CG   sing N N 234 
PRO CB  HB2  sing N N 235 
PRO CB  HB3  sing N N 236 
PRO CG  CD   sing N N 237 
PRO CG  HG2  sing N N 238 
PRO CG  HG3  sing N N 239 
PRO CD  HD2  sing N N 240 
PRO CD  HD3  sing N N 241 
PRO OXT HXT  sing N N 242 
RET C1  C2   sing N N 243 
RET C1  C6   sing N N 244 
RET C1  C16  sing N N 245 
RET C1  C17  sing N N 246 
RET C2  C3   sing N N 247 
RET C2  H21  sing N N 248 
RET C2  H22  sing N N 249 
RET C3  C4   sing N N 250 
RET C3  H31  sing N N 251 
RET C3  H32  sing N N 252 
RET C4  C5   sing N N 253 
RET C4  H41  sing N N 254 
RET C4  H42  sing N N 255 
RET C5  C6   doub N N 256 
RET C5  C18  sing N N 257 
RET C6  C7   sing N N 258 
RET C7  C8   doub N E 259 
RET C7  H7   sing N N 260 
RET C8  C9   sing N N 261 
RET C8  H8   sing N N 262 
RET C9  C10  doub N E 263 
RET C9  C19  sing N N 264 
RET C10 C11  sing N N 265 
RET C10 H10  sing N N 266 
RET C11 C12  doub N E 267 
RET C11 H11  sing N N 268 
RET C12 C13  sing N N 269 
RET C12 H12  sing N N 270 
RET C13 C14  doub N E 271 
RET C13 C20  sing N N 272 
RET C14 C15  sing N N 273 
RET C14 H14  sing N N 274 
RET C15 O1   doub N N 275 
RET C15 H15  sing N N 276 
RET C16 H161 sing N N 277 
RET C16 H162 sing N N 278 
RET C16 H163 sing N N 279 
RET C17 H171 sing N N 280 
RET C17 H172 sing N N 281 
RET C17 H173 sing N N 282 
RET C18 H181 sing N N 283 
RET C18 H182 sing N N 284 
RET C18 H183 sing N N 285 
RET C19 H191 sing N N 286 
RET C19 H192 sing N N 287 
RET C19 H193 sing N N 288 
RET C20 H201 sing N N 289 
RET C20 H202 sing N N 290 
RET C20 H203 sing N N 291 
SER N   CA   sing N N 292 
SER N   H    sing N N 293 
SER N   H2   sing N N 294 
SER CA  C    sing N N 295 
SER CA  CB   sing N N 296 
SER CA  HA   sing N N 297 
SER C   O    doub N N 298 
SER C   OXT  sing N N 299 
SER CB  OG   sing N N 300 
SER CB  HB2  sing N N 301 
SER CB  HB3  sing N N 302 
SER OG  HG   sing N N 303 
SER OXT HXT  sing N N 304 
THR N   CA   sing N N 305 
THR N   H    sing N N 306 
THR N   H2   sing N N 307 
THR CA  C    sing N N 308 
THR CA  CB   sing N N 309 
THR CA  HA   sing N N 310 
THR C   O    doub N N 311 
THR C   OXT  sing N N 312 
THR CB  OG1  sing N N 313 
THR CB  CG2  sing N N 314 
THR CB  HB   sing N N 315 
THR OG1 HG1  sing N N 316 
THR CG2 HG21 sing N N 317 
THR CG2 HG22 sing N N 318 
THR CG2 HG23 sing N N 319 
THR OXT HXT  sing N N 320 
TRP N   CA   sing N N 321 
TRP N   H    sing N N 322 
TRP N   H2   sing N N 323 
TRP CA  C    sing N N 324 
TRP CA  CB   sing N N 325 
TRP CA  HA   sing N N 326 
TRP C   O    doub N N 327 
TRP C   OXT  sing N N 328 
TRP CB  CG   sing N N 329 
TRP CB  HB2  sing N N 330 
TRP CB  HB3  sing N N 331 
TRP CG  CD1  doub Y N 332 
TRP CG  CD2  sing Y N 333 
TRP CD1 NE1  sing Y N 334 
TRP CD1 HD1  sing N N 335 
TRP CD2 CE2  doub Y N 336 
TRP CD2 CE3  sing Y N 337 
TRP NE1 CE2  sing Y N 338 
TRP NE1 HE1  sing N N 339 
TRP CE2 CZ2  sing Y N 340 
TRP CE3 CZ3  doub Y N 341 
TRP CE3 HE3  sing N N 342 
TRP CZ2 CH2  doub Y N 343 
TRP CZ2 HZ2  sing N N 344 
TRP CZ3 CH2  sing Y N 345 
TRP CZ3 HZ3  sing N N 346 
TRP CH2 HH2  sing N N 347 
TRP OXT HXT  sing N N 348 
TYR N   CA   sing N N 349 
TYR N   H    sing N N 350 
TYR N   H2   sing N N 351 
TYR CA  C    sing N N 352 
TYR CA  CB   sing N N 353 
TYR CA  HA   sing N N 354 
TYR C   O    doub N N 355 
TYR C   OXT  sing N N 356 
TYR CB  CG   sing N N 357 
TYR CB  HB2  sing N N 358 
TYR CB  HB3  sing N N 359 
TYR CG  CD1  doub Y N 360 
TYR CG  CD2  sing Y N 361 
TYR CD1 CE1  sing Y N 362 
TYR CD1 HD1  sing N N 363 
TYR CD2 CE2  doub Y N 364 
TYR CD2 HD2  sing N N 365 
TYR CE1 CZ   doub Y N 366 
TYR CE1 HE1  sing N N 367 
TYR CE2 CZ   sing Y N 368 
TYR CE2 HE2  sing N N 369 
TYR CZ  OH   sing N N 370 
TYR OH  HH   sing N N 371 
TYR OXT HXT  sing N N 372 
VAL N   CA   sing N N 373 
VAL N   H    sing N N 374 
VAL N   H2   sing N N 375 
VAL CA  C    sing N N 376 
VAL CA  CB   sing N N 377 
VAL CA  HA   sing N N 378 
VAL C   O    doub N N 379 
VAL C   OXT  sing N N 380 
VAL CB  CG1  sing N N 381 
VAL CB  CG2  sing N N 382 
VAL CB  HB   sing N N 383 
VAL CG1 HG11 sing N N 384 
VAL CG1 HG12 sing N N 385 
VAL CG1 HG13 sing N N 386 
VAL CG2 HG21 sing N N 387 
VAL CG2 HG22 sing N N 388 
VAL CG2 HG23 sing N N 389 
VAL OXT HXT  sing N N 390 
# 
_pdbx_initial_refinement_model.id               1 
_pdbx_initial_refinement_model.entity_id_list   ? 
_pdbx_initial_refinement_model.type             'experimental model' 
_pdbx_initial_refinement_model.source_name      PDB 
_pdbx_initial_refinement_model.accession_code   1C3W 
_pdbx_initial_refinement_model.details          'PDB ENTRY 1C3W' 
# 
_atom_sites.entry_id                    2NTU 
_atom_sites.fract_transf_matrix[1][1]   -0.00644841 
_atom_sites.fract_transf_matrix[1][2]   0.00441186 
_atom_sites.fract_transf_matrix[1][3]   0.01725378 
_atom_sites.fract_transf_matrix[2][1]   -0.00756868 
_atom_sites.fract_transf_matrix[2][2]   0.01706389 
_atom_sites.fract_transf_matrix[2][3]   0.00320349 
_atom_sites.fract_transf_matrix[3][1]   -0.00817286 
_atom_sites.fract_transf_matrix[3][2]   -0.00320551 
_atom_sites.fract_transf_matrix[3][3]   -0.00223485 
_atom_sites.fract_transf_vector[1]      0.634303 
_atom_sites.fract_transf_vector[2]      0.724224 
_atom_sites.fract_transf_vector[3]      0.056065 
# 
loop_
_atom_type.symbol 
C 
N 
O 
S 
# 
loop_
_atom_site.group_PDB 
_atom_site.id 
_atom_site.type_symbol 
_atom_site.label_atom_id 
_atom_site.label_alt_id 
_atom_site.label_comp_id 
_atom_site.label_asym_id 
_atom_site.label_entity_id 
_atom_site.label_seq_id 
_atom_site.pdbx_PDB_ins_code 
_atom_site.Cartn_x 
_atom_site.Cartn_y 
_atom_site.Cartn_z 
_atom_site.occupancy 
_atom_site.B_iso_or_equiv 
_atom_site.pdbx_formal_charge 
_atom_site.auth_seq_id 
_atom_site.auth_comp_id 
_atom_site.auth_asym_id 
_atom_site.auth_atom_id 
_atom_site.pdbx_PDB_model_num 
ATOM   1    N N   . THR A 1 5   ? 22.364  -6.412  9.670   1.00 67.99  ? 5   THR A N   1 
ATOM   2    C CA  . THR A 1 5   ? 23.284  -5.400  9.159   1.00 77.02  ? 5   THR A CA  1 
ATOM   3    C C   . THR A 1 5   ? 23.447  -4.241  10.144  1.00 81.64  ? 5   THR A C   1 
ATOM   4    O O   . THR A 1 5   ? 22.845  -4.235  11.222  1.00 98.81  ? 5   THR A O   1 
ATOM   5    C CB  . THR A 1 5   ? 22.822  -4.870  7.785   1.00 76.23  ? 5   THR A CB  1 
ATOM   6    O OG1 . THR A 1 5   ? 22.177  -3.601  7.926   1.00 55.58  ? 5   THR A OG1 1 
ATOM   7    C CG2 . THR A 1 5   ? 21.796  -5.822  7.181   1.00 81.94  ? 5   THR A CG2 1 
ATOM   8    N N   . GLY A 1 6   ? 24.268  -3.264  9.772   1.00 73.10  ? 6   GLY A N   1 
ATOM   9    C CA  . GLY A 1 6   ? 24.569  -2.104  10.579  1.00 64.08  ? 6   GLY A CA  1 
ATOM   10   C C   . GLY A 1 6   ? 23.445  -1.083  10.581  1.00 55.22  ? 6   GLY A C   1 
ATOM   11   O O   . GLY A 1 6   ? 23.614  0.033   11.083  1.00 52.26  ? 6   GLY A O   1 
ATOM   12   N N   . ARG A 1 7   ? 22.306  -1.473  10.002  1.00 41.54  ? 7   ARG A N   1 
ATOM   13   C CA  . ARG A 1 7   ? 21.133  -0.609  9.983   1.00 37.53  ? 7   ARG A CA  1 
ATOM   14   C C   . ARG A 1 7   ? 20.144  -1.153  11.004  1.00 29.95  ? 7   ARG A C   1 
ATOM   15   O O   . ARG A 1 7   ? 19.671  -2.288  10.914  1.00 33.17  ? 7   ARG A O   1 
ATOM   16   C CB  . ARG A 1 7   ? 20.477  -0.506  8.602   1.00 37.63  ? 7   ARG A CB  1 
ATOM   17   C CG  . ARG A 1 7   ? 21.299  0.279   7.582   1.00 38.05  ? 7   ARG A CG  1 
ATOM   18   C CD  . ARG A 1 7   ? 20.694  0.261   6.194   1.00 40.59  ? 7   ARG A CD  1 
ATOM   19   N NE  . ARG A 1 7   ? 20.892  -0.993  5.485   1.00 43.09  ? 7   ARG A NE  1 
ATOM   20   C CZ  . ARG A 1 7   ? 20.057  -1.779  4.837   1.00 50.29  ? 7   ARG A CZ  1 
ATOM   21   N NH1 . ARG A 1 7   ? 18.755  -1.550  4.696   1.00 27.77  ? 7   ARG A NH1 1 
ATOM   22   N NH2 . ARG A 1 7   ? 20.544  -2.892  4.275   1.00 48.69  ? 7   ARG A NH2 1 
ATOM   23   N N   . PRO A 1 8   ? 19.832  -0.336  11.998  1.00 31.51  ? 8   PRO A N   1 
ATOM   24   C CA  . PRO A 1 8   ? 18.994  -0.835  13.100  1.00 33.67  ? 8   PRO A CA  1 
ATOM   25   C C   . PRO A 1 8   ? 17.651  -1.261  12.553  1.00 32.00  ? 8   PRO A C   1 
ATOM   26   O O   . PRO A 1 8   ? 17.078  -2.227  13.042  1.00 30.00  ? 8   PRO A O   1 
ATOM   27   C CB  . PRO A 1 8   ? 18.830  0.368   14.032  1.00 27.57  ? 8   PRO A CB  1 
ATOM   28   C CG  . PRO A 1 8   ? 19.834  1.360   13.580  1.00 33.80  ? 8   PRO A CG  1 
ATOM   29   C CD  . PRO A 1 8   ? 20.214  1.061   12.170  1.00 31.92  ? 8   PRO A CD  1 
ATOM   30   N N   . GLU A 1 9   ? 17.143  -0.579  11.511  1.00 24.07  ? 9   GLU A N   1 
ATOM   31   C CA  . GLU A 1 9   ? 15.860  -1.004  10.979  1.00 27.49  ? 9   GLU A CA  1 
ATOM   32   C C   . GLU A 1 9   ? 15.878  -2.365  10.278  1.00 23.79  ? 9   GLU A C   1 
ATOM   33   O O   . GLU A 1 9   ? 14.789  -2.817  9.850   1.00 21.93  ? 9   GLU A O   1 
ATOM   34   C CB  . GLU A 1 9   ? 15.305  0.081   10.024  1.00 31.00  ? 9   GLU A CB  1 
ATOM   35   C CG  . GLU A 1 9   ? 16.094  0.261   8.747   1.00 26.68  ? 9   GLU A CG  1 
ATOM   36   C CD  . GLU A 1 9   ? 17.216  1.249   8.872   1.00 38.72  ? 9   GLU A CD  1 
ATOM   37   O OE1 . GLU A 1 9   ? 17.596  1.538   10.026  1.00 35.36  ? 9   GLU A OE1 1 
ATOM   38   O OE2 . GLU A 1 9   ? 17.709  1.741   7.828   1.00 28.86  ? 9   GLU A OE2 1 
ATOM   39   N N   . TRP A 1 10  ? 17.045  -3.016  10.163  1.00 27.73  ? 10  TRP A N   1 
ATOM   40   C CA  . TRP A 1 10  ? 17.132  -4.260  9.387   1.00 23.57  ? 10  TRP A CA  1 
ATOM   41   C C   . TRP A 1 10  ? 16.135  -5.287  9.880   1.00 21.61  ? 10  TRP A C   1 
ATOM   42   O O   . TRP A 1 10  ? 15.473  -6.025  9.178   1.00 23.17  ? 10  TRP A O   1 
ATOM   43   C CB  . TRP A 1 10  ? 18.577  -4.813  9.368   1.00 27.29  ? 10  TRP A CB  1 
ATOM   44   C CG  . TRP A 1 10  ? 18.957  -5.562  10.595  1.00 32.50  ? 10  TRP A CG  1 
ATOM   45   C CD1 . TRP A 1 10  ? 19.637  -4.988  11.645  1.00 37.14  ? 10  TRP A CD1 1 
ATOM   46   C CD2 . TRP A 1 10  ? 18.736  -6.938  10.967  1.00 32.09  ? 10  TRP A CD2 1 
ATOM   47   N NE1 . TRP A 1 10  ? 19.835  -5.933  12.621  1.00 39.20  ? 10  TRP A NE1 1 
ATOM   48   C CE2 . TRP A 1 10  ? 19.298  -7.128  12.241  1.00 33.92  ? 10  TRP A CE2 1 
ATOM   49   C CE3 . TRP A 1 10  ? 18.108  -8.009  10.337  1.00 37.40  ? 10  TRP A CE3 1 
ATOM   50   C CZ2 . TRP A 1 10  ? 19.247  -8.360  12.885  1.00 37.50  ? 10  TRP A CZ2 1 
ATOM   51   C CZ3 . TRP A 1 10  ? 18.054  -9.241  10.970  1.00 50.96  ? 10  TRP A CZ3 1 
ATOM   52   C CH2 . TRP A 1 10  ? 18.627  -9.397  12.243  1.00 46.51  ? 10  TRP A CH2 1 
ATOM   53   N N   . ILE A 1 11  ? 15.958  -5.397  11.222  1.00 23.53  ? 11  ILE A N   1 
ATOM   54   C CA  . ILE A 1 11  ? 15.028  -6.394  11.705  1.00 22.43  ? 11  ILE A CA  1 
ATOM   55   C C   . ILE A 1 11  ? 13.596  -6.281  11.228  1.00 21.85  ? 11  ILE A C   1 
ATOM   56   O O   . ILE A 1 11  ? 12.893  -7.258  10.973  1.00 22.70  ? 11  ILE A O   1 
ATOM   57   C CB  . ILE A 1 11  ? 15.002  -6.383  13.260  1.00 36.13  ? 11  ILE A CB  1 
ATOM   58   C CG1 . ILE A 1 11  ? 13.896  -7.292  13.818  1.00 34.42  ? 11  ILE A CG1 1 
ATOM   59   C CG2 . ILE A 1 11  ? 14.901  -4.980  13.818  1.00 27.39  ? 11  ILE A CG2 1 
ATOM   60   C CD1 . ILE A 1 11  ? 14.038  -8.738  13.380  1.00 50.24  ? 11  ILE A CD1 1 
ATOM   61   N N   . TRP A 1 12  ? 13.076  -5.035  11.076  1.00 19.44  ? 12  TRP A N   1 
ATOM   62   C CA  . TRP A 1 12  ? 11.730  -4.908  10.603  1.00 18.59  ? 12  TRP A CA  1 
ATOM   63   C C   . TRP A 1 12  ? 11.658  -5.138  9.082   1.00 14.66  ? 12  TRP A C   1 
ATOM   64   O O   . TRP A 1 12  ? 10.634  -5.572  8.666   1.00 19.71  ? 12  TRP A O   1 
ATOM   65   C CB  . TRP A 1 12  ? 11.124  -3.517  10.928  1.00 23.19  ? 12  TRP A CB  1 
ATOM   66   C CG  . TRP A 1 12  ? 11.550  -3.042  12.294  1.00 24.10  ? 12  TRP A CG  1 
ATOM   67   C CD1 . TRP A 1 12  ? 12.315  -1.998  12.662  1.00 22.15  ? 12  TRP A CD1 1 
ATOM   68   C CD2 . TRP A 1 12  ? 11.147  -3.720  13.505  1.00 22.76  ? 12  TRP A CD2 1 
ATOM   69   N NE1 . TRP A 1 12  ? 12.426  -1.967  14.043  1.00 36.98  ? 12  TRP A NE1 1 
ATOM   70   C CE2 . TRP A 1 12  ? 11.715  -3.016  14.568  1.00 34.46  ? 12  TRP A CE2 1 
ATOM   71   C CE3 . TRP A 1 12  ? 10.356  -4.854  13.702  1.00 25.02  ? 12  TRP A CE3 1 
ATOM   72   C CZ2 . TRP A 1 12  ? 11.509  -3.427  15.888  1.00 34.83  ? 12  TRP A CZ2 1 
ATOM   73   C CZ3 . TRP A 1 12  ? 10.156  -5.254  15.015  1.00 30.50  ? 12  TRP A CZ3 1 
ATOM   74   C CH2 . TRP A 1 12  ? 10.732  -4.543  16.068  1.00 28.00  ? 12  TRP A CH2 1 
ATOM   75   N N   . LEU A 1 13  ? 12.766  -4.822  8.401   1.00 22.65  ? 13  LEU A N   1 
ATOM   76   C CA  . LEU A 1 13  ? 12.767  -5.172  6.960   1.00 26.47  ? 13  LEU A CA  1 
ATOM   77   C C   . LEU A 1 13  ? 12.808  -6.686  6.768   1.00 25.13  ? 13  LEU A C   1 
ATOM   78   O O   . LEU A 1 13  ? 12.150  -7.171  5.849   1.00 23.99  ? 13  LEU A O   1 
ATOM   79   C CB  . LEU A 1 13  ? 13.945  -4.527  6.235   1.00 19.01  ? 13  LEU A CB  1 
ATOM   80   C CG  . LEU A 1 13  ? 14.042  -2.995  6.300   1.00 21.41  ? 13  LEU A CG  1 
ATOM   81   C CD1 . LEU A 1 13  ? 15.305  -2.436  5.634   1.00 22.33  ? 13  LEU A CD1 1 
ATOM   82   C CD2 . LEU A 1 13  ? 12.800  -2.372  5.690   1.00 26.23  ? 13  LEU A CD2 1 
ATOM   83   N N   . ALA A 1 14  ? 13.521  -7.439  7.613   1.00 26.15  ? 14  ALA A N   1 
ATOM   84   C CA  . ALA A 1 14  ? 13.566  -8.915  7.569   1.00 22.66  ? 14  ALA A CA  1 
ATOM   85   C C   . ALA A 1 14  ? 12.241  -9.538  7.928   1.00 21.94  ? 14  ALA A C   1 
ATOM   86   O O   . ALA A 1 14  ? 11.694  -10.380 7.222   1.00 22.65  ? 14  ALA A O   1 
ATOM   87   C CB  . ALA A 1 14  ? 14.647  -9.453  8.511   1.00 24.35  ? 14  ALA A CB  1 
ATOM   88   N N   . LEU A 1 15  ? 11.648  -9.126  9.079   1.00 24.18  ? 15  LEU A N   1 
ATOM   89   C CA  . LEU A 1 15  ? 10.285  -9.557  9.386   1.00 20.67  ? 15  LEU A CA  1 
ATOM   90   C C   . LEU A 1 15  ? 9.280   -9.190  8.306   1.00 15.69  ? 15  LEU A C   1 
ATOM   91   O O   . LEU A 1 15  ? 8.383   -9.944  8.011   1.00 20.04  ? 15  LEU A O   1 
ATOM   92   C CB  . LEU A 1 15  ? 9.845   -8.896  10.702  1.00 28.56  ? 15  LEU A CB  1 
ATOM   93   C CG  . LEU A 1 15  ? 9.110   -9.721  11.748  1.00 39.17  ? 15  LEU A CG  1 
ATOM   94   C CD1 . LEU A 1 15  ? 8.125   -8.813  12.485  1.00 41.89  ? 15  LEU A CD1 1 
ATOM   95   C CD2 . LEU A 1 15  ? 8.396   -10.911 11.146  1.00 31.37  ? 15  LEU A CD2 1 
ATOM   96   N N   . GLY A 1 16  ? 9.399   -8.013  7.660   1.00 18.45  ? 16  GLY A N   1 
ATOM   97   C CA  . GLY A 1 16  ? 8.376   -7.720  6.636   1.00 17.05  ? 16  GLY A CA  1 
ATOM   98   C C   . GLY A 1 16  ? 8.515   -8.597  5.398   1.00 11.82  ? 16  GLY A C   1 
ATOM   99   O O   . GLY A 1 16  ? 7.580   -9.033  4.803   1.00 17.59  ? 16  GLY A O   1 
ATOM   100  N N   . THR A 1 17  ? 9.786   -8.812  5.083   1.00 17.15  ? 17  THR A N   1 
ATOM   101  C CA  . THR A 1 17  ? 10.109  -9.706  3.975   1.00 19.03  ? 17  THR A CA  1 
ATOM   102  C C   . THR A 1 17  ? 9.480   -11.069 4.209   1.00 19.46  ? 17  THR A C   1 
ATOM   103  O O   . THR A 1 17  ? 8.741   -11.630 3.436   1.00 20.78  ? 17  THR A O   1 
ATOM   104  C CB  . THR A 1 17  ? 11.623  -9.808  3.864   1.00 18.08  ? 17  THR A CB  1 
ATOM   105  O OG1 . THR A 1 17  ? 12.259  -8.576  3.501   1.00 19.83  ? 17  THR A OG1 1 
ATOM   106  C CG2 . THR A 1 17  ? 12.001  -10.827 2.768   1.00 25.16  ? 17  THR A CG2 1 
ATOM   107  N N   . ALA A 1 18  ? 9.795   -11.611 5.405   1.00 24.41  ? 18  ALA A N   1 
ATOM   108  C CA  . ALA A 1 18  ? 9.249   -12.921 5.762   1.00 21.99  ? 18  ALA A CA  1 
ATOM   109  C C   . ALA A 1 18  ? 7.759   -12.993 5.758   1.00 20.44  ? 18  ALA A C   1 
ATOM   110  O O   . ALA A 1 18  ? 6.998   -13.815 5.253   1.00 23.05  ? 18  ALA A O   1 
ATOM   111  C CB  . ALA A 1 18  ? 9.808   -13.255 7.159   1.00 21.68  ? 18  ALA A CB  1 
ATOM   112  N N   . LEU A 1 19  ? 7.106   -11.996 6.396   1.00 21.63  ? 19  LEU A N   1 
ATOM   113  C CA  . LEU A 1 19  ? 5.650   -12.023 6.435   1.00 20.38  ? 19  LEU A CA  1 
ATOM   114  C C   . LEU A 1 19  ? 5.025   -11.841 5.072   1.00 19.24  ? 19  LEU A C   1 
ATOM   115  O O   . LEU A 1 19  ? 4.016   -12.414 4.721   1.00 22.08  ? 19  LEU A O   1 
ATOM   116  C CB  . LEU A 1 19  ? 5.171   -10.932 7.408   1.00 16.95  ? 19  LEU A CB  1 
ATOM   117  C CG  . LEU A 1 19  ? 5.637   -11.155 8.839   1.00 20.29  ? 19  LEU A CG  1 
ATOM   118  C CD1 . LEU A 1 19  ? 5.449   -9.873  9.632   1.00 45.45  ? 19  LEU A CD1 1 
ATOM   119  C CD2 . LEU A 1 19  ? 4.858   -12.290 9.494   1.00 26.97  ? 19  LEU A CD2 1 
ATOM   120  N N   . MET A 1 20  ? 5.651   -11.012 4.209   1.00 23.15  ? 20  MET A N   1 
ATOM   121  C CA  . MET A 1 20  ? 5.006   -10.882 2.907   1.00 20.44  ? 20  MET A CA  1 
ATOM   122  C C   . MET A 1 20  ? 5.168   -12.146 2.044   1.00 14.60  ? 20  MET A C   1 
ATOM   123  O O   . MET A 1 20  ? 4.315   -12.464 1.263   1.00 17.15  ? 20  MET A O   1 
ATOM   124  C CB  . MET A 1 20  ? 5.673   -9.709  2.163   1.00 23.80  ? 20  MET A CB  1 
ATOM   125  C CG  . MET A 1 20  ? 5.338   -8.338  2.726   1.00 20.10  ? 20  MET A CG  1 
ATOM   126  S SD  . MET A 1 20  ? 3.588   -7.944  2.692   1.00 21.44  ? 20  MET A SD  1 
ATOM   127  C CE  . MET A 1 20  ? 3.750   -6.242  3.310   1.00 19.83  ? 20  MET A CE  1 
ATOM   128  N N   . GLY A 1 21  ? 6.297   -12.790 2.281   1.00 26.10  ? 21  GLY A N   1 
ATOM   129  C CA  . GLY A 1 21  ? 6.668   -14.029 1.578   1.00 20.84  ? 21  GLY A CA  1 
ATOM   130  C C   . GLY A 1 21  ? 5.667   -15.110 1.950   1.00 22.21  ? 21  GLY A C   1 
ATOM   131  O O   . GLY A 1 21  ? 5.047   -15.788 1.142   1.00 26.01  ? 21  GLY A O   1 
ATOM   132  N N   . LEU A 1 22  ? 5.478   -15.235 3.260   1.00 27.51  ? 22  LEU A N   1 
ATOM   133  C CA  . LEU A 1 22  ? 4.502   -16.188 3.801   1.00 32.10  ? 22  LEU A CA  1 
ATOM   134  C C   . LEU A 1 22  ? 3.087   -15.898 3.389   1.00 21.58  ? 22  LEU A C   1 
ATOM   135  O O   . LEU A 1 22  ? 2.270   -16.761 3.049   1.00 21.23  ? 22  LEU A O   1 
ATOM   136  C CB  . LEU A 1 22  ? 4.647   -16.161 5.336   1.00 29.29  ? 22  LEU A CB  1 
ATOM   137  C CG  . LEU A 1 22  ? 5.796   -16.989 5.920   1.00 38.93  ? 22  LEU A CG  1 
ATOM   138  C CD1 . LEU A 1 22  ? 7.148   -16.590 5.344   1.00 41.75  ? 22  LEU A CD1 1 
ATOM   139  C CD2 . LEU A 1 22  ? 5.845   -16.904 7.445   1.00 38.44  ? 22  LEU A CD2 1 
ATOM   140  N N   . GLY A 1 23  ? 2.636   -14.625 3.410   1.00 22.59  ? 23  GLY A N   1 
ATOM   141  C CA  . GLY A 1 23  ? 1.286   -14.401 2.934   1.00 19.57  ? 23  GLY A CA  1 
ATOM   142  C C   . GLY A 1 23  ? 1.145   -14.758 1.459   1.00 18.53  ? 23  GLY A C   1 
ATOM   143  O O   . GLY A 1 23  ? 0.121   -15.254 1.038   1.00 22.72  ? 23  GLY A O   1 
ATOM   144  N N   . THR A 1 24  ? 2.193   -14.506 0.669   1.00 23.37  ? 24  THR A N   1 
ATOM   145  C CA  . THR A 1 24  ? 2.117   -14.800 -0.770  1.00 22.31  ? 24  THR A CA  1 
ATOM   146  C C   . THR A 1 24  ? 1.963   -16.292 -0.971  1.00 20.00  ? 24  THR A C   1 
ATOM   147  O O   . THR A 1 24  ? 1.143   -16.797 -1.685  1.00 22.32  ? 24  THR A O   1 
ATOM   148  C CB  . THR A 1 24  ? 3.400   -14.360 -1.487  1.00 21.13  ? 24  THR A CB  1 
ATOM   149  O OG1 . THR A 1 24  ? 3.544   -12.918 -1.352  1.00 24.04  ? 24  THR A OG1 1 
ATOM   150  C CG2 . THR A 1 24  ? 3.376   -14.653 -2.975  1.00 26.68  ? 24  THR A CG2 1 
ATOM   151  N N   . LEU A 1 25  ? 2.814   -17.036 -0.264  1.00 25.55  ? 25  LEU A N   1 
ATOM   152  C CA  . LEU A 1 25  ? 2.656   -18.493 -0.443  1.00 28.01  ? 25  LEU A CA  1 
ATOM   153  C C   . LEU A 1 25  ? 1.336   -18.988 0.113   1.00 26.13  ? 25  LEU A C   1 
ATOM   154  O O   . LEU A 1 25  ? 0.717   -19.839 -0.540  1.00 27.20  ? 25  LEU A O   1 
ATOM   155  C CB  . LEU A 1 25  ? 3.821   -19.209 0.227   1.00 21.07  ? 25  LEU A CB  1 
ATOM   156  C CG  . LEU A 1 25  ? 5.206   -18.843 -0.314  1.00 24.19  ? 25  LEU A CG  1 
ATOM   157  C CD1 . LEU A 1 25  ? 6.285   -19.287 0.643   1.00 47.94  ? 25  LEU A CD1 1 
ATOM   158  C CD2 . LEU A 1 25  ? 5.368   -19.468 -1.698  1.00 37.78  ? 25  LEU A CD2 1 
ATOM   159  N N   . TYR A 1 26  ? 0.863   -18.472 1.245   1.00 23.17  ? 26  TYR A N   1 
ATOM   160  C CA  . TYR A 1 26  ? -0.479  -18.861 1.716   1.00 24.45  ? 26  TYR A CA  1 
ATOM   161  C C   . TYR A 1 26  ? -1.543  -18.618 0.665   1.00 25.11  ? 26  TYR A C   1 
ATOM   162  O O   . TYR A 1 26  ? -2.367  -19.447 0.271   1.00 24.68  ? 26  TYR A O   1 
ATOM   163  C CB  . TYR A 1 26  ? -0.844  -18.135 3.041   1.00 20.16  ? 26  TYR A CB  1 
ATOM   164  C CG  . TYR A 1 26  ? -2.220  -18.600 3.498   1.00 27.14  ? 26  TYR A CG  1 
ATOM   165  C CD1 . TYR A 1 26  ? -2.483  -19.915 3.875   1.00 38.48  ? 26  TYR A CD1 1 
ATOM   166  C CD2 . TYR A 1 26  ? -3.297  -17.735 3.548   1.00 31.13  ? 26  TYR A CD2 1 
ATOM   167  C CE1 . TYR A 1 26  ? -3.732  -20.353 4.289   1.00 40.24  ? 26  TYR A CE1 1 
ATOM   168  C CE2 . TYR A 1 26  ? -4.548  -18.147 3.950   1.00 36.07  ? 26  TYR A CE2 1 
ATOM   169  C CZ  . TYR A 1 26  ? -4.779  -19.452 4.323   1.00 43.68  ? 26  TYR A CZ  1 
ATOM   170  O OH  . TYR A 1 26  ? -6.054  -19.799 4.717   1.00 43.20  ? 26  TYR A OH  1 
ATOM   171  N N   . PHE A 1 27  ? -1.561  -17.391 0.078   1.00 23.55  ? 27  PHE A N   1 
ATOM   172  C CA  . PHE A 1 27  ? -2.673  -17.097 -0.817  1.00 19.38  ? 27  PHE A CA  1 
ATOM   173  C C   . PHE A 1 27  ? -2.558  -17.888 -2.121  1.00 18.18  ? 27  PHE A C   1 
ATOM   174  O O   . PHE A 1 27  ? -3.549  -18.225 -2.752  1.00 24.55  ? 27  PHE A O   1 
ATOM   175  C CB  . PHE A 1 27  ? -2.714  -15.607 -1.200  1.00 23.57  ? 27  PHE A CB  1 
ATOM   176  C CG  . PHE A 1 27  ? -3.012  -14.629 -0.080  1.00 25.10  ? 27  PHE A CG  1 
ATOM   177  C CD1 . PHE A 1 27  ? -3.824  -14.970 0.988   1.00 23.48  ? 27  PHE A CD1 1 
ATOM   178  C CD2 . PHE A 1 27  ? -2.472  -13.335 -0.111  1.00 26.79  ? 27  PHE A CD2 1 
ATOM   179  C CE1 . PHE A 1 27  ? -4.106  -14.074 2.004   1.00 39.54  ? 27  PHE A CE1 1 
ATOM   180  C CE2 . PHE A 1 27  ? -2.741  -12.440 0.910   1.00 30.28  ? 27  PHE A CE2 1 
ATOM   181  C CZ  . PHE A 1 27  ? -3.547  -12.802 1.982   1.00 35.14  ? 27  PHE A CZ  1 
ATOM   182  N N   . LEU A 1 28  ? -1.310  -18.137 -2.506  1.00 25.30  ? 28  LEU A N   1 
ATOM   183  C CA  . LEU A 1 28  ? -1.092  -18.950 -3.715  1.00 29.70  ? 28  LEU A CA  1 
ATOM   184  C C   . LEU A 1 28  ? -1.645  -20.364 -3.541  1.00 26.81  ? 28  LEU A C   1 
ATOM   185  O O   . LEU A 1 28  ? -2.348  -20.943 -4.348  1.00 32.42  ? 28  LEU A O   1 
ATOM   186  C CB  . LEU A 1 28  ? 0.402   -19.046 -3.990  1.00 26.82  ? 28  LEU A CB  1 
ATOM   187  C CG  . LEU A 1 28  ? 1.016   -18.200 -5.094  1.00 49.77  ? 28  LEU A CG  1 
ATOM   188  C CD1 . LEU A 1 28  ? 2.542   -18.335 -5.065  1.00 39.45  ? 28  LEU A CD1 1 
ATOM   189  C CD2 . LEU A 1 28  ? 0.453   -18.558 -6.464  1.00 41.67  ? 28  LEU A CD2 1 
ATOM   190  N N   . VAL A 1 29  ? -1.281  -20.982 -2.421  1.00 27.37  ? 29  VAL A N   1 
ATOM   191  C CA  . VAL A 1 29  ? -1.851  -22.295 -2.099  1.00 31.92  ? 29  VAL A CA  1 
ATOM   192  C C   . VAL A 1 29  ? -3.377  -22.203 -2.071  1.00 39.99  ? 29  VAL A C   1 
ATOM   193  O O   . VAL A 1 29  ? -4.039  -22.937 -2.812  1.00 35.71  ? 29  VAL A O   1 
ATOM   194  C CB  . VAL A 1 29  ? -1.398  -22.866 -0.744  1.00 27.59  ? 29  VAL A CB  1 
ATOM   195  C CG1 . VAL A 1 29  ? -1.866  -24.307 -0.581  1.00 44.05  ? 29  VAL A CG1 1 
ATOM   196  C CG2 . VAL A 1 29  ? 0.117   -22.771 -0.578  1.00 41.89  ? 29  VAL A CG2 1 
ATOM   197  N N   . LYS A 1 30  ? -3.896  -21.312 -1.221  1.00 27.34  ? 30  LYS A N   1 
ATOM   198  C CA  . LYS A 1 30  ? -5.336  -21.182 -1.083  1.00 24.83  ? 30  LYS A CA  1 
ATOM   199  C C   . LYS A 1 30  ? -6.070  -21.073 -2.399  1.00 31.20  ? 30  LYS A C   1 
ATOM   200  O O   . LYS A 1 30  ? -7.128  -21.668 -2.627  1.00 35.60  ? 30  LYS A O   1 
ATOM   201  C CB  . LYS A 1 30  ? -5.628  -19.947 -0.204  1.00 28.48  ? 30  LYS A CB  1 
ATOM   202  C CG  . LYS A 1 30  ? -7.013  -20.002 0.424   1.00 36.04  ? 30  LYS A CG  1 
ATOM   203  C CD  . LYS A 1 30  ? -7.134  -18.957 1.524   1.00 32.97  ? 30  LYS A CD  1 
ATOM   204  C CE  . LYS A 1 30  ? -8.533  -18.987 2.121   1.00 33.53  ? 30  LYS A CE  1 
ATOM   205  N NZ  . LYS A 1 30  ? -9.551  -18.942 1.033   1.00 34.59  ? 30  LYS A NZ  1 
ATOM   206  N N   . GLY A 1 31  ? -5.525  -20.292 -3.345  1.00 36.31  ? 31  GLY A N   1 
ATOM   207  C CA  . GLY A 1 31  ? -6.301  -20.071 -4.583  1.00 29.07  ? 31  GLY A CA  1 
ATOM   208  C C   . GLY A 1 31  ? -6.159  -21.290 -5.493  1.00 33.71  ? 31  GLY A C   1 
ATOM   209  O O   . GLY A 1 31  ? -6.745  -21.287 -6.571  1.00 34.27  ? 31  GLY A O   1 
ATOM   210  N N   . MET A 1 32  ? -5.373  -22.274 -5.050  1.00 34.69  ? 32  MET A N   1 
ATOM   211  C CA  . MET A 1 32  ? -5.299  -23.527 -5.795  1.00 44.65  ? 32  MET A CA  1 
ATOM   212  C C   . MET A 1 32  ? -6.675  -24.166 -5.790  1.00 38.72  ? 32  MET A C   1 
ATOM   213  O O   . MET A 1 32  ? -7.366  -24.280 -4.782  1.00 44.87  ? 32  MET A O   1 
ATOM   214  C CB  . MET A 1 32  ? -4.330  -24.525 -5.200  1.00 44.22  ? 32  MET A CB  1 
ATOM   215  C CG  . MET A 1 32  ? -2.878  -24.137 -5.055  1.00 52.71  ? 32  MET A CG  1 
ATOM   216  S SD  . MET A 1 32  ? -1.903  -25.635 -4.748  1.00 66.93  ? 32  MET A SD  1 
ATOM   217  C CE  . MET A 1 32  ? -1.888  -26.296 -6.417  1.00 45.51  ? 32  MET A CE  1 
ATOM   218  N N   . GLY A 1 33  ? -7.142  -24.604 -6.955  1.00 48.41  ? 33  GLY A N   1 
ATOM   219  C CA  . GLY A 1 33  ? -8.498  -25.150 -6.922  1.00 45.37  ? 33  GLY A CA  1 
ATOM   220  C C   . GLY A 1 33  ? -9.425  -24.280 -7.753  1.00 45.44  ? 33  GLY A C   1 
ATOM   221  O O   . GLY A 1 33  ? -10.167 -24.834 -8.569  1.00 50.58  ? 33  GLY A O   1 
ATOM   222  N N   . VAL A 1 34  ? -9.350  -22.972 -7.529  1.00 42.85  ? 34  VAL A N   1 
ATOM   223  C CA  . VAL A 1 34  ? -10.404 -22.046 -7.949  1.00 47.20  ? 34  VAL A CA  1 
ATOM   224  C C   . VAL A 1 34  ? -10.638 -21.975 -9.456  1.00 41.07  ? 34  VAL A C   1 
ATOM   225  O O   . VAL A 1 34  ? -9.807  -21.744 -10.327 1.00 38.01  ? 34  VAL A O   1 
ATOM   226  C CB  . VAL A 1 34  ? -10.156 -20.635 -7.380  1.00 42.62  ? 34  VAL A CB  1 
ATOM   227  C CG1 . VAL A 1 34  ? -11.395 -19.762 -7.492  1.00 49.87  ? 34  VAL A CG1 1 
ATOM   228  C CG2 . VAL A 1 34  ? -9.746  -20.714 -5.920  1.00 41.68  ? 34  VAL A CG2 1 
ATOM   229  N N   . SER A 1 35  ? -11.916 -22.183 -9.790  1.00 31.47  ? 35  SER A N   1 
ATOM   230  C CA  . SER A 1 35  ? -12.388 -22.186 -11.160 1.00 32.53  ? 35  SER A CA  1 
ATOM   231  C C   . SER A 1 35  ? -13.347 -21.052 -11.482 1.00 41.58  ? 35  SER A C   1 
ATOM   232  O O   . SER A 1 35  ? -13.436 -20.650 -12.656 1.00 45.07  ? 35  SER A O   1 
ATOM   233  C CB  . SER A 1 35  ? -13.091 -23.532 -11.442 1.00 35.82  ? 35  SER A CB  1 
ATOM   234  O OG  . SER A 1 35  ? -14.477 -23.356 -11.164 1.00 50.50  ? 35  SER A OG  1 
ATOM   235  N N   . ASP A 1 36  ? -14.052 -20.526 -10.479 1.00 36.21  ? 36  ASP A N   1 
ATOM   236  C CA  . ASP A 1 36  ? -14.932 -19.377 -10.740 1.00 39.11  ? 36  ASP A CA  1 
ATOM   237  C C   . ASP A 1 36  ? -14.077 -18.222 -11.261 1.00 31.65  ? 36  ASP A C   1 
ATOM   238  O O   . ASP A 1 36  ? -13.180 -17.786 -10.547 1.00 34.79  ? 36  ASP A O   1 
ATOM   239  C CB  . ASP A 1 36  ? -15.709 -18.887 -9.520  1.00 38.81  ? 36  ASP A CB  1 
ATOM   240  C CG  . ASP A 1 36  ? -16.635 -17.718 -9.826  1.00 48.08  ? 36  ASP A CG  1 
ATOM   241  O OD1 . ASP A 1 36  ? -17.679 -17.860 -10.503 1.00 42.73  ? 36  ASP A OD1 1 
ATOM   242  O OD2 . ASP A 1 36  ? -16.323 -16.595 -9.378  1.00 36.24  ? 36  ASP A OD2 1 
ATOM   243  N N   . PRO A 1 37  ? -14.356 -17.791 -12.476 1.00 35.30  ? 37  PRO A N   1 
ATOM   244  C CA  . PRO A 1 37  ? -13.528 -16.746 -13.083 1.00 41.62  ? 37  PRO A CA  1 
ATOM   245  C C   . PRO A 1 37  ? -13.464 -15.500 -12.207 1.00 42.26  ? 37  PRO A C   1 
ATOM   246  O O   . PRO A 1 37  ? -12.431 -14.838 -12.170 1.00 36.81  ? 37  PRO A O   1 
ATOM   247  C CB  . PRO A 1 37  ? -14.241 -16.426 -14.393 1.00 37.81  ? 37  PRO A CB  1 
ATOM   248  C CG  . PRO A 1 37  ? -15.053 -17.648 -14.677 1.00 46.44  ? 37  PRO A CG  1 
ATOM   249  C CD  . PRO A 1 37  ? -15.439 -18.246 -13.356 1.00 40.53  ? 37  PRO A CD  1 
ATOM   250  N N   . ASP A 1 38  ? -14.563 -15.193 -11.526 1.00 36.39  ? 38  ASP A N   1 
ATOM   251  C CA  . ASP A 1 38  ? -14.621 -13.998 -10.682 1.00 37.78  ? 38  ASP A CA  1 
ATOM   252  C C   . ASP A 1 38  ? -13.669 -14.106 -9.497  1.00 36.49  ? 38  ASP A C   1 
ATOM   253  O O   . ASP A 1 38  ? -12.901 -13.192 -9.212  1.00 29.68  ? 38  ASP A O   1 
ATOM   254  C CB  . ASP A 1 38  ? -16.068 -13.773 -10.222 1.00 35.69  ? 38  ASP A CB  1 
ATOM   255  C CG  . ASP A 1 38  ? -16.804 -12.907 -11.244 1.00 45.44  ? 38  ASP A CG  1 
ATOM   256  O OD1 . ASP A 1 38  ? -17.034 -13.414 -12.361 1.00 70.85  ? 38  ASP A OD1 1 
ATOM   257  O OD2 . ASP A 1 38  ? -17.127 -11.747 -10.926 1.00 55.65  ? 38  ASP A OD2 1 
ATOM   258  N N   . ALA A 1 39  ? -13.748 -15.260 -8.823  1.00 33.62  ? 39  ALA A N   1 
ATOM   259  C CA  . ALA A 1 39  ? -12.869 -15.551 -7.709  1.00 30.16  ? 39  ALA A CA  1 
ATOM   260  C C   . ALA A 1 39  ? -11.436 -15.545 -8.215  1.00 30.29  ? 39  ALA A C   1 
ATOM   261  O O   . ALA A 1 39  ? -10.550 -15.072 -7.510  1.00 32.38  ? 39  ALA A O   1 
ATOM   262  C CB  . ALA A 1 39  ? -13.238 -16.889 -7.080  1.00 28.44  ? 39  ALA A CB  1 
ATOM   263  N N   . LYS A 1 40  ? -11.259 -16.078 -9.430  1.00 27.73  ? 40  LYS A N   1 
ATOM   264  C CA  . LYS A 1 40  ? -9.898  -16.119 -9.956  1.00 31.94  ? 40  LYS A CA  1 
ATOM   265  C C   . LYS A 1 40  ? -9.302  -14.711 -9.983  1.00 33.54  ? 40  LYS A C   1 
ATOM   266  O O   . LYS A 1 40  ? -8.094  -14.551 -9.786  1.00 33.42  ? 40  LYS A O   1 
ATOM   267  C CB  . LYS A 1 40  ? -9.837  -16.659 -11.372 1.00 35.82  ? 40  LYS A CB  1 
ATOM   268  C CG  . LYS A 1 40  ? -9.575  -18.128 -11.603 1.00 40.88  ? 40  LYS A CG  1 
ATOM   269  C CD  . LYS A 1 40  ? -10.045 -18.506 -13.003 1.00 39.29  ? 40  LYS A CD  1 
ATOM   270  C CE  . LYS A 1 40  ? -9.351  -19.744 -13.549 1.00 54.66  ? 40  LYS A CE  1 
ATOM   271  N NZ  . LYS A 1 40  ? -9.978  -20.159 -14.847 1.00 45.41  ? 40  LYS A NZ  1 
ATOM   272  N N   . LYS A 1 41  ? -10.157 -13.739 -10.256 1.00 31.96  ? 41  LYS A N   1 
ATOM   273  C CA  . LYS A 1 41  ? -9.723  -12.346 -10.373 1.00 31.69  ? 41  LYS A CA  1 
ATOM   274  C C   . LYS A 1 41  ? -9.180  -11.815 -9.060  1.00 22.31  ? 41  LYS A C   1 
ATOM   275  O O   . LYS A 1 41  ? -8.109  -11.226 -8.951  1.00 25.95  ? 41  LYS A O   1 
ATOM   276  C CB  . LYS A 1 41  ? -10.876 -11.425 -10.784 1.00 36.99  ? 41  LYS A CB  1 
ATOM   277  C CG  . LYS A 1 41  ? -11.267 -11.484 -12.253 1.00 43.37  ? 41  LYS A CG  1 
ATOM   278  C CD  . LYS A 1 41  ? -12.248 -10.367 -12.590 1.00 47.99  ? 41  LYS A CD  1 
ATOM   279  C CE  . LYS A 1 41  ? -13.618 -10.898 -12.980 1.00 49.78  ? 41  LYS A CE  1 
ATOM   280  N NZ  . LYS A 1 41  ? -14.620 -9.790  -13.092 1.00 49.66  ? 41  LYS A NZ  1 
ATOM   281  N N   . PHE A 1 42  ? -10.011 -12.022 -8.032  1.00 24.32  ? 42  PHE A N   1 
ATOM   282  C CA  . PHE A 1 42  ? -9.597  -11.600 -6.700  1.00 25.47  ? 42  PHE A CA  1 
ATOM   283  C C   . PHE A 1 42  ? -8.383  -12.336 -6.205  1.00 20.24  ? 42  PHE A C   1 
ATOM   284  O O   . PHE A 1 42  ? -7.543  -11.756 -5.510  1.00 22.79  ? 42  PHE A O   1 
ATOM   285  C CB  . PHE A 1 42  ? -10.743 -11.851 -5.705  1.00 29.38  ? 42  PHE A CB  1 
ATOM   286  C CG  . PHE A 1 42  ? -11.933 -10.935 -5.940  1.00 27.91  ? 42  PHE A CG  1 
ATOM   287  C CD1 . PHE A 1 42  ? -11.809 -9.578  -5.671  1.00 26.77  ? 42  PHE A CD1 1 
ATOM   288  C CD2 . PHE A 1 42  ? -13.133 -11.415 -6.402  1.00 39.19  ? 42  PHE A CD2 1 
ATOM   289  C CE1 . PHE A 1 42  ? -12.909 -8.771  -5.884  1.00 25.48  ? 42  PHE A CE1 1 
ATOM   290  C CE2 . PHE A 1 42  ? -14.231 -10.595 -6.606  1.00 39.96  ? 42  PHE A CE2 1 
ATOM   291  C CZ  . PHE A 1 42  ? -14.120 -9.241  -6.329  1.00 30.21  ? 42  PHE A CZ  1 
ATOM   292  N N   . TYR A 1 43  ? -8.253  -13.635 -6.544  1.00 23.35  ? 43  TYR A N   1 
ATOM   293  C CA  . TYR A 1 43  ? -7.031  -14.316 -6.098  1.00 24.81  ? 43  TYR A CA  1 
ATOM   294  C C   . TYR A 1 43  ? -5.761  -13.791 -6.777  1.00 18.87  ? 43  TYR A C   1 
ATOM   295  O O   . TYR A 1 43  ? -4.709  -13.619 -6.179  1.00 22.02  ? 43  TYR A O   1 
ATOM   296  C CB  . TYR A 1 43  ? -7.063  -15.845 -6.330  1.00 28.19  ? 43  TYR A CB  1 
ATOM   297  C CG  . TYR A 1 43  ? -7.707  -16.546 -5.141  1.00 25.93  ? 43  TYR A CG  1 
ATOM   298  C CD1 . TYR A 1 43  ? -6.953  -16.819 -4.005  1.00 23.49  ? 43  TYR A CD1 1 
ATOM   299  C CD2 . TYR A 1 43  ? -9.048  -16.899 -5.207  1.00 29.56  ? 43  TYR A CD2 1 
ATOM   300  C CE1 . TYR A 1 43  ? -7.547  -17.448 -2.943  1.00 25.07  ? 43  TYR A CE1 1 
ATOM   301  C CE2 . TYR A 1 43  ? -9.656  -17.534 -4.134  1.00 37.47  ? 43  TYR A CE2 1 
ATOM   302  C CZ  . TYR A 1 43  ? -8.878  -17.793 -3.033  1.00 25.70  ? 43  TYR A CZ  1 
ATOM   303  O OH  . TYR A 1 43  ? -9.444  -18.416 -1.943  1.00 39.60  ? 43  TYR A OH  1 
ATOM   304  N N   . ALA A 1 44  ? -5.874  -13.510 -8.075  1.00 28.52  ? 44  ALA A N   1 
ATOM   305  C CA  . ALA A 1 44  ? -4.688  -13.020 -8.789  1.00 22.93  ? 44  ALA A CA  1 
ATOM   306  C C   . ALA A 1 44  ? -4.269  -11.680 -8.188  1.00 17.37  ? 44  ALA A C   1 
ATOM   307  O O   . ALA A 1 44  ? -3.113  -11.496 -7.863  1.00 21.11  ? 44  ALA A O   1 
ATOM   308  C CB  . ALA A 1 44  ? -5.018  -12.882 -10.266 1.00 21.50  ? 44  ALA A CB  1 
ATOM   309  N N   . ILE A 1 45  ? -5.220  -10.756 -8.112  1.00 24.06  ? 45  ILE A N   1 
ATOM   310  C CA  . ILE A 1 45  ? -4.869  -9.427  -7.611  1.00 22.87  ? 45  ILE A CA  1 
ATOM   311  C C   . ILE A 1 45  ? -4.256  -9.537  -6.236  1.00 19.96  ? 45  ILE A C   1 
ATOM   312  O O   . ILE A 1 45  ? -3.231  -8.980  -5.895  1.00 22.77  ? 45  ILE A O   1 
ATOM   313  C CB  . ILE A 1 45  ? -6.122  -8.511  -7.554  1.00 22.00  ? 45  ILE A CB  1 
ATOM   314  C CG1 . ILE A 1 45  ? -6.763  -8.289  -8.916  1.00 24.40  ? 45  ILE A CG1 1 
ATOM   315  C CG2 . ILE A 1 45  ? -5.763  -7.199  -6.871  1.00 31.47  ? 45  ILE A CG2 1 
ATOM   316  C CD1 . ILE A 1 45  ? -8.118  -7.632  -8.886  1.00 26.55  ? 45  ILE A CD1 1 
ATOM   317  N N   . THR A 1 46  ? -4.947  -10.333 -5.389  1.00 24.09  ? 46  THR A N   1 
ATOM   318  C CA  . THR A 1 46  ? -4.648  -10.348 -3.961  1.00 18.86  ? 46  THR A CA  1 
ATOM   319  C C   . THR A 1 46  ? -3.360  -11.067 -3.576  1.00 21.82  ? 46  THR A C   1 
ATOM   320  O O   . THR A 1 46  ? -2.742  -10.838 -2.535  1.00 22.47  ? 46  THR A O   1 
ATOM   321  C CB  . THR A 1 46  ? -5.835  -10.940 -3.176  1.00 23.81  ? 46  THR A CB  1 
ATOM   322  O OG1 . THR A 1 46  ? -7.012  -10.177 -3.499  1.00 26.44  ? 46  THR A OG1 1 
ATOM   323  C CG2 . THR A 1 46  ? -5.602  -10.789 -1.686  1.00 26.17  ? 46  THR A CG2 1 
ATOM   324  N N   . THR A 1 47  ? -2.929  -11.995 -4.438  1.00 21.13  ? 47  THR A N   1 
ATOM   325  C CA  . THR A 1 47  ? -1.687  -12.741 -4.286  1.00 19.87  ? 47  THR A CA  1 
ATOM   326  C C   . THR A 1 47  ? -0.538  -11.901 -4.825  1.00 19.54  ? 47  THR A C   1 
ATOM   327  O O   . THR A 1 47  ? 0.549   -11.777 -4.292  1.00 21.67  ? 47  THR A O   1 
ATOM   328  C CB  . THR A 1 47  ? -1.764  -14.099 -5.006  1.00 20.72  ? 47  THR A CB  1 
ATOM   329  O OG1 . THR A 1 47  ? -2.842  -14.821 -4.381  1.00 25.06  ? 47  THR A OG1 1 
ATOM   330  C CG2 . THR A 1 47  ? -0.485  -14.903 -4.878  1.00 22.35  ? 47  THR A CG2 1 
ATOM   331  N N   . LEU A 1 48  ? -0.823  -11.221 -5.958  1.00 18.33  ? 48  LEU A N   1 
ATOM   332  C CA  . LEU A 1 48  ? 0.253   -10.359 -6.473  1.00 18.55  ? 48  LEU A CA  1 
ATOM   333  C C   . LEU A 1 48  ? 0.701   -9.258  -5.553  1.00 16.98  ? 48  LEU A C   1 
ATOM   334  O O   . LEU A 1 48  ? 1.871   -8.900  -5.478  1.00 21.89  ? 48  LEU A O   1 
ATOM   335  C CB  . LEU A 1 48  ? -0.253  -9.724  -7.794  1.00 24.75  ? 48  LEU A CB  1 
ATOM   336  C CG  . LEU A 1 48  ? -0.098  -10.648 -9.011  1.00 29.13  ? 48  LEU A CG  1 
ATOM   337  C CD1 . LEU A 1 48  ? -0.967  -10.155 -10.146 1.00 47.36  ? 48  LEU A CD1 1 
ATOM   338  C CD2 . LEU A 1 48  ? 1.385   -10.725 -9.387  1.00 24.60  ? 48  LEU A CD2 1 
ATOM   339  N N   . VAL A 1 49  ? -0.267  -8.703  -4.785  1.00 23.34  ? 49  VAL A N   1 
ATOM   340  C CA  . VAL A 1 49  ? 0.092   -7.597  -3.879  1.00 19.81  ? 49  VAL A CA  1 
ATOM   341  C C   . VAL A 1 49  ? 1.176   -7.946  -2.911  1.00 16.08  ? 49  VAL A C   1 
ATOM   342  O O   . VAL A 1 49  ? 2.230   -7.307  -2.820  1.00 17.74  ? 49  VAL A O   1 
ATOM   343  C CB  . VAL A 1 49  ? -1.168  -7.083  -3.130  1.00 20.23  ? 49  VAL A CB  1 
ATOM   344  C CG1 . VAL A 1 49  ? -0.847  -6.247  -1.899  1.00 17.77  ? 49  VAL A CG1 1 
ATOM   345  C CG2 . VAL A 1 49  ? -2.018  -6.341  -4.155  1.00 21.59  ? 49  VAL A CG2 1 
ATOM   346  N N   . PRO A 1 50  ? 1.097   -8.969  -2.037  1.00 18.12  ? 50  PRO A N   1 
ATOM   347  C CA  . PRO A 1 50  ? 2.248   -9.204  -1.208  1.00 16.65  ? 50  PRO A CA  1 
ATOM   348  C C   . PRO A 1 50  ? 3.424   -9.869  -1.930  1.00 14.27  ? 50  PRO A C   1 
ATOM   349  O O   . PRO A 1 50  ? 4.527   -9.862  -1.442  1.00 18.39  ? 50  PRO A O   1 
ATOM   350  C CB  . PRO A 1 50  ? 1.703   -10.270 -0.215  1.00 19.38  ? 50  PRO A CB  1 
ATOM   351  C CG  . PRO A 1 50  ? 0.668   -10.983 -1.015  1.00 18.40  ? 50  PRO A CG  1 
ATOM   352  C CD  . PRO A 1 50  ? -0.049  -9.887  -1.816  1.00 21.53  ? 50  PRO A CD  1 
ATOM   353  N N   . ALA A 1 51  ? 3.209   -10.415 -3.127  1.00 18.28  ? 51  ALA A N   1 
ATOM   354  C CA  . ALA A 1 51  ? 4.438   -10.914 -3.830  1.00 16.77  ? 51  ALA A CA  1 
ATOM   355  C C   . ALA A 1 51  ? 5.339   -9.773  -4.262  1.00 17.82  ? 51  ALA A C   1 
ATOM   356  O O   . ALA A 1 51  ? 6.568   -9.761  -4.131  1.00 19.08  ? 51  ALA A O   1 
ATOM   357  C CB  . ALA A 1 51  ? 4.000   -11.725 -5.041  1.00 19.60  ? 51  ALA A CB  1 
ATOM   358  N N   . ILE A 1 52  ? 4.658   -8.718  -4.772  1.00 20.43  ? 52  ILE A N   1 
ATOM   359  C CA  . ILE A 1 52  ? 5.427   -7.492  -5.084  1.00 17.51  ? 52  ILE A CA  1 
ATOM   360  C C   . ILE A 1 52  ? 6.060   -6.872  -3.869  1.00 13.69  ? 52  ILE A C   1 
ATOM   361  O O   . ILE A 1 52  ? 7.211   -6.505  -3.804  1.00 16.00  ? 52  ILE A O   1 
ATOM   362  C CB  . ILE A 1 52  ? 4.525   -6.463  -5.807  1.00 21.44  ? 52  ILE A CB  1 
ATOM   363  C CG1 . ILE A 1 52  ? 4.107   -6.953  -7.184  1.00 19.04  ? 52  ILE A CG1 1 
ATOM   364  C CG2 . ILE A 1 52  ? 5.226   -5.110  -5.889  1.00 21.53  ? 52  ILE A CG2 1 
ATOM   365  C CD1 . ILE A 1 52  ? 2.819   -6.370  -7.757  1.00 20.65  ? 52  ILE A CD1 1 
ATOM   366  N N   . ALA A 1 53  ? 5.277   -6.784  -2.772  1.00 19.87  ? 53  ALA A N   1 
ATOM   367  C CA  . ALA A 1 53  ? 5.809   -6.225  -1.537  1.00 18.43  ? 53  ALA A CA  1 
ATOM   368  C C   . ALA A 1 53  ? 6.974   -7.007  -0.966  1.00 13.62  ? 53  ALA A C   1 
ATOM   369  O O   . ALA A 1 53  ? 7.948   -6.484  -0.472  1.00 17.96  ? 53  ALA A O   1 
ATOM   370  C CB  . ALA A 1 53  ? 4.645   -6.071  -0.526  1.00 17.67  ? 53  ALA A CB  1 
ATOM   371  N N   . PHE A 1 54  ? 6.901   -8.371  -1.077  1.00 17.06  ? 54  PHE A N   1 
ATOM   372  C CA  . PHE A 1 54  ? 8.034   -9.221  -0.750  1.00 18.24  ? 54  PHE A CA  1 
ATOM   373  C C   . PHE A 1 54  ? 9.321   -8.791  -1.457  1.00 15.42  ? 54  PHE A C   1 
ATOM   374  O O   . PHE A 1 54  ? 10.365  -8.660  -0.861  1.00 15.58  ? 54  PHE A O   1 
ATOM   375  C CB  . PHE A 1 54  ? 7.722   -10.680 -1.127  1.00 15.99  ? 54  PHE A CB  1 
ATOM   376  C CG  . PHE A 1 54  ? 8.946   -11.583 -1.155  1.00 23.39  ? 54  PHE A CG  1 
ATOM   377  C CD1 . PHE A 1 54  ? 9.531   -12.019 0.019   1.00 27.95  ? 54  PHE A CD1 1 
ATOM   378  C CD2 . PHE A 1 54  ? 9.471   -11.969 -2.389  1.00 20.91  ? 54  PHE A CD2 1 
ATOM   379  C CE1 . PHE A 1 54  ? 10.678  -12.816 -0.010  1.00 27.37  ? 54  PHE A CE1 1 
ATOM   380  C CE2 . PHE A 1 54  ? 10.619  -12.727 -2.415  1.00 21.32  ? 54  PHE A CE2 1 
ATOM   381  C CZ  . PHE A 1 54  ? 11.233  -13.155 -1.234  1.00 22.95  ? 54  PHE A CZ  1 
ATOM   382  N N   . THR A 1 55  ? 9.173   -8.605  -2.806  1.00 17.28  ? 55  THR A N   1 
ATOM   383  C CA  . THR A 1 55  ? 10.415  -8.243  -3.503  1.00 15.86  ? 55  THR A CA  1 
ATOM   384  C C   . THR A 1 55  ? 10.952  -6.898  -3.082  1.00 13.94  ? 55  THR A C   1 
ATOM   385  O O   . THR A 1 55  ? 12.158  -6.727  -3.014  1.00 17.93  ? 55  THR A O   1 
ATOM   386  C CB  . THR A 1 55  ? 10.247  -8.221  -5.041  1.00 18.09  ? 55  THR A CB  1 
ATOM   387  O OG1 . THR A 1 55  ? 9.358   -7.185  -5.454  1.00 21.88  ? 55  THR A OG1 1 
ATOM   388  C CG2 . THR A 1 55  ? 9.611   -9.509  -5.531  1.00 16.30  ? 55  THR A CG2 1 
ATOM   389  N N   . MET A 1 56  ? 10.063  -5.924  -2.769  1.00 16.22  ? 56  MET A N   1 
ATOM   390  C CA  . MET A 1 56  ? 10.612  -4.613  -2.442  1.00 16.30  ? 56  MET A CA  1 
ATOM   391  C C   . MET A 1 56  ? 11.108  -4.564  -1.000  1.00 17.23  ? 56  MET A C   1 
ATOM   392  O O   . MET A 1 56  ? 12.106  -3.957  -0.690  1.00 20.72  ? 56  MET A O   1 
ATOM   393  C CB  . MET A 1 56  ? 9.579   -3.536  -2.775  1.00 19.96  ? 56  MET A CB  1 
ATOM   394  C CG  . MET A 1 56  ? 9.179   -3.428  -4.259  1.00 24.81  ? 56  MET A CG  1 
ATOM   395  S SD  . MET A 1 56  ? 10.629  -2.911  -5.232  1.00 24.44  ? 56  MET A SD  1 
ATOM   396  C CE  . MET A 1 56  ? 11.227  -4.505  -5.811  1.00 34.34  ? 56  MET A CE  1 
ATOM   397  N N   . TYR A 1 57  ? 10.401  -5.264  -0.081  1.00 18.70  ? 57  TYR A N   1 
ATOM   398  C CA  . TYR A 1 57  ? 11.006  -5.444  1.256   1.00 17.63  ? 57  TYR A CA  1 
ATOM   399  C C   . TYR A 1 57  ? 12.361  -6.102  1.179   1.00 15.94  ? 57  TYR A C   1 
ATOM   400  O O   . TYR A 1 57  ? 13.342  -5.750  1.802   1.00 20.77  ? 57  TYR A O   1 
ATOM   401  C CB  . TYR A 1 57  ? 10.076  -6.315  2.169   1.00 19.32  ? 57  TYR A CB  1 
ATOM   402  C CG  . TYR A 1 57  ? 9.203   -5.330  2.992   1.00 16.05  ? 57  TYR A CG  1 
ATOM   403  C CD1 . TYR A 1 57  ? 8.027   -4.902  2.448   1.00 19.93  ? 57  TYR A CD1 1 
ATOM   404  C CD2 . TYR A 1 57  ? 9.668   -4.914  4.235   1.00 17.56  ? 57  TYR A CD2 1 
ATOM   405  C CE1 . TYR A 1 57  ? 7.264   -4.008  3.193   1.00 20.69  ? 57  TYR A CE1 1 
ATOM   406  C CE2 . TYR A 1 57  ? 8.921   -4.002  5.009   1.00 19.53  ? 57  TYR A CE2 1 
ATOM   407  C CZ  . TYR A 1 57  ? 7.747   -3.616  4.428   1.00 18.22  ? 57  TYR A CZ  1 
ATOM   408  O OH  . TYR A 1 57  ? 6.950   -2.709  5.132   1.00 22.73  ? 57  TYR A OH  1 
ATOM   409  N N   . LEU A 1 58  ? 12.493  -7.145  0.344   1.00 17.85  ? 58  LEU A N   1 
ATOM   410  C CA  . LEU A 1 58  ? 13.821  -7.775  0.290   1.00 16.72  ? 58  LEU A CA  1 
ATOM   411  C C   . LEU A 1 58  ? 14.857  -6.821  -0.288  1.00 17.33  ? 58  LEU A C   1 
ATOM   412  O O   . LEU A 1 58  ? 16.005  -6.716  0.112   1.00 20.29  ? 58  LEU A O   1 
ATOM   413  C CB  . LEU A 1 58  ? 13.712  -9.095  -0.479  1.00 20.16  ? 58  LEU A CB  1 
ATOM   414  C CG  . LEU A 1 58  ? 15.083  -9.735  -0.802  1.00 21.25  ? 58  LEU A CG  1 
ATOM   415  C CD1 . LEU A 1 58  ? 15.668  -10.359 0.447   1.00 20.26  ? 58  LEU A CD1 1 
ATOM   416  C CD2 . LEU A 1 58  ? 14.892  -10.750 -1.923  1.00 24.82  ? 58  LEU A CD2 1 
ATOM   417  N N   . SER A 1 59  ? 14.449  -6.005  -1.284  1.00 20.46  ? 59  SER A N   1 
ATOM   418  C CA  . SER A 1 59  ? 15.419  -5.063  -1.853  1.00 16.91  ? 59  SER A CA  1 
ATOM   419  C C   . SER A 1 59  ? 15.821  -4.003  -0.851  1.00 17.60  ? 59  SER A C   1 
ATOM   420  O O   . SER A 1 59  ? 16.928  -3.496  -0.792  1.00 20.86  ? 59  SER A O   1 
ATOM   421  C CB  . SER A 1 59  ? 14.820  -4.427  -3.116  1.00 23.90  ? 59  SER A CB  1 
ATOM   422  O OG  . SER A 1 59  ? 14.042  -3.298  -2.707  1.00 29.73  ? 59  SER A OG  1 
ATOM   423  N N   . MET A 1 60  ? 14.891  -3.673  0.078   1.00 19.51  ? 60  MET A N   1 
ATOM   424  C CA  . MET A 1 60  ? 15.349  -2.752  1.141   1.00 20.19  ? 60  MET A CA  1 
ATOM   425  C C   . MET A 1 60  ? 16.310  -3.419  2.119   1.00 18.83  ? 60  MET A C   1 
ATOM   426  O O   . MET A 1 60  ? 17.339  -2.880  2.529   1.00 20.72  ? 60  MET A O   1 
ATOM   427  C CB  . MET A 1 60  ? 14.106  -2.190  1.876   1.00 19.69  ? 60  MET A CB  1 
ATOM   428  C CG  . MET A 1 60  ? 13.304  -1.262  1.017   1.00 19.10  ? 60  MET A CG  1 
ATOM   429  S SD  . MET A 1 60  ? 11.951  -0.416  1.868   1.00 22.70  ? 60  MET A SD  1 
ATOM   430  C CE  . MET A 1 60  ? 10.778  -1.691  2.098   1.00 17.98  ? 60  MET A CE  1 
ATOM   431  N N   . LEU A 1 61  ? 15.890  -4.656  2.464   1.00 19.28  ? 61  LEU A N   1 
ATOM   432  C CA  . LEU A 1 61  ? 16.732  -5.454  3.376   1.00 20.48  ? 61  LEU A CA  1 
ATOM   433  C C   . LEU A 1 61  ? 18.180  -5.590  2.934   1.00 19.70  ? 61  LEU A C   1 
ATOM   434  O O   . LEU A 1 61  ? 19.136  -5.471  3.709   1.00 21.11  ? 61  LEU A O   1 
ATOM   435  C CB  . LEU A 1 61  ? 16.085  -6.848  3.538   1.00 16.48  ? 61  LEU A CB  1 
ATOM   436  C CG  . LEU A 1 61  ? 16.887  -7.795  4.463   1.00 18.80  ? 61  LEU A CG  1 
ATOM   437  C CD1 . LEU A 1 61  ? 16.928  -7.306  5.889   1.00 27.07  ? 61  LEU A CD1 1 
ATOM   438  C CD2 . LEU A 1 61  ? 16.248  -9.172  4.408   1.00 18.75  ? 61  LEU A CD2 1 
ATOM   439  N N   . LEU A 1 62  ? 18.384  -5.873  1.646   1.00 21.82  ? 62  LEU A N   1 
ATOM   440  C CA  . LEU A 1 62  ? 19.718  -6.014  1.059   1.00 18.83  ? 62  LEU A CA  1 
ATOM   441  C C   . LEU A 1 62  ? 20.424  -4.736  0.663   1.00 25.97  ? 62  LEU A C   1 
ATOM   442  O O   . LEU A 1 62  ? 21.615  -4.724  0.280   1.00 24.12  ? 62  LEU A O   1 
ATOM   443  C CB  . LEU A 1 62  ? 19.570  -6.889  -0.208  1.00 21.48  ? 62  LEU A CB  1 
ATOM   444  C CG  . LEU A 1 62  ? 18.974  -8.271  0.054   1.00 22.39  ? 62  LEU A CG  1 
ATOM   445  C CD1 . LEU A 1 62  ? 18.997  -9.143  -1.203  1.00 22.92  ? 62  LEU A CD1 1 
ATOM   446  C CD2 . LEU A 1 62  ? 19.748  -8.856  1.218   1.00 24.11  ? 62  LEU A CD2 1 
ATOM   447  N N   . GLY A 1 63  ? 19.717  -3.598  0.762   1.00 26.73  ? 63  GLY A N   1 
ATOM   448  C CA  . GLY A 1 63  ? 20.443  -2.331  0.606   1.00 28.56  ? 63  GLY A CA  1 
ATOM   449  C C   . GLY A 1 63  ? 20.130  -1.702  -0.742  1.00 25.70  ? 63  GLY A C   1 
ATOM   450  O O   . GLY A 1 63  ? 20.449  -0.534  -0.952  1.00 27.70  ? 63  GLY A O   1 
ATOM   451  N N   . TYR A 1 64  ? 19.488  -2.446  -1.636  1.00 25.68  ? 64  TYR A N   1 
ATOM   452  C CA  . TYR A 1 64  ? 19.311  -1.963  -3.000  1.00 26.07  ? 64  TYR A CA  1 
ATOM   453  C C   . TYR A 1 64  ? 18.282  -0.835  -3.068  1.00 28.99  ? 64  TYR A C   1 
ATOM   454  O O   . TYR A 1 64  ? 18.441  0.129   -3.814  1.00 26.94  ? 64  TYR A O   1 
ATOM   455  C CB  . TYR A 1 64  ? 18.947  -3.137  -3.948  1.00 21.66  ? 64  TYR A CB  1 
ATOM   456  C CG  . TYR A 1 64  ? 18.855  -2.665  -5.397  1.00 20.94  ? 64  TYR A CG  1 
ATOM   457  C CD1 . TYR A 1 64  ? 20.001  -2.561  -6.171  1.00 28.76  ? 64  TYR A CD1 1 
ATOM   458  C CD2 . TYR A 1 64  ? 17.631  -2.324  -5.938  1.00 30.58  ? 64  TYR A CD2 1 
ATOM   459  C CE1 . TYR A 1 64  ? 19.903  -2.121  -7.488  1.00 33.56  ? 64  TYR A CE1 1 
ATOM   460  C CE2 . TYR A 1 64  ? 17.509  -1.881  -7.250  1.00 26.97  ? 64  TYR A CE2 1 
ATOM   461  C CZ  . TYR A 1 64  ? 18.668  -1.789  -8.002  1.00 34.54  ? 64  TYR A CZ  1 
ATOM   462  O OH  . TYR A 1 64  ? 18.533  -1.355  -9.303  1.00 39.19  ? 64  TYR A OH  1 
ATOM   463  N N   . GLY A 1 65  ? 17.206  -0.905  -2.301  1.00 25.76  ? 65  GLY A N   1 
ATOM   464  C CA  . GLY A 1 65  ? 16.126  0.060   -2.422  1.00 26.61  ? 65  GLY A CA  1 
ATOM   465  C C   . GLY A 1 65  ? 16.281  1.282   -1.523  1.00 26.57  ? 65  GLY A C   1 
ATOM   466  O O   . GLY A 1 65  ? 15.248  1.832   -1.133  1.00 21.96  ? 65  GLY A O   1 
ATOM   467  N N   . LEU A 1 66  ? 17.497  1.643   -1.185  1.00 28.48  ? 66  LEU A N   1 
ATOM   468  C CA  . LEU A 1 66  ? 17.860  2.753   -0.330  1.00 15.88  ? 66  LEU A CA  1 
ATOM   469  C C   . LEU A 1 66  ? 18.799  3.702   -1.043  1.00 33.95  ? 66  LEU A C   1 
ATOM   470  O O   . LEU A 1 66  ? 19.753  3.212   -1.649  1.00 31.98  ? 66  LEU A O   1 
ATOM   471  C CB  . LEU A 1 66  ? 18.540  2.217   0.938   1.00 25.75  ? 66  LEU A CB  1 
ATOM   472  C CG  . LEU A 1 66  ? 19.165  3.188   1.922   1.00 28.81  ? 66  LEU A CG  1 
ATOM   473  C CD1 . LEU A 1 66  ? 18.107  3.900   2.748   1.00 30.64  ? 66  LEU A CD1 1 
ATOM   474  C CD2 . LEU A 1 66  ? 20.151  2.459   2.837   1.00 39.00  ? 66  LEU A CD2 1 
ATOM   475  N N   . THR A 1 67  ? 18.516  4.994   -0.928  1.00 27.81  ? 67  THR A N   1 
ATOM   476  C CA  . THR A 1 67  ? 19.417  6.019   -1.468  1.00 27.80  ? 67  THR A CA  1 
ATOM   477  C C   . THR A 1 67  ? 19.544  7.179   -0.489  1.00 23.43  ? 67  THR A C   1 
ATOM   478  O O   . THR A 1 67  ? 18.614  7.345   0.311   1.00 31.96  ? 67  THR A O   1 
ATOM   479  C CB  . THR A 1 67  ? 18.894  6.523   -2.827  1.00 24.53  ? 67  THR A CB  1 
ATOM   480  O OG1 . THR A 1 67  ? 19.928  7.212   -3.540  1.00 32.69  ? 67  THR A OG1 1 
ATOM   481  C CG2 . THR A 1 67  ? 17.729  7.477   -2.654  1.00 32.15  ? 67  THR A CG2 1 
ATOM   482  N N   . MET A 1 68  ? 20.621  7.925   -0.548  1.00 27.24  ? 68  MET A N   1 
ATOM   483  C CA  . MET A 1 68  ? 20.918  9.092   0.275   1.00 34.42  ? 68  MET A CA  1 
ATOM   484  C C   . MET A 1 68  ? 20.439  10.370  -0.422  1.00 36.74  ? 68  MET A C   1 
ATOM   485  O O   . MET A 1 68  ? 20.775  10.662  -1.579  1.00 33.23  ? 68  MET A O   1 
ATOM   486  C CB  . MET A 1 68  ? 22.408  9.220   0.582   1.00 39.51  ? 68  MET A CB  1 
ATOM   487  C CG  . MET A 1 68  ? 22.949  8.001   1.316   1.00 45.07  ? 68  MET A CG  1 
ATOM   488  S SD  . MET A 1 68  ? 22.067  7.713   2.866   1.00 45.08  ? 68  MET A SD  1 
ATOM   489  C CE  . MET A 1 68  ? 22.910  8.853   3.964   1.00 157.91 ? 68  MET A CE  1 
ATOM   490  N N   . VAL A 1 69  ? 19.611  11.117  0.307   1.00 37.84  ? 69  VAL A N   1 
ATOM   491  C CA  . VAL A 1 69  ? 19.062  12.348  -0.262  1.00 31.47  ? 69  VAL A CA  1 
ATOM   492  C C   . VAL A 1 69  ? 19.513  13.528  0.589   1.00 34.02  ? 69  VAL A C   1 
ATOM   493  O O   . VAL A 1 69  ? 19.146  13.586  1.776   1.00 38.47  ? 69  VAL A O   1 
ATOM   494  C CB  . VAL A 1 69  ? 17.531  12.334  -0.333  1.00 29.13  ? 69  VAL A CB  1 
ATOM   495  C CG1 . VAL A 1 69  ? 17.026  13.642  -0.967  1.00 40.09  ? 69  VAL A CG1 1 
ATOM   496  C CG2 . VAL A 1 69  ? 16.999  11.159  -1.112  1.00 24.90  ? 69  VAL A CG2 1 
ATOM   497  N N   . PRO A 1 70  ? 20.277  14.445  0.019   1.00 30.39  ? 70  PRO A N   1 
ATOM   498  C CA  . PRO A 1 70  ? 20.786  15.569  0.818   1.00 29.70  ? 70  PRO A CA  1 
ATOM   499  C C   . PRO A 1 70  ? 19.661  16.556  1.035   1.00 40.51  ? 70  PRO A C   1 
ATOM   500  O O   . PRO A 1 70  ? 19.066  17.031  0.063   1.00 51.15  ? 70  PRO A O   1 
ATOM   501  C CB  . PRO A 1 70  ? 21.850  16.191  -0.088  1.00 34.21  ? 70  PRO A CB  1 
ATOM   502  C CG  . PRO A 1 70  ? 21.342  15.904  -1.467  1.00 27.66  ? 70  PRO A CG  1 
ATOM   503  C CD  . PRO A 1 70  ? 20.724  14.530  -1.380  1.00 26.11  ? 70  PRO A CD  1 
ATOM   504  N N   . PHE A 1 71  ? 19.349  16.857  2.286   1.00 34.13  ? 71  PHE A N   1 
ATOM   505  C CA  . PHE A 1 71  ? 18.393  17.963  2.469   1.00 34.12  ? 71  PHE A CA  1 
ATOM   506  C C   . PHE A 1 71  ? 18.571  18.407  3.908   1.00 39.36  ? 71  PHE A C   1 
ATOM   507  O O   . PHE A 1 71  ? 19.195  17.663  4.668   1.00 52.51  ? 71  PHE A O   1 
ATOM   508  C CB  . PHE A 1 71  ? 16.969  17.609  2.125   1.00 34.82  ? 71  PHE A CB  1 
ATOM   509  C CG  . PHE A 1 71  ? 16.251  16.526  2.893   1.00 38.92  ? 71  PHE A CG  1 
ATOM   510  C CD1 . PHE A 1 71  ? 15.667  16.792  4.125   1.00 45.40  ? 71  PHE A CD1 1 
ATOM   511  C CD2 . PHE A 1 71  ? 16.131  15.245  2.378   1.00 32.84  ? 71  PHE A CD2 1 
ATOM   512  C CE1 . PHE A 1 71  ? 14.993  15.815  4.831   1.00 42.05  ? 71  PHE A CE1 1 
ATOM   513  C CE2 . PHE A 1 71  ? 15.482  14.246  3.080   1.00 37.02  ? 71  PHE A CE2 1 
ATOM   514  C CZ  . PHE A 1 71  ? 14.901  14.538  4.305   1.00 37.25  ? 71  PHE A CZ  1 
ATOM   515  N N   . GLY A 1 72  ? 18.077  19.602  4.197   1.00 48.91  ? 72  GLY A N   1 
ATOM   516  C CA  . GLY A 1 72  ? 18.438  20.282  5.432   1.00 54.32  ? 72  GLY A CA  1 
ATOM   517  C C   . GLY A 1 72  ? 19.929  20.146  5.730   1.00 73.09  ? 72  GLY A C   1 
ATOM   518  O O   . GLY A 1 72  ? 20.296  19.986  6.898   1.00 86.59  ? 72  GLY A O   1 
ATOM   519  N N   . GLY A 1 73  ? 20.798  20.214  4.732   1.00 76.60  ? 73  GLY A N   1 
ATOM   520  C CA  . GLY A 1 73  ? 22.210  19.958  4.765   1.00 75.47  ? 73  GLY A CA  1 
ATOM   521  C C   . GLY A 1 73  ? 22.664  18.670  5.409   1.00 71.01  ? 73  GLY A C   1 
ATOM   522  O O   . GLY A 1 73  ? 23.622  18.675  6.189   1.00 84.30  ? 73  GLY A O   1 
ATOM   523  N N   . GLU A 1 74  ? 21.999  17.560  5.093   1.00 64.27  ? 74  GLU A N   1 
ATOM   524  C CA  . GLU A 1 74  ? 22.366  16.264  5.654   1.00 63.83  ? 74  GLU A CA  1 
ATOM   525  C C   . GLU A 1 74  ? 22.072  15.121  4.682   1.00 58.69  ? 74  GLU A C   1 
ATOM   526  O O   . GLU A 1 74  ? 21.207  15.226  3.805   1.00 65.33  ? 74  GLU A O   1 
ATOM   527  C CB  . GLU A 1 74  ? 21.641  16.036  6.977   1.00 66.06  ? 74  GLU A CB  1 
ATOM   528  C CG  . GLU A 1 74  ? 20.575  17.044  7.363   1.00 75.97  ? 74  GLU A CG  1 
ATOM   529  C CD  . GLU A 1 74  ? 20.939  17.860  8.594   1.00 83.36  ? 74  GLU A CD  1 
ATOM   530  O OE1 . GLU A 1 74  ? 21.768  18.786  8.474   1.00 97.28  ? 74  GLU A OE1 1 
ATOM   531  O OE2 . GLU A 1 74  ? 20.378  17.590  9.680   1.00 74.34  ? 74  GLU A OE2 1 
ATOM   532  N N   . GLN A 1 75  ? 22.793  14.003  4.813   1.00 48.78  ? 75  GLN A N   1 
ATOM   533  C CA  . GLN A 1 75  ? 22.493  12.857  3.952   1.00 38.47  ? 75  GLN A CA  1 
ATOM   534  C C   . GLN A 1 75  ? 21.449  11.977  4.641   1.00 44.83  ? 75  GLN A C   1 
ATOM   535  O O   . GLN A 1 75  ? 21.760  11.209  5.547   1.00 42.64  ? 75  GLN A O   1 
ATOM   536  C CB  . GLN A 1 75  ? 23.718  12.022  3.620   1.00 36.37  ? 75  GLN A CB  1 
ATOM   537  C CG  . GLN A 1 75  ? 24.797  12.694  2.782   1.00 43.24  ? 75  GLN A CG  1 
ATOM   538  C CD  . GLN A 1 75  ? 24.876  12.010  1.424   1.00 54.44  ? 75  GLN A CD  1 
ATOM   539  O OE1 . GLN A 1 75  ? 24.392  12.545  0.428   1.00 50.82  ? 75  GLN A OE1 1 
ATOM   540  N NE2 . GLN A 1 75  ? 25.469  10.818  1.410   1.00 52.28  ? 75  GLN A NE2 1 
ATOM   541  N N   . ASN A 1 76  ? 20.223  12.126  4.174   1.00 36.70  ? 76  ASN A N   1 
ATOM   542  C CA  . ASN A 1 76  ? 19.055  11.400  4.643   1.00 26.19  ? 76  ASN A CA  1 
ATOM   543  C C   . ASN A 1 76  ? 18.863  10.095  3.884   1.00 27.21  ? 76  ASN A C   1 
ATOM   544  O O   . ASN A 1 76  ? 18.752  9.999   2.670   1.00 29.80  ? 76  ASN A O   1 
ATOM   545  C CB  . ASN A 1 76  ? 17.838  12.329  4.505   1.00 29.54  ? 76  ASN A CB  1 
ATOM   546  C CG  . ASN A 1 76  ? 18.215  13.673  5.140   1.00 33.23  ? 76  ASN A CG  1 
ATOM   547  O OD1 . ASN A 1 76  ? 17.961  13.841  6.335   1.00 52.17  ? 76  ASN A OD1 1 
ATOM   548  N ND2 . ASN A 1 76  ? 18.825  14.588  4.398   1.00 28.43  ? 76  ASN A ND2 1 
ATOM   549  N N   . PRO A 1 77  ? 18.817  9.010   4.649   1.00 42.97  ? 77  PRO A N   1 
ATOM   550  C CA  . PRO A 1 77  ? 18.586  7.681   4.074   1.00 29.39  ? 77  PRO A CA  1 
ATOM   551  C C   . PRO A 1 77  ? 17.142  7.529   3.644   1.00 25.53  ? 77  PRO A C   1 
ATOM   552  O O   . PRO A 1 77  ? 16.232  7.457   4.473   1.00 36.24  ? 77  PRO A O   1 
ATOM   553  C CB  . PRO A 1 77  ? 18.898  6.758   5.259   1.00 38.24  ? 77  PRO A CB  1 
ATOM   554  C CG  . PRO A 1 77  ? 18.536  7.594   6.460   1.00 37.04  ? 77  PRO A CG  1 
ATOM   555  C CD  . PRO A 1 77  ? 18.974  8.992   6.121   1.00 51.58  ? 77  PRO A CD  1 
ATOM   556  N N   . ILE A 1 78  ? 16.890  7.505   2.335   1.00 28.31  ? 78  ILE A N   1 
ATOM   557  C CA  . ILE A 1 78  ? 15.493  7.389   1.906   1.00 27.59  ? 78  ILE A CA  1 
ATOM   558  C C   . ILE A 1 78  ? 15.267  6.032   1.265   1.00 27.27  ? 78  ILE A C   1 
ATOM   559  O O   . ILE A 1 78  ? 15.930  5.694   0.276   1.00 24.06  ? 78  ILE A O   1 
ATOM   560  C CB  . ILE A 1 78  ? 15.064  8.516   0.937   1.00 22.40  ? 78  ILE A CB  1 
ATOM   561  C CG1 . ILE A 1 78  ? 15.164  9.919   1.552   1.00 28.11  ? 78  ILE A CG1 1 
ATOM   562  C CG2 . ILE A 1 78  ? 13.669  8.283   0.410   1.00 18.55  ? 78  ILE A CG2 1 
ATOM   563  C CD1 . ILE A 1 78  ? 14.189  10.157  2.690   1.00 30.20  ? 78  ILE A CD1 1 
ATOM   564  N N   . TYR A 1 79  ? 14.335  5.259   1.787   1.00 19.79  ? 79  TYR A N   1 
ATOM   565  C CA  . TYR A 1 79  ? 13.898  4.027   1.122   1.00 23.06  ? 79  TYR A CA  1 
ATOM   566  C C   . TYR A 1 79  ? 12.941  4.269   -0.052  1.00 22.80  ? 79  TYR A C   1 
ATOM   567  O O   . TYR A 1 79  ? 11.732  4.397   0.100   1.00 23.63  ? 79  TYR A O   1 
ATOM   568  C CB  . TYR A 1 79  ? 13.243  3.072   2.128   1.00 22.29  ? 79  TYR A CB  1 
ATOM   569  C CG  . TYR A 1 79  ? 14.299  2.404   3.003   1.00 23.59  ? 79  TYR A CG  1 
ATOM   570  C CD1 . TYR A 1 79  ? 15.095  1.354   2.517   1.00 26.56  ? 79  TYR A CD1 1 
ATOM   571  C CD2 . TYR A 1 79  ? 14.503  2.794   4.303   1.00 20.71  ? 79  TYR A CD2 1 
ATOM   572  C CE1 . TYR A 1 79  ? 16.047  0.751   3.319   1.00 25.05  ? 79  TYR A CE1 1 
ATOM   573  C CE2 . TYR A 1 79  ? 15.449  2.193   5.113   1.00 24.29  ? 79  TYR A CE2 1 
ATOM   574  C CZ  . TYR A 1 79  ? 16.228  1.163   4.630   1.00 29.03  ? 79  TYR A CZ  1 
ATOM   575  O OH  . TYR A 1 79  ? 17.173  0.598   5.480   1.00 28.66  ? 79  TYR A OH  1 
ATOM   576  N N   . TRP A 1 80  ? 13.518  4.354   -1.286  1.00 22.53  ? 80  TRP A N   1 
ATOM   577  C CA  . TRP A 1 80  ? 12.697  4.666   -2.450  1.00 20.87  ? 80  TRP A CA  1 
ATOM   578  C C   . TRP A 1 80  ? 11.934  3.460   -2.920  1.00 15.38  ? 80  TRP A C   1 
ATOM   579  O O   . TRP A 1 80  ? 10.940  3.478   -3.637  1.00 17.61  ? 80  TRP A O   1 
ATOM   580  C CB  . TRP A 1 80  ? 13.568  5.222   -3.611  1.00 20.39  ? 80  TRP A CB  1 
ATOM   581  C CG  . TRP A 1 80  ? 14.604  4.247   -4.099  1.00 22.79  ? 80  TRP A CG  1 
ATOM   582  C CD1 . TRP A 1 80  ? 15.912  4.232   -3.733  1.00 25.24  ? 80  TRP A CD1 1 
ATOM   583  C CD2 . TRP A 1 80  ? 14.439  3.163   -5.039  1.00 19.07  ? 80  TRP A CD2 1 
ATOM   584  N NE1 . TRP A 1 80  ? 16.576  3.216   -4.372  1.00 31.33  ? 80  TRP A NE1 1 
ATOM   585  C CE2 . TRP A 1 80  ? 15.699  2.544   -5.170  1.00 34.51  ? 80  TRP A CE2 1 
ATOM   586  C CE3 . TRP A 1 80  ? 13.379  2.660   -5.753  1.00 16.45  ? 80  TRP A CE3 1 
ATOM   587  C CZ2 . TRP A 1 80  ? 15.892  1.446   -6.006  1.00 36.51  ? 80  TRP A CZ2 1 
ATOM   588  C CZ3 . TRP A 1 80  ? 13.544  1.570   -6.585  1.00 28.79  ? 80  TRP A CZ3 1 
ATOM   589  C CH2 . TRP A 1 80  ? 14.807  0.987   -6.692  1.00 29.95  ? 80  TRP A CH2 1 
ATOM   590  N N   . ALA A 1 81  ? 12.447  2.245   -2.541  1.00 19.40  ? 81  ALA A N   1 
ATOM   591  C CA  . ALA A 1 81  ? 11.723  1.061   -3.019  1.00 17.28  ? 81  ALA A CA  1 
ATOM   592  C C   . ALA A 1 81  ? 10.298  0.937   -2.548  1.00 15.08  ? 81  ALA A C   1 
ATOM   593  O O   . ALA A 1 81  ? 9.415   0.287   -3.120  1.00 18.61  ? 81  ALA A O   1 
ATOM   594  C CB  . ALA A 1 81  ? 12.530  -0.182  -2.595  1.00 25.39  ? 81  ALA A CB  1 
ATOM   595  N N   . ARG A 1 82  ? 9.952   1.621   -1.434  1.00 20.30  ? 82  ARG A N   1 
ATOM   596  C CA  . ARG A 1 82  ? 8.549   1.618   -1.069  1.00 19.98  ? 82  ARG A CA  1 
ATOM   597  C C   . ARG A 1 82  ? 7.628   2.202   -2.144  1.00 13.64  ? 82  ARG A C   1 
ATOM   598  O O   . ARG A 1 82  ? 6.491   1.760   -2.282  1.00 18.65  ? 82  ARG A O   1 
ATOM   599  C CB  . ARG A 1 82  ? 8.264   2.465   0.200   1.00 23.16  ? 82  ARG A CB  1 
ATOM   600  C CG  . ARG A 1 82  ? 9.296   2.367   1.292   1.00 25.17  ? 82  ARG A CG  1 
ATOM   601  C CD  . ARG A 1 82  ? 8.595   2.759   2.606   1.00 20.78  ? 82  ARG A CD  1 
ATOM   602  N NE  . ARG A 1 82  ? 9.648   2.820   3.642   1.00 21.74  ? 82  ARG A NE  1 
ATOM   603  C CZ  . ARG A 1 82  ? 9.617   1.755   4.493   1.00 22.96  ? 82  ARG A CZ  1 
ATOM   604  N NH1 . ARG A 1 82  ? 8.673   0.872   4.251   1.00 26.97  ? 82  ARG A NH1 1 
ATOM   605  N NH2 . ARG A 1 82  ? 10.494  1.704   5.452   1.00 27.97  ? 82  ARG A NH2 1 
ATOM   606  N N   . TYR A 1 83  ? 8.118   3.220   -2.865  1.00 18.14  ? 83  TYR A N   1 
ATOM   607  C CA  . TYR A 1 83  ? 7.247   3.801   -3.899  1.00 19.28  ? 83  TYR A CA  1 
ATOM   608  C C   . TYR A 1 83  ? 7.154   2.901   -5.126  1.00 14.13  ? 83  TYR A C   1 
ATOM   609  O O   . TYR A 1 83  ? 6.116   2.828   -5.764  1.00 17.40  ? 83  TYR A O   1 
ATOM   610  C CB  . TYR A 1 83  ? 7.720   5.212   -4.355  1.00 20.19  ? 83  TYR A CB  1 
ATOM   611  C CG  . TYR A 1 83  ? 7.934   6.011   -3.065  1.00 20.37  ? 83  TYR A CG  1 
ATOM   612  C CD1 . TYR A 1 83  ? 6.821   6.712   -2.555  1.00 20.86  ? 83  TYR A CD1 1 
ATOM   613  C CD2 . TYR A 1 83  ? 9.120   6.042   -2.396  1.00 18.96  ? 83  TYR A CD2 1 
ATOM   614  C CE1 . TYR A 1 83  ? 7.019   7.431   -1.381  1.00 22.30  ? 83  TYR A CE1 1 
ATOM   615  C CE2 . TYR A 1 83  ? 9.306   6.745   -1.221  1.00 17.34  ? 83  TYR A CE2 1 
ATOM   616  C CZ  . TYR A 1 83  ? 8.219   7.444   -0.735  1.00 19.67  ? 83  TYR A CZ  1 
ATOM   617  O OH  . TYR A 1 83  ? 8.374   8.138   0.436   1.00 21.18  ? 83  TYR A OH  1 
ATOM   618  N N   . ALA A 1 84  ? 8.238   2.160   -5.456  1.00 18.47  ? 84  ALA A N   1 
ATOM   619  C CA  . ALA A 1 84  ? 8.015   1.151   -6.519  1.00 16.19  ? 84  ALA A CA  1 
ATOM   620  C C   . ALA A 1 84  ? 7.040   0.046   -6.203  1.00 15.44  ? 84  ALA A C   1 
ATOM   621  O O   . ALA A 1 84  ? 6.273   -0.491  -6.982  1.00 21.04  ? 84  ALA A O   1 
ATOM   622  C CB  . ALA A 1 84  ? 9.400   0.528   -6.807  1.00 18.09  ? 84  ALA A CB  1 
ATOM   623  N N   . ASP A 1 85  ? 7.005   -0.363  -4.908  1.00 20.14  ? 85  ASP A N   1 
ATOM   624  C CA  . ASP A 1 85  ? 5.985   -1.262  -4.381  1.00 17.00  ? 85  ASP A CA  1 
ATOM   625  C C   . ASP A 1 85  ? 4.591   -0.698  -4.571  1.00 15.07  ? 85  ASP A C   1 
ATOM   626  O O   . ASP A 1 85  ? 3.707   -1.218  -5.227  1.00 16.29  ? 85  ASP A O   1 
ATOM   627  C CB  . ASP A 1 85  ? 6.339   -1.510  -2.902  1.00 16.96  ? 85  ASP A CB  1 
ATOM   628  C CG  . ASP A 1 85  ? 5.376   -2.363  -2.109  1.00 15.78  ? 85  ASP A CG  1 
ATOM   629  O OD1 . ASP A 1 85  ? 4.225   -2.494  -2.473  1.00 18.70  ? 85  ASP A OD1 1 
ATOM   630  O OD2 . ASP A 1 85  ? 5.837   -2.897  -1.051  1.00 20.71  ? 85  ASP A OD2 1 
ATOM   631  N N   . TRP A 1 86  ? 4.394   0.459   -3.859  1.00 16.36  ? 86  TRP A N   1 
ATOM   632  C CA  . TRP A 1 86  ? 3.072   1.052   -3.753  1.00 13.62  ? 86  TRP A CA  1 
ATOM   633  C C   . TRP A 1 86  ? 2.457   1.437   -5.106  1.00 15.13  ? 86  TRP A C   1 
ATOM   634  O O   . TRP A 1 86  ? 1.271   1.439   -5.363  1.00 18.64  ? 86  TRP A O   1 
ATOM   635  C CB  . TRP A 1 86  ? 3.180   2.302   -2.843  1.00 16.53  ? 86  TRP A CB  1 
ATOM   636  C CG  . TRP A 1 86  ? 3.605   2.042   -1.426  1.00 19.55  ? 86  TRP A CG  1 
ATOM   637  C CD1 . TRP A 1 86  ? 3.611   0.814   -0.802  1.00 22.02  ? 86  TRP A CD1 1 
ATOM   638  C CD2 . TRP A 1 86  ? 4.082   2.959   -0.433  1.00 19.34  ? 86  TRP A CD2 1 
ATOM   639  N NE1 . TRP A 1 86  ? 4.064   0.921   0.501   1.00 16.38  ? 86  TRP A NE1 1 
ATOM   640  C CE2 . TRP A 1 86  ? 4.356   2.232   0.762   1.00 14.97  ? 86  TRP A CE2 1 
ATOM   641  C CE3 . TRP A 1 86  ? 4.308   4.335   -0.405  1.00 20.20  ? 86  TRP A CE3 1 
ATOM   642  C CZ2 . TRP A 1 86  ? 4.835   2.847   1.927   1.00 16.35  ? 86  TRP A CZ2 1 
ATOM   643  C CZ3 . TRP A 1 86  ? 4.784   4.944   0.754   1.00 22.07  ? 86  TRP A CZ3 1 
ATOM   644  C CH2 . TRP A 1 86  ? 5.049   4.206   1.913   1.00 24.79  ? 86  TRP A CH2 1 
ATOM   645  N N   . LEU A 1 87  ? 3.397   1.812   -6.012  1.00 19.35  ? 87  LEU A N   1 
ATOM   646  C CA  . LEU A 1 87  ? 2.967   2.216   -7.354  1.00 18.50  ? 87  LEU A CA  1 
ATOM   647  C C   . LEU A 1 87  ? 2.103   1.162   -7.999  1.00 20.24  ? 87  LEU A C   1 
ATOM   648  O O   . LEU A 1 87  ? 1.135   1.371   -8.716  1.00 19.36  ? 87  LEU A O   1 
ATOM   649  C CB  . LEU A 1 87  ? 4.205   2.514   -8.215  1.00 18.98  ? 87  LEU A CB  1 
ATOM   650  C CG  . LEU A 1 87  ? 3.896   2.689   -9.713  1.00 27.37  ? 87  LEU A CG  1 
ATOM   651  C CD1 . LEU A 1 87  ? 3.154   3.994   -9.934  1.00 25.83  ? 87  LEU A CD1 1 
ATOM   652  C CD2 . LEU A 1 87  ? 5.195   2.657   -10.518 1.00 32.37  ? 87  LEU A CD2 1 
ATOM   653  N N   . PHE A 1 88  ? 2.422   -0.107  -7.704  1.00 21.49  ? 88  PHE A N   1 
ATOM   654  C CA  . PHE A 1 88  ? 1.633   -1.207  -8.259  1.00 20.32  ? 88  PHE A CA  1 
ATOM   655  C C   . PHE A 1 88  ? 0.642   -1.827  -7.273  1.00 13.49  ? 88  PHE A C   1 
ATOM   656  O O   . PHE A 1 88  ? -0.432  -2.269  -7.597  1.00 17.50  ? 88  PHE A O   1 
ATOM   657  C CB  . PHE A 1 88  ? 2.585   -2.330  -8.713  1.00 20.61  ? 88  PHE A CB  1 
ATOM   658  C CG  . PHE A 1 88  ? 3.560   -1.904  -9.834  1.00 19.88  ? 88  PHE A CG  1 
ATOM   659  C CD1 . PHE A 1 88  ? 3.039   -1.824  -11.128 1.00 23.55  ? 88  PHE A CD1 1 
ATOM   660  C CD2 . PHE A 1 88  ? 4.860   -1.618  -9.559  1.00 22.94  ? 88  PHE A CD2 1 
ATOM   661  C CE1 . PHE A 1 88  ? 3.917   -1.431  -12.142 1.00 25.33  ? 88  PHE A CE1 1 
ATOM   662  C CE2 . PHE A 1 88  ? 5.747   -1.222  -10.573 1.00 33.29  ? 88  PHE A CE2 1 
ATOM   663  C CZ  . PHE A 1 88  ? 5.219   -1.130  -11.857 1.00 22.77  ? 88  PHE A CZ  1 
ATOM   664  N N   . THR A 1 89  ? 1.046   -1.880  -5.982  1.00 19.98  ? 89  THR A N   1 
ATOM   665  C CA  . THR A 1 89  ? 0.182   -2.608  -5.044  1.00 17.09  ? 89  THR A CA  1 
ATOM   666  C C   . THR A 1 89  ? -1.012  -1.750  -4.617  1.00 16.29  ? 89  THR A C   1 
ATOM   667  O O   . THR A 1 89  ? -2.081  -2.309  -4.414  1.00 19.72  ? 89  THR A O   1 
ATOM   668  C CB  . THR A 1 89  ? 0.970   -3.024  -3.803  1.00 13.94  ? 89  THR A CB  1 
ATOM   669  O OG1 . THR A 1 89  ? 1.661   -1.990  -3.147  1.00 17.84  ? 89  THR A OG1 1 
ATOM   670  C CG2 . THR A 1 89  ? 2.083   -4.010  -4.248  1.00 16.69  ? 89  THR A CG2 1 
ATOM   671  N N   . THR A 1 90  ? -0.822  -0.420  -4.511  1.00 22.81  ? 90  THR A N   1 
ATOM   672  C CA  . THR A 1 90  ? -2.021  0.337   -4.073  1.00 16.61  ? 90  THR A CA  1 
ATOM   673  C C   . THR A 1 90  ? -3.097  0.377   -5.125  1.00 16.94  ? 90  THR A C   1 
ATOM   674  O O   . THR A 1 90  ? -4.300  0.252   -4.833  1.00 18.10  ? 90  THR A O   1 
ATOM   675  C CB  . THR A 1 90  ? -1.687  1.737   -3.559  1.00 21.40  ? 90  THR A CB  1 
ATOM   676  O OG1 . THR A 1 90  ? -0.933  2.519   -4.503  1.00 19.44  ? 90  THR A OG1 1 
ATOM   677  C CG2 . THR A 1 90  ? -0.830  1.636   -2.286  1.00 24.69  ? 90  THR A CG2 1 
ATOM   678  N N   . PRO A 1 91  ? -2.872  0.495   -6.451  1.00 18.86  ? 91  PRO A N   1 
ATOM   679  C CA  . PRO A 1 91  ? -3.969  0.328   -7.391  1.00 19.25  ? 91  PRO A CA  1 
ATOM   680  C C   . PRO A 1 91  ? -4.606  -1.060  -7.435  1.00 19.76  ? 91  PRO A C   1 
ATOM   681  O O   . PRO A 1 91  ? -5.804  -1.283  -7.665  1.00 25.62  ? 91  PRO A O   1 
ATOM   682  C CB  . PRO A 1 91  ? -3.359  0.617   -8.776  1.00 24.12  ? 91  PRO A CB  1 
ATOM   683  C CG  . PRO A 1 91  ? -1.887  0.659   -8.577  1.00 24.97  ? 91  PRO A CG  1 
ATOM   684  C CD  . PRO A 1 91  ? -1.595  0.837   -7.111  1.00 22.58  ? 91  PRO A CD  1 
ATOM   685  N N   . LEU A 1 92  ? -3.736  -2.064  -7.213  1.00 24.03  ? 92  LEU A N   1 
ATOM   686  C CA  . LEU A 1 92  ? -4.285  -3.421  -7.179  1.00 21.28  ? 92  LEU A CA  1 
ATOM   687  C C   . LEU A 1 92  ? -5.295  -3.542  -6.040  1.00 19.84  ? 92  LEU A C   1 
ATOM   688  O O   . LEU A 1 92  ? -6.333  -4.165  -6.247  1.00 22.21  ? 92  LEU A O   1 
ATOM   689  C CB  . LEU A 1 92  ? -3.112  -4.392  -7.020  1.00 19.15  ? 92  LEU A CB  1 
ATOM   690  C CG  . LEU A 1 92  ? -2.362  -4.671  -8.339  1.00 19.12  ? 92  LEU A CG  1 
ATOM   691  C CD1 . LEU A 1 92  ? -1.068  -5.411  -8.013  1.00 21.47  ? 92  LEU A CD1 1 
ATOM   692  C CD2 . LEU A 1 92  ? -3.221  -5.412  -9.336  1.00 22.02  ? 92  LEU A CD2 1 
ATOM   693  N N   . LEU A 1 93  ? -4.925  -2.923  -4.894  1.00 21.60  ? 93  LEU A N   1 
ATOM   694  C CA  . LEU A 1 93  ? -5.819  -2.995  -3.706  1.00 22.04  ? 93  LEU A CA  1 
ATOM   695  C C   . LEU A 1 93  ? -7.119  -2.302  -4.072  1.00 22.56  ? 93  LEU A C   1 
ATOM   696  O O   . LEU A 1 93  ? -8.228  -2.764  -3.825  1.00 20.17  ? 93  LEU A O   1 
ATOM   697  C CB  . LEU A 1 93  ? -5.104  -2.450  -2.478  1.00 18.94  ? 93  LEU A CB  1 
ATOM   698  C CG  . LEU A 1 93  ? -4.035  -3.372  -1.848  1.00 16.91  ? 93  LEU A CG  1 
ATOM   699  C CD1 . LEU A 1 93  ? -3.058  -2.646  -0.981  1.00 18.20  ? 93  LEU A CD1 1 
ATOM   700  C CD2 . LEU A 1 93  ? -4.759  -4.491  -1.079  1.00 24.10  ? 93  LEU A CD2 1 
ATOM   701  N N   . LEU A 1 94  ? -7.007  -1.142  -4.754  1.00 21.27  ? 94  LEU A N   1 
ATOM   702  C CA  . LEU A 1 94  ? -8.232  -0.469  -5.188  1.00 24.01  ? 94  LEU A CA  1 
ATOM   703  C C   . LEU A 1 94  ? -9.045  -1.230  -6.199  1.00 24.56  ? 94  LEU A C   1 
ATOM   704  O O   . LEU A 1 94  ? -10.266 -1.217  -6.265  1.00 22.93  ? 94  LEU A O   1 
ATOM   705  C CB  . LEU A 1 94  ? -7.863  0.899   -5.805  1.00 21.87  ? 94  LEU A CB  1 
ATOM   706  C CG  . LEU A 1 94  ? -7.315  1.873   -4.766  1.00 19.37  ? 94  LEU A CG  1 
ATOM   707  C CD1 . LEU A 1 94  ? -6.902  3.205   -5.365  1.00 21.89  ? 94  LEU A CD1 1 
ATOM   708  C CD2 . LEU A 1 94  ? -8.386  2.091   -3.697  1.00 26.24  ? 94  LEU A CD2 1 
ATOM   709  N N   . LEU A 1 95  ? -8.329  -1.975  -7.056  1.00 22.27  ? 95  LEU A N   1 
ATOM   710  C CA  . LEU A 1 95  ? -9.077  -2.781  -8.021  1.00 18.97  ? 95  LEU A CA  1 
ATOM   711  C C   . LEU A 1 95  ? -9.911  -3.837  -7.274  1.00 21.24  ? 95  LEU A C   1 
ATOM   712  O O   . LEU A 1 95  ? -11.071 -4.053  -7.670  1.00 26.81  ? 95  LEU A O   1 
ATOM   713  C CB  . LEU A 1 95  ? -8.076  -3.361  -8.985  1.00 24.89  ? 95  LEU A CB  1 
ATOM   714  C CG  . LEU A 1 95  ? -8.172  -3.319  -10.495 1.00 47.78  ? 95  LEU A CG  1 
ATOM   715  C CD1 . LEU A 1 95  ? -7.564  -4.613  -11.047 1.00 26.89  ? 95  LEU A CD1 1 
ATOM   716  C CD2 . LEU A 1 95  ? -9.595  -3.107  -10.987 1.00 29.63  ? 95  LEU A CD2 1 
ATOM   717  N N   . ASP A 1 96  ? -9.395  -4.499  -6.241  1.00 25.27  ? 96  ASP A N   1 
ATOM   718  C CA  . ASP A 1 96  ? -10.113 -5.482  -5.425  1.00 26.35  ? 96  ASP A CA  1 
ATOM   719  C C   . ASP A 1 96  ? -11.415 -4.859  -4.891  1.00 34.54  ? 96  ASP A C   1 
ATOM   720  O O   . ASP A 1 96  ? -12.514 -5.414  -4.944  1.00 27.19  ? 96  ASP A O   1 
ATOM   721  C CB  . ASP A 1 96  ? -9.308  -5.963  -4.198  1.00 24.30  ? 96  ASP A CB  1 
ATOM   722  C CG  . ASP A 1 96  ? -8.487  -7.220  -4.377  1.00 19.94  ? 96  ASP A CG  1 
ATOM   723  O OD1 . ASP A 1 96  ? -8.807  -7.969  -5.323  1.00 23.80  ? 96  ASP A OD1 1 
ATOM   724  O OD2 . ASP A 1 96  ? -7.542  -7.479  -3.572  1.00 24.87  ? 96  ASP A OD2 1 
ATOM   725  N N   . LEU A 1 97  ? -11.276 -3.634  -4.347  1.00 21.45  ? 97  LEU A N   1 
ATOM   726  C CA  . LEU A 1 97  ? -12.500 -2.989  -3.843  1.00 29.62  ? 97  LEU A CA  1 
ATOM   727  C C   . LEU A 1 97  ? -13.483 -2.718  -4.973  1.00 31.08  ? 97  LEU A C   1 
ATOM   728  O O   . LEU A 1 97  ? -14.694 -2.925  -4.897  1.00 28.68  ? 97  LEU A O   1 
ATOM   729  C CB  . LEU A 1 97  ? -12.228 -1.646  -3.119  1.00 27.31  ? 97  LEU A CB  1 
ATOM   730  C CG  . LEU A 1 97  ? -11.335 -1.771  -1.883  1.00 21.66  ? 97  LEU A CG  1 
ATOM   731  C CD1 . LEU A 1 97  ? -10.926 -0.483  -1.203  1.00 23.39  ? 97  LEU A CD1 1 
ATOM   732  C CD2 . LEU A 1 97  ? -12.075 -2.682  -0.892  1.00 37.19  ? 97  LEU A CD2 1 
ATOM   733  N N   . ALA A 1 98  ? -12.920 -2.214  -6.077  1.00 27.70  ? 98  ALA A N   1 
ATOM   734  C CA  . ALA A 1 98  ? -13.715 -1.786  -7.206  1.00 27.34  ? 98  ALA A CA  1 
ATOM   735  C C   . ALA A 1 98  ? -14.474 -2.930  -7.848  1.00 27.50  ? 98  ALA A C   1 
ATOM   736  O O   . ALA A 1 98  ? -15.655 -2.834  -8.200  1.00 29.61  ? 98  ALA A O   1 
ATOM   737  C CB  . ALA A 1 98  ? -12.809 -1.090  -8.227  1.00 29.94  ? 98  ALA A CB  1 
ATOM   738  N N   . LEU A 1 99  ? -13.807 -4.060  -8.002  1.00 25.69  ? 99  LEU A N   1 
ATOM   739  C CA  . LEU A 1 99  ? -14.469 -5.224  -8.586  1.00 31.23  ? 99  LEU A CA  1 
ATOM   740  C C   . LEU A 1 99  ? -15.572 -5.816  -7.699  1.00 38.30  ? 99  LEU A C   1 
ATOM   741  O O   . LEU A 1 99  ? -16.588 -6.317  -8.191  1.00 33.64  ? 99  LEU A O   1 
ATOM   742  C CB  . LEU A 1 99  ? -13.444 -6.327  -8.858  1.00 29.12  ? 99  LEU A CB  1 
ATOM   743  C CG  . LEU A 1 99  ? -12.465 -6.144  -10.010 1.00 33.86  ? 99  LEU A CG  1 
ATOM   744  C CD1 . LEU A 1 99  ? -11.587 -7.392  -10.113 1.00 33.14  ? 99  LEU A CD1 1 
ATOM   745  C CD2 . LEU A 1 99  ? -13.191 -5.846  -11.316 1.00 41.70  ? 99  LEU A CD2 1 
ATOM   746  N N   . LEU A 1 100 ? -15.335 -5.787  -6.399  1.00 32.96  ? 100 LEU A N   1 
ATOM   747  C CA  . LEU A 1 100 ? -16.325 -6.269  -5.439  1.00 28.08  ? 100 LEU A CA  1 
ATOM   748  C C   . LEU A 1 100 ? -17.675 -5.630  -5.709  1.00 35.12  ? 100 LEU A C   1 
ATOM   749  O O   . LEU A 1 100 ? -18.721 -6.264  -5.789  1.00 33.75  ? 100 LEU A O   1 
ATOM   750  C CB  . LEU A 1 100 ? -15.864 -5.890  -4.056  1.00 35.51  ? 100 LEU A CB  1 
ATOM   751  C CG  . LEU A 1 100 ? -15.842 -6.893  -2.928  1.00 38.83  ? 100 LEU A CG  1 
ATOM   752  C CD1 . LEU A 1 100 ? -15.523 -8.292  -3.419  1.00 48.20  ? 100 LEU A CD1 1 
ATOM   753  C CD2 . LEU A 1 100 ? -14.831 -6.404  -1.901  1.00 36.32  ? 100 LEU A CD2 1 
ATOM   754  N N   . VAL A 1 101 ? -17.638 -4.302  -5.855  1.00 36.17  ? 101 VAL A N   1 
ATOM   755  C CA  . VAL A 1 101 ? -18.883 -3.565  -6.104  1.00 32.48  ? 101 VAL A CA  1 
ATOM   756  C C   . VAL A 1 101 ? -19.163 -3.348  -7.576  1.00 37.11  ? 101 VAL A C   1 
ATOM   757  O O   . VAL A 1 101 ? -20.124 -2.623  -7.879  1.00 38.96  ? 101 VAL A O   1 
ATOM   758  C CB  . VAL A 1 101 ? -18.777 -2.243  -5.327  1.00 32.14  ? 101 VAL A CB  1 
ATOM   759  C CG1 . VAL A 1 101 ? -18.267 -2.558  -3.924  1.00 41.04  ? 101 VAL A CG1 1 
ATOM   760  C CG2 . VAL A 1 101 ? -17.847 -1.245  -6.003  1.00 29.21  ? 101 VAL A CG2 1 
ATOM   761  N N   . ASP A 1 102 ? -18.440 -3.923  -8.545  1.00 30.07  ? 102 ASP A N   1 
ATOM   762  C CA  . ASP A 1 102 ? -18.922 -3.780  -9.924  1.00 27.94  ? 102 ASP A CA  1 
ATOM   763  C C   . ASP A 1 102 ? -18.880 -2.313  -10.360 1.00 35.39  ? 102 ASP A C   1 
ATOM   764  O O   . ASP A 1 102 ? -19.760 -1.782  -11.038 1.00 31.29  ? 102 ASP A O   1 
ATOM   765  C CB  . ASP A 1 102 ? -20.340 -4.346  -10.073 1.00 32.89  ? 102 ASP A CB  1 
ATOM   766  C CG  . ASP A 1 102 ? -20.882 -4.300  -11.477 1.00 51.31  ? 102 ASP A CG  1 
ATOM   767  O OD1 . ASP A 1 102 ? -20.039 -4.231  -12.402 1.00 79.48  ? 102 ASP A OD1 1 
ATOM   768  O OD2 . ASP A 1 102 ? -22.114 -4.313  -11.683 1.00 56.89  ? 102 ASP A OD2 1 
ATOM   769  N N   . ALA A 1 103 ? -17.806 -1.631  -9.945  1.00 31.24  ? 103 ALA A N   1 
ATOM   770  C CA  . ALA A 1 103 ? -17.688 -0.232  -10.338 1.00 31.47  ? 103 ALA A CA  1 
ATOM   771  C C   . ALA A 1 103 ? -17.657 -0.045  -11.849 1.00 34.11  ? 103 ALA A C   1 
ATOM   772  O O   . ALA A 1 103 ? -17.116 -0.871  -12.575 1.00 28.97  ? 103 ALA A O   1 
ATOM   773  C CB  . ALA A 1 103 ? -16.431 0.391   -9.733  1.00 31.67  ? 103 ALA A CB  1 
ATOM   774  N N   . ASP A 1 104 ? -18.216 1.086   -12.260 1.00 39.80  ? 104 ASP A N   1 
ATOM   775  C CA  . ASP A 1 104 ? -18.063 1.574   -13.622 1.00 39.99  ? 104 ASP A CA  1 
ATOM   776  C C   . ASP A 1 104 ? -16.581 1.788   -13.933 1.00 39.14  ? 104 ASP A C   1 
ATOM   777  O O   . ASP A 1 104 ? -15.731 2.106   -13.089 1.00 29.69  ? 104 ASP A O   1 
ATOM   778  C CB  . ASP A 1 104 ? -18.868 2.859   -13.783 1.00 40.18  ? 104 ASP A CB  1 
ATOM   779  C CG  . ASP A 1 104 ? -20.359 2.642   -13.950 1.00 42.46  ? 104 ASP A CG  1 
ATOM   780  O OD1 . ASP A 1 104 ? -20.794 1.656   -14.575 1.00 45.77  ? 104 ASP A OD1 1 
ATOM   781  O OD2 . ASP A 1 104 ? -21.135 3.496   -13.461 1.00 56.41  ? 104 ASP A OD2 1 
ATOM   782  N N   . GLN A 1 105 ? -16.243 1.602   -15.212 1.00 34.35  ? 105 GLN A N   1 
ATOM   783  C CA  . GLN A 1 105 ? -14.843 1.752   -15.608 1.00 32.48  ? 105 GLN A CA  1 
ATOM   784  C C   . GLN A 1 105 ? -14.380 3.177   -15.354 1.00 38.83  ? 105 GLN A C   1 
ATOM   785  O O   . GLN A 1 105 ? -13.219 3.436   -15.018 1.00 29.92  ? 105 GLN A O   1 
ATOM   786  C CB  . GLN A 1 105 ? -14.678 1.374   -17.078 1.00 34.54  ? 105 GLN A CB  1 
ATOM   787  C CG  . GLN A 1 105 ? -14.875 -0.090  -17.384 1.00 37.16  ? 105 GLN A CG  1 
ATOM   788  C CD  . GLN A 1 105 ? -14.999 -0.391  -18.865 1.00 44.05  ? 105 GLN A CD  1 
ATOM   789  O OE1 . GLN A 1 105 ? -15.583 -1.419  -19.220 1.00 71.02  ? 105 GLN A OE1 1 
ATOM   790  N NE2 . GLN A 1 105 ? -14.465 0.474   -19.712 1.00 43.03  ? 105 GLN A NE2 1 
ATOM   791  N N   . GLY A 1 106 ? -15.269 4.171   -15.502 1.00 34.97  ? 106 GLY A N   1 
ATOM   792  C CA  . GLY A 1 106 ? -14.796 5.545   -15.291 1.00 25.85  ? 106 GLY A CA  1 
ATOM   793  C C   . GLY A 1 106 ? -14.333 5.755   -13.863 1.00 27.57  ? 106 GLY A C   1 
ATOM   794  O O   . GLY A 1 106 ? -13.367 6.474   -13.574 1.00 30.53  ? 106 GLY A O   1 
ATOM   795  N N   . THR A 1 107 ? -15.031 5.104   -12.927 1.00 26.31  ? 107 THR A N   1 
ATOM   796  C CA  . THR A 1 107 ? -14.672 5.270   -11.528 1.00 26.42  ? 107 THR A CA  1 
ATOM   797  C C   . THR A 1 107 ? -13.372 4.533   -11.224 1.00 26.05  ? 107 THR A C   1 
ATOM   798  O O   . THR A 1 107 ? -12.522 4.993   -10.484 1.00 22.84  ? 107 THR A O   1 
ATOM   799  C CB  . THR A 1 107 ? -15.796 4.706   -10.632 1.00 26.23  ? 107 THR A CB  1 
ATOM   800  O OG1 . THR A 1 107 ? -17.036 5.297   -11.010 1.00 31.52  ? 107 THR A OG1 1 
ATOM   801  C CG2 . THR A 1 107 ? -15.508 5.050   -9.177  1.00 29.58  ? 107 THR A CG2 1 
ATOM   802  N N   . ILE A 1 108 ? -13.226 3.343   -11.829 1.00 26.86  ? 108 ILE A N   1 
ATOM   803  C CA  . ILE A 1 108 ? -11.926 2.648   -11.694 1.00 28.45  ? 108 ILE A CA  1 
ATOM   804  C C   . ILE A 1 108 ? -10.788 3.448   -12.303 1.00 26.85  ? 108 ILE A C   1 
ATOM   805  O O   . ILE A 1 108 ? -9.693  3.557   -11.770 1.00 22.18  ? 108 ILE A O   1 
ATOM   806  C CB  . ILE A 1 108 ? -11.977 1.256   -12.335 1.00 29.48  ? 108 ILE A CB  1 
ATOM   807  C CG1 . ILE A 1 108 ? -13.079 0.360   -11.778 1.00 27.72  ? 108 ILE A CG1 1 
ATOM   808  C CG2 . ILE A 1 108 ? -10.623 0.550   -12.212 1.00 31.05  ? 108 ILE A CG2 1 
ATOM   809  C CD1 . ILE A 1 108 ? -13.318 -0.883  -12.613 1.00 34.71  ? 108 ILE A CD1 1 
ATOM   810  N N   . LEU A 1 109 ? -10.964 4.076   -13.455 1.00 25.45  ? 109 LEU A N   1 
ATOM   811  C CA  . LEU A 1 109 ? -9.832  4.861   -13.990 1.00 24.32  ? 109 LEU A CA  1 
ATOM   812  C C   . LEU A 1 109 ? -9.561  6.062   -13.109 1.00 21.91  ? 109 LEU A C   1 
ATOM   813  O O   . LEU A 1 109 ? -8.423  6.423   -12.807 1.00 22.32  ? 109 LEU A O   1 
ATOM   814  C CB  . LEU A 1 109 ? -10.157 5.205   -15.444 1.00 25.97  ? 109 LEU A CB  1 
ATOM   815  C CG  . LEU A 1 109 ? -9.106  5.976   -16.244 1.00 40.98  ? 109 LEU A CG  1 
ATOM   816  C CD1 . LEU A 1 109 ? -7.688  5.605   -15.832 1.00 33.66  ? 109 LEU A CD1 1 
ATOM   817  C CD2 . LEU A 1 109 ? -9.285  5.720   -17.733 1.00 49.10  ? 109 LEU A CD2 1 
ATOM   818  N N   . ALA A 1 110 ? -10.590 6.727   -12.559 1.00 24.07  ? 110 ALA A N   1 
ATOM   819  C CA  . ALA A 1 110 ? -10.360 7.774   -11.556 1.00 24.19  ? 110 ALA A CA  1 
ATOM   820  C C   . ALA A 1 110 ? -9.531  7.384   -10.347 1.00 20.99  ? 110 ALA A C   1 
ATOM   821  O O   . ALA A 1 110 ? -8.646  8.057   -9.838  1.00 20.31  ? 110 ALA A O   1 
ATOM   822  C CB  . ALA A 1 110 ? -11.752 8.198   -11.051 1.00 26.39  ? 110 ALA A CB  1 
ATOM   823  N N   . LEU A 1 111 ? -9.857  6.210   -9.799  1.00 31.79  ? 111 LEU A N   1 
ATOM   824  C CA  . LEU A 1 111 ? -9.162  5.686   -8.628  1.00 24.16  ? 111 LEU A CA  1 
ATOM   825  C C   . LEU A 1 111 ? -7.715  5.329   -8.909  1.00 16.63  ? 111 LEU A C   1 
ATOM   826  O O   . LEU A 1 111 ? -6.764  5.742   -8.227  1.00 20.79  ? 111 LEU A O   1 
ATOM   827  C CB  . LEU A 1 111 ? -9.903  4.427   -8.143  1.00 22.68  ? 111 LEU A CB  1 
ATOM   828  C CG  . LEU A 1 111 ? -11.173 4.668   -7.319  1.00 24.11  ? 111 LEU A CG  1 
ATOM   829  C CD1 . LEU A 1 111 ? -11.965 3.394   -7.125  1.00 22.95  ? 111 LEU A CD1 1 
ATOM   830  C CD2 . LEU A 1 111 ? -10.771 5.309   -5.997  1.00 25.38  ? 111 LEU A CD2 1 
ATOM   831  N N   . VAL A 1 112 ? -7.480  4.498   -9.938  1.00 21.18  ? 112 VAL A N   1 
ATOM   832  C CA  . VAL A 1 112 ? -6.090  4.150   -10.313 1.00 21.90  ? 112 VAL A CA  1 
ATOM   833  C C   . VAL A 1 112 ? -5.237  5.343   -10.660 1.00 20.85  ? 112 VAL A C   1 
ATOM   834  O O   . VAL A 1 112 ? -4.071  5.489   -10.326 1.00 21.63  ? 112 VAL A O   1 
ATOM   835  C CB  . VAL A 1 112 ? -6.163  3.216   -11.533 1.00 26.57  ? 112 VAL A CB  1 
ATOM   836  C CG1 . VAL A 1 112 ? -4.782  2.893   -12.102 1.00 27.16  ? 112 VAL A CG1 1 
ATOM   837  C CG2 . VAL A 1 112 ? -6.918  1.957   -11.129 1.00 26.37  ? 112 VAL A CG2 1 
ATOM   838  N N   . GLY A 1 113 ? -5.817  6.321   -11.409 1.00 22.43  ? 113 GLY A N   1 
ATOM   839  C CA  . GLY A 1 113 ? -5.000  7.477   -11.739 1.00 18.52  ? 113 GLY A CA  1 
ATOM   840  C C   . GLY A 1 113 ? -4.790  8.417   -10.551 1.00 16.77  ? 113 GLY A C   1 
ATOM   841  O O   . GLY A 1 113 ? -3.698  8.953   -10.369 1.00 20.12  ? 113 GLY A O   1 
ATOM   842  N N   . ALA A 1 114 ? -5.810  8.616   -9.702  1.00 18.09  ? 114 ALA A N   1 
ATOM   843  C CA  . ALA A 1 114 ? -5.506  9.394   -8.502  1.00 21.06  ? 114 ALA A CA  1 
ATOM   844  C C   . ALA A 1 114 ? -4.430  8.731   -7.632  1.00 15.55  ? 114 ALA A C   1 
ATOM   845  O O   . ALA A 1 114 ? -3.576  9.337   -7.015  1.00 18.40  ? 114 ALA A O   1 
ATOM   846  C CB  . ALA A 1 114 ? -6.791  9.573   -7.680  1.00 23.02  ? 114 ALA A CB  1 
ATOM   847  N N   . ASP A 1 115 ? -4.495  7.394   -7.616  1.00 18.82  ? 115 ASP A N   1 
ATOM   848  C CA  . ASP A 1 115 ? -3.512  6.614   -6.883  1.00 17.97  ? 115 ASP A CA  1 
ATOM   849  C C   . ASP A 1 115 ? -2.134  6.798   -7.467  1.00 17.20  ? 115 ASP A C   1 
ATOM   850  O O   . ASP A 1 115 ? -1.153  7.021   -6.777  1.00 17.35  ? 115 ASP A O   1 
ATOM   851  C CB  . ASP A 1 115 ? -3.943  5.129   -6.916  1.00 20.81  ? 115 ASP A CB  1 
ATOM   852  C CG  . ASP A 1 115 ? -3.134  4.388   -5.855  1.00 26.23  ? 115 ASP A CG  1 
ATOM   853  O OD1 . ASP A 1 115 ? -1.915  4.205   -6.010  1.00 20.84  ? 115 ASP A OD1 1 
ATOM   854  O OD2 . ASP A 1 115 ? -3.770  4.034   -4.839  1.00 30.10  ? 115 ASP A OD2 1 
ATOM   855  N N   . GLY A 1 116 ? -2.007  6.727   -8.817  1.00 22.29  ? 116 GLY A N   1 
ATOM   856  C CA  . GLY A 1 116 ? -0.702  6.995   -9.401  1.00 15.69  ? 116 GLY A CA  1 
ATOM   857  C C   . GLY A 1 116 ? -0.094  8.334   -9.008  1.00 15.22  ? 116 GLY A C   1 
ATOM   858  O O   . GLY A 1 116 ? 1.049   8.634   -8.746  1.00 16.33  ? 116 GLY A O   1 
ATOM   859  N N   . ILE A 1 117 ? -1.062  9.306   -8.970  1.00 19.41  ? 117 ILE A N   1 
ATOM   860  C CA  . ILE A 1 117 ? -0.619  10.647  -8.612  1.00 20.78  ? 117 ILE A CA  1 
ATOM   861  C C   . ILE A 1 117 ? -0.116  10.714  -7.170  1.00 16.05  ? 117 ILE A C   1 
ATOM   862  O O   . ILE A 1 117 ? 0.891   11.330  -6.830  1.00 16.34  ? 117 ILE A O   1 
ATOM   863  C CB  . ILE A 1 117 ? -1.774  11.645  -8.890  1.00 23.06  ? 117 ILE A CB  1 
ATOM   864  C CG1 . ILE A 1 117 ? -2.041  11.927  -10.381 1.00 26.43  ? 117 ILE A CG1 1 
ATOM   865  C CG2 . ILE A 1 117 ? -1.448  12.947  -8.179  1.00 22.69  ? 117 ILE A CG2 1 
ATOM   866  C CD1 . ILE A 1 117 ? -3.329  12.690  -10.682 1.00 23.19  ? 117 ILE A CD1 1 
ATOM   867  N N   . MET A 1 118 ? -0.872  10.003  -6.324  1.00 22.25  ? 118 MET A N   1 
ATOM   868  C CA  . MET A 1 118 ? -0.567  9.934   -4.892  1.00 21.97  ? 118 MET A CA  1 
ATOM   869  C C   . MET A 1 118 ? 0.843   9.403   -4.669  1.00 15.10  ? 118 MET A C   1 
ATOM   870  O O   . MET A 1 118 ? 1.709   9.928   -3.996  1.00 16.32  ? 118 MET A O   1 
ATOM   871  C CB  . MET A 1 118 ? -1.590  9.056   -4.152  1.00 16.74  ? 118 MET A CB  1 
ATOM   872  C CG  . MET A 1 118 ? -1.338  9.003   -2.629  1.00 16.38  ? 118 MET A CG  1 
ATOM   873  S SD  . MET A 1 118 ? -2.626  7.924   -1.908  1.00 20.95  ? 118 MET A SD  1 
ATOM   874  C CE  . MET A 1 118 ? -2.061  6.290   -2.479  1.00 19.58  ? 118 MET A CE  1 
ATOM   875  N N   . ILE A 1 119 ? 1.082   8.246   -5.312  1.00 17.75  ? 119 ILE A N   1 
ATOM   876  C CA  . ILE A 1 119 ? 2.408   7.630   -5.079  1.00 15.66  ? 119 ILE A CA  1 
ATOM   877  C C   . ILE A 1 119 ? 3.528   8.371   -5.744  1.00 12.73  ? 119 ILE A C   1 
ATOM   878  O O   . ILE A 1 119 ? 4.631   8.637   -5.301  1.00 17.00  ? 119 ILE A O   1 
ATOM   879  C CB  . ILE A 1 119 ? 2.348   6.163   -5.624  1.00 18.88  ? 119 ILE A CB  1 
ATOM   880  C CG1 . ILE A 1 119 ? 1.223   5.366   -4.963  1.00 17.49  ? 119 ILE A CG1 1 
ATOM   881  C CG2 . ILE A 1 119 ? 3.713   5.549   -5.438  1.00 21.98  ? 119 ILE A CG2 1 
ATOM   882  C CD1 . ILE A 1 119 ? 1.474   5.511   -3.440  1.00 21.87  ? 119 ILE A CD1 1 
ATOM   883  N N   . GLY A 1 120 ? 3.260   8.775   -7.028  1.00 18.73  ? 120 GLY A N   1 
ATOM   884  C CA  . GLY A 1 120 ? 4.339   9.528   -7.691  1.00 16.90  ? 120 GLY A CA  1 
ATOM   885  C C   . GLY A 1 120 ? 4.719   10.864  -7.110  1.00 15.90  ? 120 GLY A C   1 
ATOM   886  O O   . GLY A 1 120 ? 5.893   11.269  -7.081  1.00 19.45  ? 120 GLY A O   1 
ATOM   887  N N   . THR A 1 121 ? 3.733   11.606  -6.597  1.00 17.00  ? 121 THR A N   1 
ATOM   888  C CA  . THR A 1 121 ? 4.099   12.822  -5.905  1.00 16.71  ? 121 THR A CA  1 
ATOM   889  C C   . THR A 1 121 ? 4.734   12.523  -4.522  1.00 14.83  ? 121 THR A C   1 
ATOM   890  O O   . THR A 1 121 ? 5.604   13.236  -4.092  1.00 17.54  ? 121 THR A O   1 
ATOM   891  C CB  . THR A 1 121 ? 2.889   13.759  -5.696  1.00 16.57  ? 121 THR A CB  1 
ATOM   892  O OG1 . THR A 1 121 ? 1.770   13.102  -5.146  1.00 17.71  ? 121 THR A OG1 1 
ATOM   893  C CG2 . THR A 1 121 ? 2.434   14.282  -7.069  1.00 22.74  ? 121 THR A CG2 1 
ATOM   894  N N   . GLY A 1 122 ? 4.309   11.427  -3.891  1.00 18.30  ? 122 GLY A N   1 
ATOM   895  C CA  . GLY A 1 122 ? 5.064   10.954  -2.702  1.00 17.88  ? 122 GLY A CA  1 
ATOM   896  C C   . GLY A 1 122 ? 6.526   10.683  -2.941  1.00 12.38  ? 122 GLY A C   1 
ATOM   897  O O   . GLY A 1 122 ? 7.436   10.987  -2.213  1.00 16.60  ? 122 GLY A O   1 
ATOM   898  N N   . LEU A 1 123 ? 6.832   10.078  -4.112  1.00 21.05  ? 123 LEU A N   1 
ATOM   899  C CA  . LEU A 1 123 ? 8.189   9.792   -4.525  1.00 19.64  ? 123 LEU A CA  1 
ATOM   900  C C   . LEU A 1 123 ? 9.018   11.025  -4.836  1.00 14.53  ? 123 LEU A C   1 
ATOM   901  O O   . LEU A 1 123 ? 10.132  11.222  -4.448  1.00 21.29  ? 123 LEU A O   1 
ATOM   902  C CB  . LEU A 1 123 ? 8.109   8.930   -5.819  1.00 20.12  ? 123 LEU A CB  1 
ATOM   903  C CG  . LEU A 1 123 ? 9.486   8.612   -6.431  1.00 22.03  ? 123 LEU A CG  1 
ATOM   904  C CD1 . LEU A 1 123 ? 10.413  7.951   -5.429  1.00 21.03  ? 123 LEU A CD1 1 
ATOM   905  C CD2 . LEU A 1 123 ? 9.267   7.751   -7.665  1.00 31.82  ? 123 LEU A CD2 1 
ATOM   906  N N   . VAL A 1 124 ? 8.359   11.929  -5.584  1.00 19.52  ? 124 VAL A N   1 
ATOM   907  C CA  . VAL A 1 124 ? 9.018   13.211  -5.834  1.00 19.01  ? 124 VAL A CA  1 
ATOM   908  C C   . VAL A 1 124 ? 9.289   13.884  -4.490  1.00 15.05  ? 124 VAL A C   1 
ATOM   909  O O   . VAL A 1 124 ? 10.372  14.362  -4.254  1.00 21.33  ? 124 VAL A O   1 
ATOM   910  C CB  . VAL A 1 124 ? 8.155   14.091  -6.736  1.00 16.99  ? 124 VAL A CB  1 
ATOM   911  C CG1 . VAL A 1 124 ? 8.757   15.497  -6.849  1.00 20.27  ? 124 VAL A CG1 1 
ATOM   912  C CG2 . VAL A 1 124 ? 8.045   13.544  -8.149  1.00 22.83  ? 124 VAL A CG2 1 
ATOM   913  N N   . GLY A 1 125 ? 8.280   13.912  -3.612  1.00 20.42  ? 125 GLY A N   1 
ATOM   914  C CA  . GLY A 1 125 ? 8.562   14.549  -2.318  1.00 21.55  ? 125 GLY A CA  1 
ATOM   915  C C   . GLY A 1 125 ? 9.717   13.870  -1.583  1.00 16.49  ? 125 GLY A C   1 
ATOM   916  O O   . GLY A 1 125 ? 10.572  14.468  -0.936  1.00 20.46  ? 125 GLY A O   1 
ATOM   917  N N   . ALA A 1 126 ? 9.777   12.524  -1.704  1.00 20.24  ? 126 ALA A N   1 
ATOM   918  C CA  . ALA A 1 126 ? 10.817  11.786  -0.960  1.00 20.10  ? 126 ALA A CA  1 
ATOM   919  C C   . ALA A 1 126 ? 12.236  12.075  -1.381  1.00 18.67  ? 126 ALA A C   1 
ATOM   920  O O   . ALA A 1 126 ? 13.210  12.054  -0.630  1.00 21.01  ? 126 ALA A O   1 
ATOM   921  C CB  . ALA A 1 126 ? 10.506  10.286  -1.099  1.00 23.69  ? 126 ALA A CB  1 
ATOM   922  N N   . LEU A 1 127 ? 12.389  12.422  -2.673  1.00 20.51  ? 127 LEU A N   1 
ATOM   923  C CA  . LEU A 1 127 ? 13.667  12.681  -3.300  1.00 18.92  ? 127 LEU A CA  1 
ATOM   924  C C   . LEU A 1 127 ? 13.983  14.151  -3.533  1.00 23.30  ? 127 LEU A C   1 
ATOM   925  O O   . LEU A 1 127 ? 15.014  14.544  -4.076  1.00 21.84  ? 127 LEU A O   1 
ATOM   926  C CB  . LEU A 1 127 ? 13.655  11.952  -4.667  1.00 18.37  ? 127 LEU A CB  1 
ATOM   927  C CG  . LEU A 1 127 ? 13.445  10.430  -4.571  1.00 19.70  ? 127 LEU A CG  1 
ATOM   928  C CD1 . LEU A 1 127 ? 13.397  9.783   -5.939  1.00 24.39  ? 127 LEU A CD1 1 
ATOM   929  C CD2 . LEU A 1 127 ? 14.551  9.795   -3.727  1.00 23.19  ? 127 LEU A CD2 1 
ATOM   930  N N   . THR A 1 128 ? 13.087  15.040  -3.130  1.00 23.49  ? 128 THR A N   1 
ATOM   931  C CA  . THR A 1 128 ? 13.293  16.492  -3.287  1.00 24.03  ? 128 THR A CA  1 
ATOM   932  C C   . THR A 1 128 ? 14.346  17.022  -2.347  1.00 28.57  ? 128 THR A C   1 
ATOM   933  O O   . THR A 1 128 ? 14.334  16.769  -1.143  1.00 23.32  ? 128 THR A O   1 
ATOM   934  C CB  . THR A 1 128 ? 11.933  17.200  -3.097  1.00 18.55  ? 128 THR A CB  1 
ATOM   935  O OG1 . THR A 1 128 ? 11.195  16.979  -4.292  1.00 22.95  ? 128 THR A OG1 1 
ATOM   936  C CG2 . THR A 1 128 ? 12.112  18.690  -2.911  1.00 25.09  ? 128 THR A CG2 1 
ATOM   937  N N   . LYS A 1 129 ? 15.328  17.796  -2.825  1.00 23.53  ? 129 LYS A N   1 
ATOM   938  C CA  . LYS A 1 129 ? 16.409  18.244  -1.967  1.00 28.75  ? 129 LYS A CA  1 
ATOM   939  C C   . LYS A 1 129 ? 16.182  19.593  -1.286  1.00 31.30  ? 129 LYS A C   1 
ATOM   940  O O   . LYS A 1 129 ? 16.971  19.908  -0.411  1.00 29.51  ? 129 LYS A O   1 
ATOM   941  C CB  . LYS A 1 129 ? 17.731  18.348  -2.762  1.00 32.69  ? 129 LYS A CB  1 
ATOM   942  C CG  . LYS A 1 129 ? 18.138  17.029  -3.392  1.00 41.11  ? 129 LYS A CG  1 
ATOM   943  C CD  . LYS A 1 129 ? 19.531  17.159  -4.009  1.00 49.95  ? 129 LYS A CD  1 
ATOM   944  C CE  . LYS A 1 129 ? 19.465  16.839  -5.501  1.00 50.44  ? 129 LYS A CE  1 
ATOM   945  N NZ  . LYS A 1 129 ? 20.772  16.283  -5.971  1.00 52.50  ? 129 LYS A NZ  1 
ATOM   946  N N   . VAL A 1 130 ? 15.168  20.351  -1.655  1.00 27.49  ? 130 VAL A N   1 
ATOM   947  C CA  . VAL A 1 130 ? 14.757  21.560  -0.960  1.00 26.30  ? 130 VAL A CA  1 
ATOM   948  C C   . VAL A 1 130 ? 13.753  21.177  0.132   1.00 23.11  ? 130 VAL A C   1 
ATOM   949  O O   . VAL A 1 130 ? 12.635  20.781  -0.203  1.00 24.90  ? 130 VAL A O   1 
ATOM   950  C CB  . VAL A 1 130 ? 14.111  22.583  -1.916  1.00 27.27  ? 130 VAL A CB  1 
ATOM   951  C CG1 . VAL A 1 130 ? 13.695  23.808  -1.119  1.00 28.58  ? 130 VAL A CG1 1 
ATOM   952  C CG2 . VAL A 1 130 ? 15.066  22.949  -3.045  1.00 25.38  ? 130 VAL A CG2 1 
ATOM   953  N N   . TYR A 1 131 ? 14.185  21.265  1.397   1.00 24.66  ? 131 TYR A N   1 
ATOM   954  C CA  . TYR A 1 131 ? 13.365  20.765  2.504   1.00 29.76  ? 131 TYR A CA  1 
ATOM   955  C C   . TYR A 1 131 ? 11.923  21.235  2.460   1.00 23.44  ? 131 TYR A C   1 
ATOM   956  O O   . TYR A 1 131 ? 10.967  20.457  2.533   1.00 24.72  ? 131 TYR A O   1 
ATOM   957  C CB  . TYR A 1 131 ? 14.008  21.201  3.829   1.00 35.42  ? 131 TYR A CB  1 
ATOM   958  C CG  . TYR A 1 131 ? 13.386  20.590  5.070   1.00 36.70  ? 131 TYR A CG  1 
ATOM   959  C CD1 . TYR A 1 131 ? 13.385  19.216  5.271   1.00 38.26  ? 131 TYR A CD1 1 
ATOM   960  C CD2 . TYR A 1 131 ? 12.798  21.397  6.047   1.00 36.48  ? 131 TYR A CD2 1 
ATOM   961  C CE1 . TYR A 1 131 ? 12.816  18.635  6.401   1.00 43.09  ? 131 TYR A CE1 1 
ATOM   962  C CE2 . TYR A 1 131 ? 12.230  20.826  7.178   1.00 36.60  ? 131 TYR A CE2 1 
ATOM   963  C CZ  . TYR A 1 131 ? 12.242  19.452  7.352   1.00 37.41  ? 131 TYR A CZ  1 
ATOM   964  O OH  . TYR A 1 131 ? 11.680  18.895  8.486   1.00 45.44  ? 131 TYR A OH  1 
ATOM   965  N N   . SER A 1 132 ? 11.704  22.553  2.349   1.00 27.85  ? 132 SER A N   1 
ATOM   966  C CA  . SER A 1 132 ? 10.331  23.056  2.402   1.00 24.32  ? 132 SER A CA  1 
ATOM   967  C C   . SER A 1 132 ? 9.415   22.466  1.349   1.00 18.90  ? 132 SER A C   1 
ATOM   968  O O   . SER A 1 132 ? 8.239   22.190  1.505   1.00 23.92  ? 132 SER A O   1 
ATOM   969  C CB  . SER A 1 132 ? 10.324  24.593  2.219   1.00 26.41  ? 132 SER A CB  1 
ATOM   970  O OG  . SER A 1 132 ? 11.062  25.147  3.321   1.00 40.61  ? 132 SER A OG  1 
ATOM   971  N N   . TYR A 1 133 ? 9.995   22.250  0.140   1.00 19.54  ? 133 TYR A N   1 
ATOM   972  C CA  . TYR A 1 133 ? 9.191   21.764  -0.963  1.00 17.68  ? 133 TYR A CA  1 
ATOM   973  C C   . TYR A 1 133 ? 8.755   20.300  -0.801  1.00 17.37  ? 133 TYR A C   1 
ATOM   974  O O   . TYR A 1 133 ? 7.727   19.907  -1.373  1.00 20.65  ? 133 TYR A O   1 
ATOM   975  C CB  . TYR A 1 133 ? 9.987   21.848  -2.266  1.00 22.44  ? 133 TYR A CB  1 
ATOM   976  C CG  . TYR A 1 133 ? 10.310  23.251  -2.729  1.00 28.59  ? 133 TYR A CG  1 
ATOM   977  C CD1 . TYR A 1 133 ? 9.751   24.353  -2.116  1.00 30.12  ? 133 TYR A CD1 1 
ATOM   978  C CD2 . TYR A 1 133 ? 11.197  23.379  -3.798  1.00 34.05  ? 133 TYR A CD2 1 
ATOM   979  C CE1 . TYR A 1 133 ? 10.079  25.629  -2.575  1.00 34.51  ? 133 TYR A CE1 1 
ATOM   980  C CE2 . TYR A 1 133 ? 11.528  24.638  -4.267  1.00 34.97  ? 133 TYR A CE2 1 
ATOM   981  C CZ  . TYR A 1 133 ? 10.952  25.720  -3.639  1.00 30.43  ? 133 TYR A CZ  1 
ATOM   982  O OH  . TYR A 1 133 ? 11.286  26.978  -4.100  1.00 46.59  ? 133 TYR A OH  1 
ATOM   983  N N   . ARG A 1 134 ? 9.559   19.589  -0.004  1.00 23.00  ? 134 ARG A N   1 
ATOM   984  C CA  . ARG A 1 134 ? 9.110   18.205  0.321   1.00 20.77  ? 134 ARG A CA  1 
ATOM   985  C C   . ARG A 1 134 ? 7.676   18.152  0.779   1.00 19.90  ? 134 ARG A C   1 
ATOM   986  O O   . ARG A 1 134 ? 6.872   17.296  0.463   1.00 21.95  ? 134 ARG A O   1 
ATOM   987  C CB  . ARG A 1 134 ? 10.074  17.660  1.396   1.00 19.64  ? 134 ARG A CB  1 
ATOM   988  C CG  . ARG A 1 134 ? 11.487  17.408  0.904   1.00 24.95  ? 134 ARG A CG  1 
ATOM   989  C CD  . ARG A 1 134 ? 12.392  16.823  1.977   1.00 27.83  ? 134 ARG A CD  1 
ATOM   990  N NE  . ARG A 1 134 ? 12.102  15.401  2.203   1.00 22.02  ? 134 ARG A NE  1 
ATOM   991  C CZ  . ARG A 1 134 ? 12.608  14.411  1.497   1.00 29.48  ? 134 ARG A CZ  1 
ATOM   992  N NH1 . ARG A 1 134 ? 13.464  14.635  0.479   1.00 23.13  ? 134 ARG A NH1 1 
ATOM   993  N NH2 . ARG A 1 134 ? 12.264  13.174  1.814   1.00 24.97  ? 134 ARG A NH2 1 
ATOM   994  N N   . PHE A 1 135 ? 7.268   19.153  1.586   1.00 20.12  ? 135 PHE A N   1 
ATOM   995  C CA  . PHE A 1 135 ? 5.925   19.125  2.128   1.00 18.15  ? 135 PHE A CA  1 
ATOM   996  C C   . PHE A 1 135 ? 4.885   19.687  1.165   1.00 19.94  ? 135 PHE A C   1 
ATOM   997  O O   . PHE A 1 135 ? 3.709   19.423  1.302   1.00 19.42  ? 135 PHE A O   1 
ATOM   998  C CB  . PHE A 1 135 ? 5.932   19.960  3.415   1.00 23.44  ? 135 PHE A CB  1 
ATOM   999  C CG  . PHE A 1 135 ? 7.012   19.512  4.401   1.00 22.12  ? 135 PHE A CG  1 
ATOM   1000 C CD1 . PHE A 1 135 ? 6.681   18.405  5.204   1.00 29.58  ? 135 PHE A CD1 1 
ATOM   1001 C CD2 . PHE A 1 135 ? 8.222   20.121  4.516   1.00 20.60  ? 135 PHE A CD2 1 
ATOM   1002 C CE1 . PHE A 1 135 ? 7.661   17.993  6.100   1.00 24.69  ? 135 PHE A CE1 1 
ATOM   1003 C CE2 . PHE A 1 135 ? 9.190   19.718  5.416   1.00 32.15  ? 135 PHE A CE2 1 
ATOM   1004 C CZ  . PHE A 1 135 ? 8.869   18.628  6.225   1.00 24.18  ? 135 PHE A CZ  1 
ATOM   1005 N N   . VAL A 1 136 ? 5.321   20.455  0.140   1.00 18.62  ? 136 VAL A N   1 
ATOM   1006 C CA  . VAL A 1 136 ? 4.326   20.764  -0.888  1.00 19.79  ? 136 VAL A CA  1 
ATOM   1007 C C   . VAL A 1 136 ? 3.868   19.496  -1.591  1.00 15.56  ? 136 VAL A C   1 
ATOM   1008 O O   . VAL A 1 136 ? 2.702   19.297  -1.838  1.00 18.69  ? 136 VAL A O   1 
ATOM   1009 C CB  . VAL A 1 136 ? 4.933   21.759  -1.901  1.00 17.72  ? 136 VAL A CB  1 
ATOM   1010 C CG1 . VAL A 1 136 ? 3.987   21.988  -3.089  1.00 20.15  ? 136 VAL A CG1 1 
ATOM   1011 C CG2 . VAL A 1 136 ? 5.261   23.050  -1.180  1.00 22.53  ? 136 VAL A CG2 1 
ATOM   1012 N N   . TRP A 1 137 ? 4.843   18.590  -1.903  1.00 19.23  ? 137 TRP A N   1 
ATOM   1013 C CA  . TRP A 1 137 ? 4.513   17.328  -2.560  1.00 19.33  ? 137 TRP A CA  1 
ATOM   1014 C C   . TRP A 1 137 ? 3.719   16.433  -1.622  1.00 16.81  ? 137 TRP A C   1 
ATOM   1015 O O   . TRP A 1 137 ? 2.831   15.757  -2.082  1.00 18.08  ? 137 TRP A O   1 
ATOM   1016 C CB  . TRP A 1 137 ? 5.804   16.593  -3.015  1.00 16.37  ? 137 TRP A CB  1 
ATOM   1017 C CG  . TRP A 1 137 ? 6.541   17.420  -4.038  1.00 14.95  ? 137 TRP A CG  1 
ATOM   1018 C CD1 . TRP A 1 137 ? 7.698   18.102  -3.950  1.00 18.38  ? 137 TRP A CD1 1 
ATOM   1019 C CD2 . TRP A 1 137 ? 6.050   17.622  -5.398  1.00 17.66  ? 137 TRP A CD2 1 
ATOM   1020 N NE1 . TRP A 1 137 ? 7.988   18.729  -5.139  1.00 21.11  ? 137 TRP A NE1 1 
ATOM   1021 C CE2 . TRP A 1 137 ? 7.001   18.436  -6.022  1.00 18.22  ? 137 TRP A CE2 1 
ATOM   1022 C CE3 . TRP A 1 137 ? 4.921   17.157  -6.048  1.00 19.52  ? 137 TRP A CE3 1 
ATOM   1023 C CZ2 . TRP A 1 137 ? 6.822   18.821  -7.372  1.00 21.14  ? 137 TRP A CZ2 1 
ATOM   1024 C CZ3 . TRP A 1 137 ? 4.733   17.533  -7.384  1.00 27.96  ? 137 TRP A CZ3 1 
ATOM   1025 C CH2 . TRP A 1 137 ? 5.709   18.354  -7.966  1.00 17.90  ? 137 TRP A CH2 1 
ATOM   1026 N N   . TRP A 1 138 ? 4.089   16.510  -0.338  1.00 21.58  ? 138 TRP A N   1 
ATOM   1027 C CA  . TRP A 1 138 ? 3.250   15.754  0.626   1.00 21.45  ? 138 TRP A CA  1 
ATOM   1028 C C   . TRP A 1 138 ? 1.777   16.161  0.584   1.00 18.06  ? 138 TRP A C   1 
ATOM   1029 O O   . TRP A 1 138 ? 0.811   15.400  0.644   1.00 19.08  ? 138 TRP A O   1 
ATOM   1030 C CB  . TRP A 1 138 ? 3.885   15.924  2.024   1.00 18.95  ? 138 TRP A CB  1 
ATOM   1031 C CG  . TRP A 1 138 ? 3.072   15.251  3.106   1.00 20.63  ? 138 TRP A CG  1 
ATOM   1032 C CD1 . TRP A 1 138 ? 3.217   13.963  3.551   1.00 20.31  ? 138 TRP A CD1 1 
ATOM   1033 C CD2 . TRP A 1 138 ? 2.008   15.833  3.858   1.00 26.46  ? 138 TRP A CD2 1 
ATOM   1034 N NE1 . TRP A 1 138 ? 2.292   13.700  4.553   1.00 23.74  ? 138 TRP A NE1 1 
ATOM   1035 C CE2 . TRP A 1 138 ? 1.538   14.841  4.757   1.00 28.23  ? 138 TRP A CE2 1 
ATOM   1036 C CE3 . TRP A 1 138 ? 1.390   17.088  3.887   1.00 26.59  ? 138 TRP A CE3 1 
ATOM   1037 C CZ2 . TRP A 1 138 ? 0.484   15.078  5.660   1.00 31.18  ? 138 TRP A CZ2 1 
ATOM   1038 C CZ3 . TRP A 1 138 ? 0.349   17.323  4.773   1.00 35.12  ? 138 TRP A CZ3 1 
ATOM   1039 C CH2 . TRP A 1 138 ? -0.105  16.325  5.653   1.00 27.95  ? 138 TRP A CH2 1 
ATOM   1040 N N   . ALA A 1 139 ? 1.508   17.458  0.508   1.00 22.82  ? 139 ALA A N   1 
ATOM   1041 C CA  . ALA A 1 139 ? 0.149   17.969  0.531   1.00 21.17  ? 139 ALA A CA  1 
ATOM   1042 C C   . ALA A 1 139 ? -0.654  17.595  -0.692  1.00 14.65  ? 139 ALA A C   1 
ATOM   1043 O O   . ALA A 1 139 ? -1.809  17.260  -0.736  1.00 18.21  ? 139 ALA A O   1 
ATOM   1044 C CB  . ALA A 1 139 ? 0.217   19.509  0.581   1.00 21.99  ? 139 ALA A CB  1 
ATOM   1045 N N   . ILE A 1 140 ? 0.098   17.665  -1.848  1.00 20.62  ? 140 ILE A N   1 
ATOM   1046 C CA  . ILE A 1 140 ? -0.607  17.288  -3.074  1.00 17.35  ? 140 ILE A CA  1 
ATOM   1047 C C   . ILE A 1 140 ? -0.964  15.803  -3.044  1.00 13.66  ? 140 ILE A C   1 
ATOM   1048 O O   . ILE A 1 140 ? -1.996  15.390  -3.467  1.00 18.24  ? 140 ILE A O   1 
ATOM   1049 C CB  . ILE A 1 140 ? 0.189   17.620  -4.355  1.00 21.45  ? 140 ILE A CB  1 
ATOM   1050 C CG1 . ILE A 1 140 ? 0.324   19.114  -4.690  1.00 20.26  ? 140 ILE A CG1 1 
ATOM   1051 C CG2 . ILE A 1 140 ? -0.443  16.921  -5.555  1.00 21.66  ? 140 ILE A CG2 1 
ATOM   1052 C CD1 . ILE A 1 140 ? 1.639   19.475  -5.374  1.00 22.21  ? 140 ILE A CD1 1 
ATOM   1053 N N   . SER A 1 141 ? -0.019  15.005  -2.533  1.00 19.41  ? 141 SER A N   1 
ATOM   1054 C CA  . SER A 1 141 ? -0.259  13.550  -2.481  1.00 17.71  ? 141 SER A CA  1 
ATOM   1055 C C   . SER A 1 141 ? -1.416  13.235  -1.537  1.00 14.72  ? 141 SER A C   1 
ATOM   1056 O O   . SER A 1 141 ? -2.273  12.389  -1.728  1.00 18.44  ? 141 SER A O   1 
ATOM   1057 C CB  . SER A 1 141 ? 1.047   12.880  -2.008  1.00 16.29  ? 141 SER A CB  1 
ATOM   1058 O OG  . SER A 1 141 ? 0.856   11.463  -1.866  1.00 19.00  ? 141 SER A OG  1 
ATOM   1059 N N   . THR A 1 142 ? -1.421  13.954  -0.420  1.00 20.20  ? 142 THR A N   1 
ATOM   1060 C CA  . THR A 1 142 ? -2.488  13.745  0.581   1.00 18.85  ? 142 THR A CA  1 
ATOM   1061 C C   . THR A 1 142 ? -3.793  14.115  -0.076  1.00 21.04  ? 142 THR A C   1 
ATOM   1062 O O   . THR A 1 142 ? -4.838  13.507  0.045   1.00 20.68  ? 142 THR A O   1 
ATOM   1063 C CB  . THR A 1 142 ? -2.165  14.569  1.843   1.00 24.51  ? 142 THR A CB  1 
ATOM   1064 O OG1 . THR A 1 142 ? -1.033  13.983  2.503   1.00 22.92  ? 142 THR A OG1 1 
ATOM   1065 C CG2 . THR A 1 142 ? -3.286  14.566  2.883   1.00 24.25  ? 142 THR A CG2 1 
ATOM   1066 N N   . ALA A 1 143 ? -3.803  15.179  -0.892  1.00 22.32  ? 143 ALA A N   1 
ATOM   1067 C CA  . ALA A 1 143 ? -5.096  15.538  -1.468  1.00 17.54  ? 143 ALA A CA  1 
ATOM   1068 C C   . ALA A 1 143 ? -5.593  14.483  -2.449  1.00 18.90  ? 143 ALA A C   1 
ATOM   1069 O O   . ALA A 1 143 ? -6.765  14.219  -2.600  1.00 23.30  ? 143 ALA A O   1 
ATOM   1070 C CB  . ALA A 1 143 ? -4.966  16.917  -2.119  1.00 21.70  ? 143 ALA A CB  1 
ATOM   1071 N N   . ALA A 1 144 ? -4.678  13.771  -3.125  1.00 22.97  ? 144 ALA A N   1 
ATOM   1072 C CA  . ALA A 1 144 ? -5.049  12.646  -3.992  1.00 26.34  ? 144 ALA A CA  1 
ATOM   1073 C C   . ALA A 1 144 ? -5.657  11.481  -3.192  1.00 18.49  ? 144 ALA A C   1 
ATOM   1074 O O   . ALA A 1 144 ? -6.612  10.853  -3.638  1.00 19.38  ? 144 ALA A O   1 
ATOM   1075 C CB  . ALA A 1 144 ? -3.828  12.232  -4.835  1.00 17.71  ? 144 ALA A CB  1 
ATOM   1076 N N   . MET A 1 145 ? -5.076  11.277  -2.004  1.00 21.01  ? 145 MET A N   1 
ATOM   1077 C CA  . MET A 1 145 ? -5.495  10.262  -1.065  1.00 20.15  ? 145 MET A CA  1 
ATOM   1078 C C   . MET A 1 145 ? -6.909  10.529  -0.562  1.00 17.17  ? 145 MET A C   1 
ATOM   1079 O O   . MET A 1 145 ? -7.769  9.674   -0.533  1.00 19.60  ? 145 MET A O   1 
ATOM   1080 C CB  . MET A 1 145 ? -4.567  10.175  0.176   1.00 19.18  ? 145 MET A CB  1 
ATOM   1081 C CG  . MET A 1 145 ? -4.993  8.885   0.962   1.00 17.11  ? 145 MET A CG  1 
ATOM   1082 S SD  . MET A 1 145 ? -4.185  8.824   2.581   1.00 24.29  ? 145 MET A SD  1 
ATOM   1083 C CE  . MET A 1 145 ? -5.078  10.248  3.298   1.00 28.54  ? 145 MET A CE  1 
ATOM   1084 N N   . LEU A 1 146 ? -7.100  11.797  -0.180  1.00 20.51  ? 146 LEU A N   1 
ATOM   1085 C CA  . LEU A 1 146 ? -8.463  12.200  0.211   1.00 20.65  ? 146 LEU A CA  1 
ATOM   1086 C C   . LEU A 1 146 ? -9.472  12.101  -0.894  1.00 22.70  ? 146 LEU A C   1 
ATOM   1087 O O   . LEU A 1 146 ? -10.642 11.751  -0.709  1.00 24.71  ? 146 LEU A O   1 
ATOM   1088 C CB  . LEU A 1 146 ? -8.391  13.642  0.737   1.00 22.83  ? 146 LEU A CB  1 
ATOM   1089 C CG  . LEU A 1 146 ? -7.525  13.813  1.990   1.00 23.83  ? 146 LEU A CG  1 
ATOM   1090 C CD1 . LEU A 1 146 ? -7.376  15.266  2.414   1.00 29.17  ? 146 LEU A CD1 1 
ATOM   1091 C CD2 . LEU A 1 146 ? -8.189  13.003  3.103   1.00 31.13  ? 146 LEU A CD2 1 
ATOM   1092 N N   . TYR A 1 147 ? -9.116  12.385  -2.164  1.00 21.60  ? 147 TYR A N   1 
ATOM   1093 C CA  . TYR A 1 147 ? -10.017 12.081  -3.259  1.00 18.98  ? 147 TYR A CA  1 
ATOM   1094 C C   . TYR A 1 147 ? -10.365 10.597  -3.335  1.00 19.01  ? 147 TYR A C   1 
ATOM   1095 O O   . TYR A 1 147 ? -11.511 10.155  -3.522  1.00 23.36  ? 147 TYR A O   1 
ATOM   1096 C CB  . TYR A 1 147 ? -9.348  12.615  -4.557  1.00 25.15  ? 147 TYR A CB  1 
ATOM   1097 C CG  . TYR A 1 147 ? -10.216 12.280  -5.745  1.00 23.10  ? 147 TYR A CG  1 
ATOM   1098 C CD1 . TYR A 1 147 ? -11.391 12.993  -5.953  1.00 32.15  ? 147 TYR A CD1 1 
ATOM   1099 C CD2 . TYR A 1 147 ? -9.877  11.264  -6.610  1.00 26.72  ? 147 TYR A CD2 1 
ATOM   1100 C CE1 . TYR A 1 147 ? -12.202 12.695  -7.026  1.00 39.58  ? 147 TYR A CE1 1 
ATOM   1101 C CE2 . TYR A 1 147 ? -10.692 10.965  -7.683  1.00 32.01  ? 147 TYR A CE2 1 
ATOM   1102 C CZ  . TYR A 1 147 ? -11.847 11.681  -7.885  1.00 34.95  ? 147 TYR A CZ  1 
ATOM   1103 O OH  . TYR A 1 147 ? -12.679 11.404  -8.951  1.00 31.31  ? 147 TYR A OH  1 
ATOM   1104 N N   . ILE A 1 148 ? -9.348  9.731   -3.186  1.00 21.23  ? 148 ILE A N   1 
ATOM   1105 C CA  . ILE A 1 148 ? -9.600  8.304   -3.265  1.00 19.81  ? 148 ILE A CA  1 
ATOM   1106 C C   . ILE A 1 148 ? -10.570 7.868   -2.174  1.00 28.78  ? 148 ILE A C   1 
ATOM   1107 O O   . ILE A 1 148 ? -11.533 7.157   -2.446  1.00 29.31  ? 148 ILE A O   1 
ATOM   1108 C CB  . ILE A 1 148 ? -8.264  7.528   -3.191  1.00 27.60  ? 148 ILE A CB  1 
ATOM   1109 C CG1 . ILE A 1 148 ? -7.394  7.625   -4.461  1.00 26.26  ? 148 ILE A CG1 1 
ATOM   1110 C CG2 . ILE A 1 148 ? -8.476  6.075   -2.856  1.00 21.02  ? 148 ILE A CG2 1 
ATOM   1111 C CD1 . ILE A 1 148 ? -5.916  7.299   -4.269  1.00 19.07  ? 148 ILE A CD1 1 
ATOM   1112 N N   . LEU A 1 149 ? -10.322 8.318   -0.945  1.00 24.36  ? 149 LEU A N   1 
ATOM   1113 C CA  . LEU A 1 149 ? -11.200 7.930   0.170   1.00 26.74  ? 149 LEU A CA  1 
ATOM   1114 C C   . LEU A 1 149 ? -12.608 8.457   -0.078  1.00 29.99  ? 149 LEU A C   1 
ATOM   1115 O O   . LEU A 1 149 ? -13.616 7.771   0.151   1.00 32.86  ? 149 LEU A O   1 
ATOM   1116 C CB  . LEU A 1 149 ? -10.597 8.424   1.483   1.00 26.66  ? 149 LEU A CB  1 
ATOM   1117 C CG  . LEU A 1 149 ? -9.137  8.101   1.828   1.00 36.33  ? 149 LEU A CG  1 
ATOM   1118 C CD1 . LEU A 1 149 ? -8.748  8.641   3.193   1.00 30.60  ? 149 LEU A CD1 1 
ATOM   1119 C CD2 . LEU A 1 149 ? -8.878  6.601   1.725   1.00 39.58  ? 149 LEU A CD2 1 
ATOM   1120 N N   . TYR A 1 150 ? -12.715 9.687   -0.586  1.00 25.21  ? 150 TYR A N   1 
ATOM   1121 C CA  . TYR A 1 150 ? -14.010 10.248  -0.976  1.00 29.84  ? 150 TYR A CA  1 
ATOM   1122 C C   . TYR A 1 150 ? -14.796 9.402   -1.936  1.00 26.91  ? 150 TYR A C   1 
ATOM   1123 O O   . TYR A 1 150 ? -15.992 9.101   -1.903  1.00 30.40  ? 150 TYR A O   1 
ATOM   1124 C CB  . TYR A 1 150 ? -13.734 11.600  -1.656  1.00 31.05  ? 150 TYR A CB  1 
ATOM   1125 C CG  . TYR A 1 150 ? -14.946 12.225  -2.286  1.00 43.36  ? 150 TYR A CG  1 
ATOM   1126 C CD1 . TYR A 1 150 ? -15.981 12.717  -1.501  1.00 44.31  ? 150 TYR A CD1 1 
ATOM   1127 C CD2 . TYR A 1 150 ? -15.048 12.332  -3.669  1.00 53.87  ? 150 TYR A CD2 1 
ATOM   1128 C CE1 . TYR A 1 150 ? -17.097 13.299  -2.076  1.00 48.14  ? 150 TYR A CE1 1 
ATOM   1129 C CE2 . TYR A 1 150 ? -16.157 12.913  -4.254  1.00 59.89  ? 150 TYR A CE2 1 
ATOM   1130 C CZ  . TYR A 1 150 ? -17.172 13.393  -3.453  1.00 60.37  ? 150 TYR A CZ  1 
ATOM   1131 O OH  . TYR A 1 150 ? -18.278 13.968  -4.041  1.00 79.67  ? 150 TYR A OH  1 
ATOM   1132 N N   . VAL A 1 151 ? -14.087 8.929   -2.971  1.00 24.76  ? 151 VAL A N   1 
ATOM   1133 C CA  . VAL A 1 151 ? -14.761 8.104   -3.959  1.00 22.72  ? 151 VAL A CA  1 
ATOM   1134 C C   . VAL A 1 151 ? -15.180 6.751   -3.416  1.00 25.42  ? 151 VAL A C   1 
ATOM   1135 O O   . VAL A 1 151 ? -16.213 6.172   -3.766  1.00 29.42  ? 151 VAL A O   1 
ATOM   1136 C CB  . VAL A 1 151 ? -13.811 7.897   -5.155  1.00 25.74  ? 151 VAL A CB  1 
ATOM   1137 C CG1 . VAL A 1 151 ? -14.340 6.824   -6.098  1.00 29.71  ? 151 VAL A CG1 1 
ATOM   1138 C CG2 . VAL A 1 151 ? -13.594 9.225   -5.881  1.00 32.29  ? 151 VAL A CG2 1 
ATOM   1139 N N   . LEU A 1 152 ? -14.348 6.200   -2.536  1.00 25.91  ? 152 LEU A N   1 
ATOM   1140 C CA  . LEU A 1 152 ? -14.678 4.933   -1.901  1.00 23.88  ? 152 LEU A CA  1 
ATOM   1141 C C   . LEU A 1 152 ? -15.928 5.070   -1.041  1.00 32.80  ? 152 LEU A C   1 
ATOM   1142 O O   . LEU A 1 152 ? -16.572 4.056   -0.814  1.00 29.35  ? 152 LEU A O   1 
ATOM   1143 C CB  . LEU A 1 152 ? -13.524 4.457   -1.011  1.00 27.18  ? 152 LEU A CB  1 
ATOM   1144 C CG  . LEU A 1 152 ? -12.203 4.162   -1.740  1.00 30.54  ? 152 LEU A CG  1 
ATOM   1145 C CD1 . LEU A 1 152 ? -11.137 3.777   -0.733  1.00 30.07  ? 152 LEU A CD1 1 
ATOM   1146 C CD2 . LEU A 1 152 ? -12.431 3.062   -2.770  1.00 27.72  ? 152 LEU A CD2 1 
ATOM   1147 N N   . PHE A 1 153 ? -16.239 6.270   -0.548  1.00 35.15  ? 153 PHE A N   1 
ATOM   1148 C CA  . PHE A 1 153 ? -17.419 6.434   0.324   1.00 41.62  ? 153 PHE A CA  1 
ATOM   1149 C C   . PHE A 1 153 ? -18.627 7.007   -0.404  1.00 37.93  ? 153 PHE A C   1 
ATOM   1150 O O   . PHE A 1 153 ? -19.766 6.800   0.054   1.00 41.22  ? 153 PHE A O   1 
ATOM   1151 C CB  . PHE A 1 153 ? -17.135 7.331   1.534   1.00 35.71  ? 153 PHE A CB  1 
ATOM   1152 C CG  . PHE A 1 153 ? -16.377 6.757   2.716   1.00 38.93  ? 153 PHE A CG  1 
ATOM   1153 C CD1 . PHE A 1 153 ? -17.005 5.901   3.614   1.00 46.72  ? 153 PHE A CD1 1 
ATOM   1154 C CD2 . PHE A 1 153 ? -15.057 7.067   2.936   1.00 33.87  ? 153 PHE A CD2 1 
ATOM   1155 C CE1 . PHE A 1 153 ? -16.294 5.382   4.690   1.00 44.47  ? 153 PHE A CE1 1 
ATOM   1156 C CE2 . PHE A 1 153 ? -14.328 6.573   4.001   1.00 40.97  ? 153 PHE A CE2 1 
ATOM   1157 C CZ  . PHE A 1 153 ? -14.971 5.727   4.890   1.00 47.10  ? 153 PHE A CZ  1 
ATOM   1158 N N   . PHE A 1 154 ? -18.448 7.735   -1.500  1.00 35.84  ? 154 PHE A N   1 
ATOM   1159 C CA  . PHE A 1 154 ? -19.531 8.483   -2.118  1.00 38.67  ? 154 PHE A CA  1 
ATOM   1160 C C   . PHE A 1 154 ? -19.727 8.277   -3.619  1.00 50.72  ? 154 PHE A C   1 
ATOM   1161 O O   . PHE A 1 154 ? -20.615 8.976   -4.141  1.00 38.25  ? 154 PHE A O   1 
ATOM   1162 C CB  . PHE A 1 154 ? -19.281 9.992   -1.925  1.00 41.96  ? 154 PHE A CB  1 
ATOM   1163 C CG  . PHE A 1 154 ? -19.234 10.481  -0.496  1.00 47.95  ? 154 PHE A CG  1 
ATOM   1164 C CD1 . PHE A 1 154 ? -20.367 10.952  0.146   1.00 47.94  ? 154 PHE A CD1 1 
ATOM   1165 C CD2 . PHE A 1 154 ? -18.045 10.473  0.217   1.00 44.68  ? 154 PHE A CD2 1 
ATOM   1166 C CE1 . PHE A 1 154 ? -20.319 11.400  1.457   1.00 40.23  ? 154 PHE A CE1 1 
ATOM   1167 C CE2 . PHE A 1 154 ? -17.990 10.917  1.520   1.00 44.31  ? 154 PHE A CE2 1 
ATOM   1168 C CZ  . PHE A 1 154 ? -19.125 11.381  2.149   1.00 39.20  ? 154 PHE A CZ  1 
ATOM   1169 N N   . GLY A 1 155 ? -18.954 7.414   -4.254  1.00 59.69  ? 155 GLY A N   1 
ATOM   1170 C CA  . GLY A 1 155 ? -18.836 7.110   -5.661  1.00 47.53  ? 155 GLY A CA  1 
ATOM   1171 C C   . GLY A 1 155 ? -19.462 5.813   -6.144  1.00 51.33  ? 155 GLY A C   1 
ATOM   1172 O O   . GLY A 1 155 ? -19.470 5.531   -7.352  1.00 52.12  ? 155 GLY A O   1 
ATOM   1173 N N   . PHE A 1 156 ? -19.985 5.004   -5.235  1.00 53.82  ? 156 PHE A N   1 
ATOM   1174 C CA  . PHE A 1 156 ? -20.636 3.732   -5.425  1.00 42.88  ? 156 PHE A CA  1 
ATOM   1175 C C   . PHE A 1 156 ? -22.108 3.751   -4.993  1.00 53.89  ? 156 PHE A C   1 
ATOM   1176 O O   . PHE A 1 156 ? -22.530 2.792   -4.322  1.00 50.68  ? 156 PHE A O   1 
ATOM   1177 C CB  . PHE A 1 156 ? -19.960 2.603   -4.625  1.00 40.57  ? 156 PHE A CB  1 
ATOM   1178 C CG  . PHE A 1 156 ? -18.472 2.504   -4.932  1.00 47.06  ? 156 PHE A CG  1 
ATOM   1179 C CD1 . PHE A 1 156 ? -18.043 2.449   -6.246  1.00 53.98  ? 156 PHE A CD1 1 
ATOM   1180 C CD2 . PHE A 1 156 ? -17.529 2.482   -3.931  1.00 44.94  ? 156 PHE A CD2 1 
ATOM   1181 C CE1 . PHE A 1 156 ? -16.699 2.382   -6.547  1.00 54.20  ? 156 PHE A CE1 1 
ATOM   1182 C CE2 . PHE A 1 156 ? -16.179 2.396   -4.220  1.00 41.30  ? 156 PHE A CE2 1 
ATOM   1183 C CZ  . PHE A 1 156 ? -15.759 2.340   -5.532  1.00 52.53  ? 156 PHE A CZ  1 
ATOM   1184 N N   . SER A 1 162 ? -26.568 -0.999  -3.344  1.00 105.17 ? 162 SER A N   1 
ATOM   1185 C CA  . SER A 1 162 ? -27.683 -1.876  -3.709  1.00 95.82  ? 162 SER A CA  1 
ATOM   1186 C C   . SER A 1 162 ? -27.190 -3.054  -4.551  1.00 107.78 ? 162 SER A C   1 
ATOM   1187 O O   . SER A 1 162 ? -27.384 -3.052  -5.774  1.00 151.36 ? 162 SER A O   1 
ATOM   1188 C CB  . SER A 1 162 ? -28.763 -1.087  -4.455  1.00 85.52  ? 162 SER A CB  1 
ATOM   1189 O OG  . SER A 1 162 ? -29.959 -1.821  -4.642  1.00 78.63  ? 162 SER A OG  1 
ATOM   1190 N N   . MET A 1 163 ? -26.566 -4.031  -3.905  1.00 98.72  ? 163 MET A N   1 
ATOM   1191 C CA  . MET A 1 163 ? -25.955 -5.218  -4.493  1.00 83.22  ? 163 MET A CA  1 
ATOM   1192 C C   . MET A 1 163 ? -26.241 -6.462  -3.660  1.00 74.75  ? 163 MET A C   1 
ATOM   1193 O O   . MET A 1 163 ? -27.051 -6.409  -2.729  1.00 99.59  ? 163 MET A O   1 
ATOM   1194 C CB  . MET A 1 163 ? -24.440 -4.990  -4.601  1.00 77.97  ? 163 MET A CB  1 
ATOM   1195 C CG  . MET A 1 163 ? -23.885 -4.346  -3.329  1.00 74.89  ? 163 MET A CG  1 
ATOM   1196 S SD  . MET A 1 163 ? -22.635 -3.100  -3.681  1.00 68.69  ? 163 MET A SD  1 
ATOM   1197 C CE  . MET A 1 163 ? -22.709 -2.054  -2.230  1.00 50.03  ? 163 MET A CE  1 
ATOM   1198 N N   . ARG A 1 164 ? -25.613 -7.610  -3.930  1.00 56.75  ? 164 ARG A N   1 
ATOM   1199 C CA  . ARG A 1 164 ? -25.881 -8.751  -3.051  1.00 50.60  ? 164 ARG A CA  1 
ATOM   1200 C C   . ARG A 1 164 ? -25.373 -8.371  -1.663  1.00 43.43  ? 164 ARG A C   1 
ATOM   1201 O O   . ARG A 1 164 ? -24.294 -7.773  -1.557  1.00 39.69  ? 164 ARG A O   1 
ATOM   1202 C CB  . ARG A 1 164 ? -25.253 -10.054 -3.545  1.00 49.60  ? 164 ARG A CB  1 
ATOM   1203 C CG  . ARG A 1 164 ? -24.096 -9.846  -4.509  1.00 69.99  ? 164 ARG A CG  1 
ATOM   1204 C CD  . ARG A 1 164 ? -24.009 -10.903 -5.597  1.00 76.28  ? 164 ARG A CD  1 
ATOM   1205 N NE  . ARG A 1 164 ? -23.201 -12.045 -5.195  1.00 65.59  ? 164 ARG A NE  1 
ATOM   1206 C CZ  . ARG A 1 164 ? -22.056 -12.469 -5.691  1.00 55.74  ? 164 ARG A CZ  1 
ATOM   1207 N NH1 . ARG A 1 164 ? -21.457 -11.861 -6.699  1.00 44.41  ? 164 ARG A NH1 1 
ATOM   1208 N NH2 . ARG A 1 164 ? -21.503 -13.549 -5.140  1.00 53.33  ? 164 ARG A NH2 1 
ATOM   1209 N N   . PRO A 1 165 ? -26.149 -8.708  -0.648  1.00 35.52  ? 165 PRO A N   1 
ATOM   1210 C CA  . PRO A 1 165 ? -25.836 -8.311  0.724   1.00 45.57  ? 165 PRO A CA  1 
ATOM   1211 C C   . PRO A 1 165 ? -24.400 -8.703  1.078   1.00 49.20  ? 165 PRO A C   1 
ATOM   1212 O O   . PRO A 1 165 ? -23.740 -7.925  1.755   1.00 48.58  ? 165 PRO A O   1 
ATOM   1213 C CB  . PRO A 1 165 ? -26.793 -9.104  1.599   1.00 54.22  ? 165 PRO A CB  1 
ATOM   1214 C CG  . PRO A 1 165 ? -27.431 -10.111 0.690   1.00 50.27  ? 165 PRO A CG  1 
ATOM   1215 C CD  . PRO A 1 165 ? -27.391 -9.506  -0.686  1.00 45.28  ? 165 PRO A CD  1 
ATOM   1216 N N   . GLU A 1 166 ? -24.000 -9.882  0.625   1.00 38.76  ? 166 GLU A N   1 
ATOM   1217 C CA  . GLU A 1 166 ? -22.673 -10.406 0.909   1.00 37.89  ? 166 GLU A CA  1 
ATOM   1218 C C   . GLU A 1 166 ? -21.608 -9.542  0.254   1.00 43.42  ? 166 GLU A C   1 
ATOM   1219 O O   . GLU A 1 166 ? -20.518 -9.339  0.782   1.00 42.51  ? 166 GLU A O   1 
ATOM   1220 C CB  . GLU A 1 166 ? -22.545 -11.847 0.404   1.00 39.59  ? 166 GLU A CB  1 
ATOM   1221 C CG  . GLU A 1 166 ? -23.658 -12.182 -0.582  1.00 49.72  ? 166 GLU A CG  1 
ATOM   1222 C CD  . GLU A 1 166 ? -23.320 -13.378 -1.454  1.00 58.89  ? 166 GLU A CD  1 
ATOM   1223 O OE1 . GLU A 1 166 ? -22.129 -13.745 -1.544  1.00 75.75  ? 166 GLU A OE1 1 
ATOM   1224 O OE2 . GLU A 1 166 ? -24.268 -13.953 -2.034  1.00 96.13  ? 166 GLU A OE2 1 
ATOM   1225 N N   . VAL A 1 167 ? -21.901 -9.004  -0.938  1.00 42.99  ? 167 VAL A N   1 
ATOM   1226 C CA  . VAL A 1 167 ? -20.850 -8.147  -1.490  1.00 39.79  ? 167 VAL A CA  1 
ATOM   1227 C C   . VAL A 1 167 ? -20.691 -6.904  -0.624  1.00 39.95  ? 167 VAL A C   1 
ATOM   1228 O O   . VAL A 1 167 ? -19.598 -6.511  -0.226  1.00 44.76  ? 167 VAL A O   1 
ATOM   1229 C CB  . VAL A 1 167 ? -21.178 -7.751  -2.932  1.00 45.45  ? 167 VAL A CB  1 
ATOM   1230 C CG1 . VAL A 1 167 ? -20.314 -6.580  -3.371  1.00 39.41  ? 167 VAL A CG1 1 
ATOM   1231 C CG2 . VAL A 1 167 ? -20.990 -8.950  -3.852  1.00 42.63  ? 167 VAL A CG2 1 
ATOM   1232 N N   . ALA A 1 168 ? -21.832 -6.278  -0.326  1.00 42.23  ? 168 ALA A N   1 
ATOM   1233 C CA  . ALA A 1 168 ? -21.808 -5.020  0.426   1.00 30.86  ? 168 ALA A CA  1 
ATOM   1234 C C   . ALA A 1 168 ? -21.070 -5.172  1.738   1.00 29.64  ? 168 ALA A C   1 
ATOM   1235 O O   . ALA A 1 168 ? -20.192 -4.404  2.126   1.00 42.37  ? 168 ALA A O   1 
ATOM   1236 C CB  . ALA A 1 168 ? -23.252 -4.554  0.610   1.00 39.29  ? 168 ALA A CB  1 
ATOM   1237 N N   . SER A 1 169 ? -21.408 -6.236  2.481   1.00 29.30  ? 169 SER A N   1 
ATOM   1238 C CA  . SER A 1 169 ? -20.774 -6.426  3.793   1.00 36.13  ? 169 SER A CA  1 
ATOM   1239 C C   . SER A 1 169 ? -19.261 -6.538  3.790   1.00 39.61  ? 169 SER A C   1 
ATOM   1240 O O   . SER A 1 169 ? -18.549 -5.991  4.650   1.00 42.63  ? 169 SER A O   1 
ATOM   1241 C CB  . SER A 1 169 ? -21.353 -7.720  4.391   1.00 33.53  ? 169 SER A CB  1 
ATOM   1242 O OG  . SER A 1 169 ? -20.808 -7.987  5.666   1.00 47.14  ? 169 SER A OG  1 
ATOM   1243 N N   . THR A 1 170 ? -18.749 -7.305  2.822   1.00 35.92  ? 170 THR A N   1 
ATOM   1244 C CA  . THR A 1 170 ? -17.289 -7.497  2.770   1.00 34.58  ? 170 THR A CA  1 
ATOM   1245 C C   . THR A 1 170 ? -16.692 -6.197  2.245   1.00 28.39  ? 170 THR A C   1 
ATOM   1246 O O   . THR A 1 170 ? -15.631 -5.812  2.724   1.00 28.93  ? 170 THR A O   1 
ATOM   1247 C CB  . THR A 1 170 ? -16.880 -8.684  1.898   1.00 38.24  ? 170 THR A CB  1 
ATOM   1248 O OG1 . THR A 1 170 ? -17.277 -9.898  2.568   1.00 33.70  ? 170 THR A OG1 1 
ATOM   1249 C CG2 . THR A 1 170 ? -15.376 -8.820  1.726   1.00 29.16  ? 170 THR A CG2 1 
ATOM   1250 N N   . PHE A 1 171 ? -17.431 -5.597  1.303   1.00 35.96  ? 171 PHE A N   1 
ATOM   1251 C CA  . PHE A 1 171 ? -16.934 -4.335  0.762   1.00 33.93  ? 171 PHE A CA  1 
ATOM   1252 C C   . PHE A 1 171 ? -16.877 -3.320  1.891   1.00 38.53  ? 171 PHE A C   1 
ATOM   1253 O O   . PHE A 1 171 ? -15.922 -2.562  2.055   1.00 28.10  ? 171 PHE A O   1 
ATOM   1254 C CB  . PHE A 1 171 ? -17.795 -3.819  -0.384  1.00 32.05  ? 171 PHE A CB  1 
ATOM   1255 C CG  . PHE A 1 171 ? -17.442 -2.362  -0.660  1.00 41.14  ? 171 PHE A CG  1 
ATOM   1256 C CD1 . PHE A 1 171 ? -16.226 -2.071  -1.261  1.00 47.05  ? 171 PHE A CD1 1 
ATOM   1257 C CD2 . PHE A 1 171 ? -18.297 -1.334  -0.320  1.00 42.05  ? 171 PHE A CD2 1 
ATOM   1258 C CE1 . PHE A 1 171 ? -15.852 -0.771  -1.507  1.00 36.72  ? 171 PHE A CE1 1 
ATOM   1259 C CE2 . PHE A 1 171 ? -17.938 -0.024  -0.572  1.00 33.46  ? 171 PHE A CE2 1 
ATOM   1260 C CZ  . PHE A 1 171 ? -16.732 0.246   -1.181  1.00 33.46  ? 171 PHE A CZ  1 
ATOM   1261 N N   . LYS A 1 172 ? -17.914 -3.290  2.734   1.00 37.22  ? 172 LYS A N   1 
ATOM   1262 C CA  . LYS A 1 172 ? -17.821 -2.271  3.794   1.00 35.29  ? 172 LYS A CA  1 
ATOM   1263 C C   . LYS A 1 172 ? -16.702 -2.503  4.780   1.00 29.37  ? 172 LYS A C   1 
ATOM   1264 O O   . LYS A 1 172 ? -16.074 -1.587  5.310   1.00 31.31  ? 172 LYS A O   1 
ATOM   1265 C CB  . LYS A 1 172 ? -19.192 -2.161  4.498   1.00 38.02  ? 172 LYS A CB  1 
ATOM   1266 C CG  . LYS A 1 172 ? -20.168 -1.401  3.590   1.00 41.85  ? 172 LYS A CG  1 
ATOM   1267 C CD  . LYS A 1 172 ? -21.518 -1.133  4.230   1.00 40.39  ? 172 LYS A CD  1 
ATOM   1268 C CE  . LYS A 1 172 ? -22.560 -0.875  3.159   1.00 48.05  ? 172 LYS A CE  1 
ATOM   1269 N NZ  . LYS A 1 172 ? -23.546 -1.988  3.028   1.00 70.83  ? 172 LYS A NZ  1 
ATOM   1270 N N   . VAL A 1 173 ? -16.377 -3.755  5.105   1.00 34.30  ? 173 VAL A N   1 
ATOM   1271 C CA  . VAL A 1 173 ? -15.293 -3.985  6.042   1.00 21.89  ? 173 VAL A CA  1 
ATOM   1272 C C   . VAL A 1 173 ? -13.945 -3.588  5.433   1.00 28.75  ? 173 VAL A C   1 
ATOM   1273 O O   . VAL A 1 173 ? -13.114 -2.968  6.116   1.00 31.73  ? 173 VAL A O   1 
ATOM   1274 C CB  . VAL A 1 173 ? -15.202 -5.452  6.490   1.00 26.20  ? 173 VAL A CB  1 
ATOM   1275 C CG1 . VAL A 1 173 ? -14.010 -5.676  7.418   1.00 27.42  ? 173 VAL A CG1 1 
ATOM   1276 C CG2 . VAL A 1 173 ? -16.490 -5.870  7.201   1.00 30.46  ? 173 VAL A CG2 1 
ATOM   1277 N N   . LEU A 1 174 ? -13.736 -3.968  4.164   1.00 27.82  ? 174 LEU A N   1 
ATOM   1278 C CA  . LEU A 1 174 ? -12.385 -3.720  3.601   1.00 24.93  ? 174 LEU A CA  1 
ATOM   1279 C C   . LEU A 1 174 ? -12.215 -2.219  3.390   1.00 32.65  ? 174 LEU A C   1 
ATOM   1280 O O   . LEU A 1 174 ? -11.121 -1.682  3.544   1.00 32.42  ? 174 LEU A O   1 
ATOM   1281 C CB  . LEU A 1 174 ? -12.206 -4.528  2.316   1.00 26.24  ? 174 LEU A CB  1 
ATOM   1282 C CG  . LEU A 1 174 ? -12.275 -6.052  2.501   1.00 21.72  ? 174 LEU A CG  1 
ATOM   1283 C CD1 . LEU A 1 174 ? -12.173 -6.792  1.190   1.00 26.93  ? 174 LEU A CD1 1 
ATOM   1284 C CD2 . LEU A 1 174 ? -11.174 -6.491  3.434   1.00 30.19  ? 174 LEU A CD2 1 
ATOM   1285 N N   . ARG A 1 175 ? -13.344 -1.572  3.060   1.00 30.01  ? 175 ARG A N   1 
ATOM   1286 C CA  . ARG A 1 175 ? -13.322 -0.130  2.867   1.00 31.52  ? 175 ARG A CA  1 
ATOM   1287 C C   . ARG A 1 175 ? -12.902 0.520   4.174   1.00 32.36  ? 175 ARG A C   1 
ATOM   1288 O O   . ARG A 1 175 ? -12.107 1.449   4.198   1.00 30.66  ? 175 ARG A O   1 
ATOM   1289 C CB  . ARG A 1 175 ? -14.659 0.487   2.410   1.00 39.06  ? 175 ARG A CB  1 
ATOM   1290 C CG  . ARG A 1 175 ? -14.527 2.007   2.388   1.00 31.01  ? 175 ARG A CG  1 
ATOM   1291 C CD  . ARG A 1 175 ? -15.767 2.746   1.974   1.00 37.52  ? 175 ARG A CD  1 
ATOM   1292 N NE  . ARG A 1 175 ? -16.940 2.413   2.757   1.00 30.06  ? 175 ARG A NE  1 
ATOM   1293 C CZ  . ARG A 1 175 ? -18.184 2.488   2.297   1.00 34.17  ? 175 ARG A CZ  1 
ATOM   1294 N NH1 . ARG A 1 175 ? -18.497 2.885   1.067   1.00 43.20  ? 175 ARG A NH1 1 
ATOM   1295 N NH2 . ARG A 1 175 ? -19.159 2.145   3.132   1.00 45.16  ? 175 ARG A NH2 1 
ATOM   1296 N N   . ASN A 1 176 ? -13.410 0.004   5.298   1.00 30.11  ? 176 ASN A N   1 
ATOM   1297 C CA  . ASN A 1 176 ? -13.057 0.626   6.568   1.00 25.87  ? 176 ASN A CA  1 
ATOM   1298 C C   . ASN A 1 176 ? -11.612 0.379   6.957   1.00 28.30  ? 176 ASN A C   1 
ATOM   1299 O O   . ASN A 1 176 ? -10.872 1.185   7.511   1.00 24.08  ? 176 ASN A O   1 
ATOM   1300 C CB  . ASN A 1 176 ? -14.017 0.099   7.657   1.00 31.54  ? 176 ASN A CB  1 
ATOM   1301 C CG  . ASN A 1 176 ? -15.417 0.666   7.469   1.00 41.01  ? 176 ASN A CG  1 
ATOM   1302 O OD1 . ASN A 1 176 ? -15.609 1.701   6.829   1.00 39.36  ? 176 ASN A OD1 1 
ATOM   1303 N ND2 . ASN A 1 176 ? -16.429 0.006   8.032   1.00 34.16  ? 176 ASN A ND2 1 
ATOM   1304 N N   . VAL A 1 177 ? -11.170 -0.844  6.664   1.00 24.72  ? 177 VAL A N   1 
ATOM   1305 C CA  . VAL A 1 177 ? -9.787  -1.202  6.859   1.00 25.47  ? 177 VAL A CA  1 
ATOM   1306 C C   . VAL A 1 177 ? -8.899  -0.282  6.025   1.00 20.54  ? 177 VAL A C   1 
ATOM   1307 O O   . VAL A 1 177 ? -7.859  0.176   6.465   1.00 23.90  ? 177 VAL A O   1 
ATOM   1308 C CB  . VAL A 1 177 ? -9.496  -2.670  6.446   1.00 23.76  ? 177 VAL A CB  1 
ATOM   1309 C CG1 . VAL A 1 177 ? -7.987  -2.864  6.428   1.00 23.41  ? 177 VAL A CG1 1 
ATOM   1310 C CG2 . VAL A 1 177 ? -10.160 -3.650  7.404   1.00 29.06  ? 177 VAL A CG2 1 
ATOM   1311 N N   . THR A 1 178 ? -9.387  -0.065  4.794   1.00 30.92  ? 178 THR A N   1 
ATOM   1312 C CA  . THR A 1 178 ? -8.535  0.742   3.891   1.00 28.50  ? 178 THR A CA  1 
ATOM   1313 C C   . THR A 1 178 ? -8.403  2.170   4.390   1.00 20.13  ? 178 THR A C   1 
ATOM   1314 O O   . THR A 1 178 ? -7.317  2.749   4.482   1.00 23.24  ? 178 THR A O   1 
ATOM   1315 C CB  . THR A 1 178 ? -9.100  0.587   2.464   1.00 27.16  ? 178 THR A CB  1 
ATOM   1316 O OG1 . THR A 1 178 ? -8.918  -0.798  2.083   1.00 29.67  ? 178 THR A OG1 1 
ATOM   1317 C CG2 . THR A 1 178 ? -8.357  1.443   1.446   1.00 32.71  ? 178 THR A CG2 1 
ATOM   1318 N N   . VAL A 1 179 ? -9.517  2.817   4.727   1.00 24.66  ? 179 VAL A N   1 
ATOM   1319 C CA  . VAL A 1 179 ? -9.403  4.225   5.132   1.00 22.13  ? 179 VAL A CA  1 
ATOM   1320 C C   . VAL A 1 179 ? -8.564  4.407   6.353   1.00 21.15  ? 179 VAL A C   1 
ATOM   1321 O O   . VAL A 1 179 ? -7.703  5.245   6.589   1.00 25.14  ? 179 VAL A O   1 
ATOM   1322 C CB  . VAL A 1 179 ? -10.854 4.733   5.373   1.00 28.29  ? 179 VAL A CB  1 
ATOM   1323 C CG1 . VAL A 1 179 ? -10.853 6.147   5.919   1.00 33.72  ? 179 VAL A CG1 1 
ATOM   1324 C CG2 . VAL A 1 179 ? -11.668 4.580   4.092   1.00 31.67  ? 179 VAL A CG2 1 
ATOM   1325 N N   . VAL A 1 180 ? -8.787  3.473   7.335   1.00 25.20  ? 180 VAL A N   1 
ATOM   1326 C CA  . VAL A 1 180 ? -7.965  3.614   8.536   1.00 22.85  ? 180 VAL A CA  1 
ATOM   1327 C C   . VAL A 1 180 ? -6.497  3.424   8.343   1.00 18.89  ? 180 VAL A C   1 
ATOM   1328 O O   . VAL A 1 180 ? -5.598  4.099   8.809   1.00 23.93  ? 180 VAL A O   1 
ATOM   1329 C CB  . VAL A 1 180 ? -8.420  2.561   9.591   1.00 24.35  ? 180 VAL A CB  1 
ATOM   1330 C CG1 . VAL A 1 180 ? -7.502  2.597   10.796  1.00 24.60  ? 180 VAL A CG1 1 
ATOM   1331 C CG2 . VAL A 1 180 ? -9.852  2.870   10.001  1.00 30.12  ? 180 VAL A CG2 1 
ATOM   1332 N N   . LEU A 1 181 ? -6.134  2.347   7.595   1.00 24.54  ? 181 LEU A N   1 
ATOM   1333 C CA  . LEU A 1 181 ? -4.698  2.138   7.436   1.00 26.13  ? 181 LEU A CA  1 
ATOM   1334 C C   . LEU A 1 181 ? -4.032  3.146   6.473   1.00 16.24  ? 181 LEU A C   1 
ATOM   1335 O O   . LEU A 1 181 ? -2.970  3.626   6.773   1.00 21.70  ? 181 LEU A O   1 
ATOM   1336 C CB  . LEU A 1 181 ? -4.474  0.714   6.895   1.00 22.16  ? 181 LEU A CB  1 
ATOM   1337 C CG  . LEU A 1 181 ? -5.012  -0.399  7.795   1.00 27.62  ? 181 LEU A CG  1 
ATOM   1338 C CD1 . LEU A 1 181 ? -4.954  -1.714  7.028   1.00 26.84  ? 181 LEU A CD1 1 
ATOM   1339 C CD2 . LEU A 1 181 ? -4.243  -0.473  9.100   1.00 27.91  ? 181 LEU A CD2 1 
ATOM   1340 N N   . TRP A 1 182 ? -4.698  3.335   5.330   1.00 21.05  ? 182 TRP A N   1 
ATOM   1341 C CA  . TRP A 1 182 ? -4.007  4.224   4.360   1.00 17.14  ? 182 TRP A CA  1 
ATOM   1342 C C   . TRP A 1 182 ? -3.868  5.606   4.947   1.00 20.70  ? 182 TRP A C   1 
ATOM   1343 O O   . TRP A 1 182 ? -2.893  6.288   4.649   1.00 21.24  ? 182 TRP A O   1 
ATOM   1344 C CB  . TRP A 1 182 ? -4.815  4.267   3.077   1.00 19.90  ? 182 TRP A CB  1 
ATOM   1345 C CG  . TRP A 1 182 ? -4.833  3.017   2.260   1.00 23.79  ? 182 TRP A CG  1 
ATOM   1346 C CD1 . TRP A 1 182 ? -4.830  1.709   2.692   1.00 20.34  ? 182 TRP A CD1 1 
ATOM   1347 C CD2 . TRP A 1 182 ? -4.847  2.973   0.822   1.00 26.66  ? 182 TRP A CD2 1 
ATOM   1348 N NE1 . TRP A 1 182 ? -4.855  0.847   1.591   1.00 21.55  ? 182 TRP A NE1 1 
ATOM   1349 C CE2 . TRP A 1 182 ? -4.861  1.616   0.442   1.00 27.79  ? 182 TRP A CE2 1 
ATOM   1350 C CE3 . TRP A 1 182 ? -4.854  3.975   -0.146  1.00 26.05  ? 182 TRP A CE3 1 
ATOM   1351 C CZ2 . TRP A 1 182 ? -4.880  1.276   -0.897  1.00 25.85  ? 182 TRP A CZ2 1 
ATOM   1352 C CZ3 . TRP A 1 182 ? -4.873  3.632   -1.479  1.00 22.46  ? 182 TRP A CZ3 1 
ATOM   1353 C CH2 . TRP A 1 182 ? -4.887  2.274   -1.832  1.00 18.39  ? 182 TRP A CH2 1 
ATOM   1354 N N   . SER A 1 183 ? -4.840  6.012   5.806   1.00 24.95  ? 183 SER A N   1 
ATOM   1355 C CA  . SER A 1 183 ? -4.714  7.376   6.355   1.00 21.54  ? 183 SER A CA  1 
ATOM   1356 C C   . SER A 1 183 ? -3.517  7.583   7.240   1.00 23.19  ? 183 SER A C   1 
ATOM   1357 O O   . SER A 1 183 ? -2.955  8.649   7.521   1.00 24.20  ? 183 SER A O   1 
ATOM   1358 C CB  . SER A 1 183 ? -5.981  7.723   7.167   1.00 21.89  ? 183 SER A CB  1 
ATOM   1359 O OG  . SER A 1 183 ? -7.066  7.809   6.286   1.00 28.21  ? 183 SER A OG  1 
ATOM   1360 N N   . ALA A 1 184 ? -2.978  6.489   7.819   1.00 20.98  ? 184 ALA A N   1 
ATOM   1361 C CA  . ALA A 1 184 ? -1.820  6.606   8.661   1.00 18.42  ? 184 ALA A CA  1 
ATOM   1362 C C   . ALA A 1 184 ? -0.527  6.853   7.907   1.00 16.68  ? 184 ALA A C   1 
ATOM   1363 O O   . ALA A 1 184 ? 0.429   7.412   8.408   1.00 19.02  ? 184 ALA A O   1 
ATOM   1364 C CB  . ALA A 1 184 ? -1.671  5.316   9.499   1.00 21.91  ? 184 ALA A CB  1 
ATOM   1365 N N   . TYR A 1 185 ? -0.485  6.414   6.633   1.00 21.54  ? 185 TYR A N   1 
ATOM   1366 C CA  . TYR A 1 185 ? 0.794   6.572   5.920   1.00 21.13  ? 185 TYR A CA  1 
ATOM   1367 C C   . TYR A 1 185 ? 1.274   8.011   5.794   1.00 14.62  ? 185 TYR A C   1 
ATOM   1368 O O   . TYR A 1 185 ? 2.403   8.311   6.057   1.00 19.33  ? 185 TYR A O   1 
ATOM   1369 C CB  . TYR A 1 185 ? 0.674   5.927   4.513   1.00 20.64  ? 185 TYR A CB  1 
ATOM   1370 C CG  . TYR A 1 185 ? 0.704   4.409   4.488   1.00 22.31  ? 185 TYR A CG  1 
ATOM   1371 C CD1 . TYR A 1 185 ? -0.408  3.645   4.803   1.00 26.19  ? 185 TYR A CD1 1 
ATOM   1372 C CD2 . TYR A 1 185 ? 1.883   3.732   4.147   1.00 18.93  ? 185 TYR A CD2 1 
ATOM   1373 C CE1 . TYR A 1 185 ? -0.406  2.256   4.790   1.00 19.36  ? 185 TYR A CE1 1 
ATOM   1374 C CE2 . TYR A 1 185 ? 1.892   2.334   4.138   1.00 23.29  ? 185 TYR A CE2 1 
ATOM   1375 C CZ  . TYR A 1 185 ? 0.770   1.608   4.457   1.00 24.10  ? 185 TYR A CZ  1 
ATOM   1376 O OH  . TYR A 1 185 ? 0.728   0.227   4.450   1.00 24.68  ? 185 TYR A OH  1 
ATOM   1377 N N   . PRO A 1 186 ? 0.412   8.963   5.384   1.00 20.30  ? 186 PRO A N   1 
ATOM   1378 C CA  . PRO A 1 186 ? 0.889   10.348  5.339   1.00 20.72  ? 186 PRO A CA  1 
ATOM   1379 C C   . PRO A 1 186 ? 1.351   10.882  6.662   1.00 18.81  ? 186 PRO A C   1 
ATOM   1380 O O   . PRO A 1 186 ? 2.283   11.669  6.777   1.00 19.79  ? 186 PRO A O   1 
ATOM   1381 C CB  . PRO A 1 186 ? -0.355  11.112  4.876   1.00 21.16  ? 186 PRO A CB  1 
ATOM   1382 C CG  . PRO A 1 186 ? -1.516  10.175  4.889   1.00 24.98  ? 186 PRO A CG  1 
ATOM   1383 C CD  . PRO A 1 186 ? -0.935  8.783   4.870   1.00 21.17  ? 186 PRO A CD  1 
ATOM   1384 N N   . VAL A 1 187 ? 0.700   10.418  7.758   1.00 21.25  ? 187 VAL A N   1 
ATOM   1385 C CA  . VAL A 1 187 ? 1.214   10.854  9.052   1.00 17.41  ? 187 VAL A CA  1 
ATOM   1386 C C   . VAL A 1 187 ? 2.612   10.386  9.377   1.00 15.77  ? 187 VAL A C   1 
ATOM   1387 O O   . VAL A 1 187 ? 3.540   11.031  9.835   1.00 17.61  ? 187 VAL A O   1 
ATOM   1388 C CB  . VAL A 1 187 ? 0.217   10.325  10.124  1.00 21.88  ? 187 VAL A CB  1 
ATOM   1389 C CG1 . VAL A 1 187 ? 0.671   10.761  11.512  1.00 23.75  ? 187 VAL A CG1 1 
ATOM   1390 C CG2 . VAL A 1 187 ? -1.177  10.838  9.823   1.00 24.17  ? 187 VAL A CG2 1 
ATOM   1391 N N   . VAL A 1 188 ? 2.863   9.086   9.056   1.00 21.06  ? 188 VAL A N   1 
ATOM   1392 C CA  . VAL A 1 188 ? 4.153   8.475   9.359   1.00 22.54  ? 188 VAL A CA  1 
ATOM   1393 C C   . VAL A 1 188 ? 5.243   9.189   8.579   1.00 18.72  ? 188 VAL A C   1 
ATOM   1394 O O   . VAL A 1 188 ? 6.291   9.511   9.084   1.00 20.81  ? 188 VAL A O   1 
ATOM   1395 C CB  . VAL A 1 188 ? 4.168   6.975   9.000   1.00 18.40  ? 188 VAL A CB  1 
ATOM   1396 C CG1 . VAL A 1 188 ? 5.565   6.395   9.219   1.00 19.94  ? 188 VAL A CG1 1 
ATOM   1397 C CG2 . VAL A 1 188 ? 3.108   6.233   9.789   1.00 22.25  ? 188 VAL A CG2 1 
ATOM   1398 N N   . TRP A 1 189 ? 4.918   9.414   7.299   1.00 21.44  ? 189 TRP A N   1 
ATOM   1399 C CA  . TRP A 1 189 ? 5.891   10.084  6.424   1.00 21.39  ? 189 TRP A CA  1 
ATOM   1400 C C   . TRP A 1 189 ? 6.218   11.487  6.926   1.00 16.94  ? 189 TRP A C   1 
ATOM   1401 O O   . TRP A 1 189 ? 7.355   11.953  6.985   1.00 18.75  ? 189 TRP A O   1 
ATOM   1402 C CB  . TRP A 1 189 ? 5.272   10.062  5.027   1.00 21.14  ? 189 TRP A CB  1 
ATOM   1403 C CG  . TRP A 1 189 ? 6.078   10.468  3.841   1.00 29.05  ? 189 TRP A CG  1 
ATOM   1404 C CD1 . TRP A 1 189 ? 6.542   9.615   2.860   1.00 26.54  ? 189 TRP A CD1 1 
ATOM   1405 C CD2 . TRP A 1 189 ? 6.517   11.778  3.466   1.00 23.10  ? 189 TRP A CD2 1 
ATOM   1406 N NE1 . TRP A 1 189 ? 7.240   10.318  1.923   1.00 25.17  ? 189 TRP A NE1 1 
ATOM   1407 C CE2 . TRP A 1 189 ? 7.245   11.643  2.261   1.00 24.64  ? 189 TRP A CE2 1 
ATOM   1408 C CE3 . TRP A 1 189 ? 6.384   13.052  4.035   1.00 18.45  ? 189 TRP A CE3 1 
ATOM   1409 C CZ2 . TRP A 1 189 ? 7.821   12.725  1.608   1.00 22.37  ? 189 TRP A CZ2 1 
ATOM   1410 C CZ3 . TRP A 1 189 ? 6.953   14.121  3.394   1.00 22.20  ? 189 TRP A CZ3 1 
ATOM   1411 C CH2 . TRP A 1 189 ? 7.668   13.956  2.191   1.00 24.40  ? 189 TRP A CH2 1 
ATOM   1412 N N   . LEU A 1 190 ? 5.124   12.176  7.310   1.00 21.27  ? 190 LEU A N   1 
ATOM   1413 C CA  . LEU A 1 190 ? 5.284   13.543  7.826   1.00 21.91  ? 190 LEU A CA  1 
ATOM   1414 C C   . LEU A 1 190 ? 6.136   13.663  9.074   1.00 22.67  ? 190 LEU A C   1 
ATOM   1415 O O   . LEU A 1 190 ? 6.951   14.582  9.232   1.00 28.12  ? 190 LEU A O   1 
ATOM   1416 C CB  . LEU A 1 190 ? 3.894   14.121  8.094   1.00 21.40  ? 190 LEU A CB  1 
ATOM   1417 C CG  . LEU A 1 190 ? 3.832   15.556  8.610   1.00 25.55  ? 190 LEU A CG  1 
ATOM   1418 C CD1 . LEU A 1 190 ? 4.396   16.547  7.624   1.00 33.95  ? 190 LEU A CD1 1 
ATOM   1419 C CD2 . LEU A 1 190 ? 2.360   15.852  8.928   1.00 29.63  ? 190 LEU A CD2 1 
ATOM   1420 N N   . ILE A 1 191 ? 6.000   12.723  10.007  1.00 29.31  ? 191 ILE A N   1 
ATOM   1421 C CA  . ILE A 1 191 ? 6.767   12.858  11.249  1.00 23.46  ? 191 ILE A CA  1 
ATOM   1422 C C   . ILE A 1 191 ? 8.076   12.098  11.184  1.00 25.87  ? 191 ILE A C   1 
ATOM   1423 O O   . ILE A 1 191 ? 8.936   12.244  12.031  1.00 25.34  ? 191 ILE A O   1 
ATOM   1424 C CB  . ILE A 1 191 ? 5.914   12.354  12.428  1.00 26.76  ? 191 ILE A CB  1 
ATOM   1425 C CG1 . ILE A 1 191 ? 5.575   10.873  12.389  1.00 31.26  ? 191 ILE A CG1 1 
ATOM   1426 C CG2 . ILE A 1 191 ? 4.628   13.158  12.477  1.00 32.31  ? 191 ILE A CG2 1 
ATOM   1427 C CD1 . ILE A 1 191 ? 4.315   10.533  13.178  1.00 43.88  ? 191 ILE A CD1 1 
ATOM   1428 N N   . GLY A 1 192 ? 8.232   11.243  10.155  1.00 26.92  ? 192 GLY A N   1 
ATOM   1429 C CA  . GLY A 1 192 ? 9.436   10.458  10.030  1.00 21.43  ? 192 GLY A CA  1 
ATOM   1430 C C   . GLY A 1 192 ? 10.537  11.036  9.199   1.00 29.38  ? 192 GLY A C   1 
ATOM   1431 O O   . GLY A 1 192 ? 10.606  12.255  9.062   1.00 28.33  ? 192 GLY A O   1 
ATOM   1432 N N   . SER A 1 193 ? 11.437  10.188  8.686   1.00 24.78  ? 193 SER A N   1 
ATOM   1433 C CA  . SER A 1 193 ? 12.711  10.612  8.145   1.00 27.62  ? 193 SER A CA  1 
ATOM   1434 C C   . SER A 1 193 ? 12.593  11.355  6.807   1.00 26.99  ? 193 SER A C   1 
ATOM   1435 O O   . SER A 1 193 ? 13.541  12.093  6.551   1.00 29.24  ? 193 SER A O   1 
ATOM   1436 C CB  . SER A 1 193 ? 13.632  9.398   7.861   1.00 25.78  ? 193 SER A CB  1 
ATOM   1437 O OG  . SER A 1 193 ? 12.853  8.521   7.033   1.00 30.18  ? 193 SER A OG  1 
ATOM   1438 N N   . GLU A 1 194 ? 11.517  11.109  6.078   1.00 27.17  ? 194 GLU A N   1 
ATOM   1439 C CA  . GLU A 1 194 ? 11.200  11.771  4.818   1.00 25.06  ? 194 GLU A CA  1 
ATOM   1440 C C   . GLU A 1 194 ? 10.702  13.201  5.027   1.00 32.75  ? 194 GLU A C   1 
ATOM   1441 O O   . GLU A 1 194 ? 10.746  14.039  4.120   1.00 27.65  ? 194 GLU A O   1 
ATOM   1442 C CB  . GLU A 1 194 ? 10.088  11.028  4.049   1.00 24.47  ? 194 GLU A CB  1 
ATOM   1443 C CG  . GLU A 1 194 ? 10.594  9.951   3.113   1.00 42.08  ? 194 GLU A CG  1 
ATOM   1444 C CD  . GLU A 1 194 ? 10.861  8.615   3.762   1.00 44.33  ? 194 GLU A CD  1 
ATOM   1445 O OE1 . GLU A 1 194 ? 9.877   7.896   4.051   1.00 58.89  ? 194 GLU A OE1 1 
ATOM   1446 O OE2 . GLU A 1 194 ? 12.036  8.271   3.971   1.00 71.30  ? 194 GLU A OE2 1 
ATOM   1447 N N   . GLY A 1 195 ? 10.208  13.423  6.247   1.00 21.97  ? 195 GLY A N   1 
ATOM   1448 C CA  . GLY A 1 195 ? 9.509   14.679  6.544   1.00 24.18  ? 195 GLY A CA  1 
ATOM   1449 C C   . GLY A 1 195 ? 10.214  15.450  7.651   1.00 23.64  ? 195 GLY A C   1 
ATOM   1450 O O   . GLY A 1 195 ? 11.314  15.966  7.528   1.00 28.74  ? 195 GLY A O   1 
ATOM   1451 N N   . ALA A 1 196 ? 9.560   15.568  8.801   1.00 29.29  ? 196 ALA A N   1 
ATOM   1452 C CA  . ALA A 1 196 ? 10.093  16.419  9.886   1.00 33.67  ? 196 ALA A CA  1 
ATOM   1453 C C   . ALA A 1 196 ? 11.139  15.703  10.713  1.00 29.09  ? 196 ALA A C   1 
ATOM   1454 O O   . ALA A 1 196 ? 11.860  16.341  11.489  1.00 26.80  ? 196 ALA A O   1 
ATOM   1455 C CB  . ALA A 1 196 ? 8.929   16.938  10.728  1.00 27.34  ? 196 ALA A CB  1 
ATOM   1456 N N   . GLY A 1 197 ? 11.311  14.385  10.607  1.00 30.52  ? 197 GLY A N   1 
ATOM   1457 C CA  . GLY A 1 197 ? 12.487  13.806  11.279  1.00 26.70  ? 197 GLY A CA  1 
ATOM   1458 C C   . GLY A 1 197 ? 12.295  13.727  12.802  1.00 25.62  ? 197 GLY A C   1 
ATOM   1459 O O   . GLY A 1 197 ? 13.315  13.654  13.490  1.00 33.69  ? 197 GLY A O   1 
ATOM   1460 N N   . ILE A 1 198 ? 11.078  13.714  13.267  1.00 25.16  ? 198 ILE A N   1 
ATOM   1461 C CA  . ILE A 1 198 ? 10.603  13.598  14.630  1.00 37.58  ? 198 ILE A CA  1 
ATOM   1462 C C   . ILE A 1 198 ? 10.732  12.186  15.186  1.00 42.11  ? 198 ILE A C   1 
ATOM   1463 O O   . ILE A 1 198 ? 11.063  11.950  16.347  1.00 38.25  ? 198 ILE A O   1 
ATOM   1464 C CB  . ILE A 1 198 ? 9.102   13.968  14.657  1.00 39.48  ? 198 ILE A CB  1 
ATOM   1465 C CG1 . ILE A 1 198 ? 8.888   15.457  14.396  1.00 44.35  ? 198 ILE A CG1 1 
ATOM   1466 C CG2 . ILE A 1 198 ? 8.451   13.489  15.933  1.00 55.74  ? 198 ILE A CG2 1 
ATOM   1467 C CD1 . ILE A 1 198 ? 7.442   15.817  14.110  1.00 37.61  ? 198 ILE A CD1 1 
ATOM   1468 N N   . VAL A 1 199 ? 10.457  11.223  14.329  1.00 26.54  ? 199 VAL A N   1 
ATOM   1469 C CA  . VAL A 1 199 ? 10.489  9.785   14.583  1.00 24.57  ? 199 VAL A CA  1 
ATOM   1470 C C   . VAL A 1 199 ? 11.665  9.176   13.839  1.00 37.04  ? 199 VAL A C   1 
ATOM   1471 O O   . VAL A 1 199 ? 11.809  9.375   12.633  1.00 30.80  ? 199 VAL A O   1 
ATOM   1472 C CB  . VAL A 1 199 ? 9.174   9.161   14.135  1.00 27.93  ? 199 VAL A CB  1 
ATOM   1473 C CG1 . VAL A 1 199 ? 9.232   7.640   14.082  1.00 31.63  ? 199 VAL A CG1 1 
ATOM   1474 C CG2 . VAL A 1 199 ? 8.059   9.647   15.079  1.00 35.39  ? 199 VAL A CG2 1 
ATOM   1475 N N   . PRO A 1 200 ? 12.539  8.470   14.529  1.00 30.44  ? 200 PRO A N   1 
ATOM   1476 C CA  . PRO A 1 200 ? 13.729  7.903   13.895  1.00 26.97  ? 200 PRO A CA  1 
ATOM   1477 C C   . PRO A 1 200 ? 13.422  6.902   12.785  1.00 21.74  ? 200 PRO A C   1 
ATOM   1478 O O   . PRO A 1 200 ? 12.364  6.282   12.754  1.00 26.43  ? 200 PRO A O   1 
ATOM   1479 C CB  . PRO A 1 200 ? 14.379  7.148   15.071  1.00 34.95  ? 200 PRO A CB  1 
ATOM   1480 C CG  . PRO A 1 200 ? 13.878  7.835   16.299  1.00 36.82  ? 200 PRO A CG  1 
ATOM   1481 C CD  . PRO A 1 200 ? 12.446  8.191   15.978  1.00 32.94  ? 200 PRO A CD  1 
ATOM   1482 N N   . LEU A 1 201 ? 14.365  6.676   11.866  1.00 29.21  ? 201 LEU A N   1 
ATOM   1483 C CA  . LEU A 1 201 ? 14.101  5.756   10.751  1.00 27.17  ? 201 LEU A CA  1 
ATOM   1484 C C   . LEU A 1 201 ? 13.718  4.342   11.168  1.00 29.83  ? 201 LEU A C   1 
ATOM   1485 O O   . LEU A 1 201 ? 12.896  3.672   10.530  1.00 27.41  ? 201 LEU A O   1 
ATOM   1486 C CB  . LEU A 1 201 ? 15.352  5.708   9.851   1.00 25.92  ? 201 LEU A CB  1 
ATOM   1487 C CG  . LEU A 1 201 ? 15.277  4.719   8.672   1.00 22.91  ? 201 LEU A CG  1 
ATOM   1488 C CD1 . LEU A 1 201 ? 14.013  4.859   7.864   1.00 24.35  ? 201 LEU A CD1 1 
ATOM   1489 C CD2 . LEU A 1 201 ? 16.526  4.885   7.805   1.00 26.42  ? 201 LEU A CD2 1 
ATOM   1490 N N   . ASN A 1 202 ? 14.334  3.839   12.249  1.00 26.75  ? 202 ASN A N   1 
ATOM   1491 C CA  . ASN A 1 202 ? 14.012  2.470   12.653  1.00 27.14  ? 202 ASN A CA  1 
ATOM   1492 C C   . ASN A 1 202 ? 12.600  2.379   13.178  1.00 27.38  ? 202 ASN A C   1 
ATOM   1493 O O   . ASN A 1 202 ? 11.921  1.377   12.938  1.00 27.94  ? 202 ASN A O   1 
ATOM   1494 C CB  . ASN A 1 202 ? 15.004  1.940   13.694  1.00 41.80  ? 202 ASN A CB  1 
ATOM   1495 C CG  . ASN A 1 202 ? 14.741  2.444   15.093  1.00 50.18  ? 202 ASN A CG  1 
ATOM   1496 O OD1 . ASN A 1 202 ? 14.461  1.666   16.008  1.00 47.18  ? 202 ASN A OD1 1 
ATOM   1497 N ND2 . ASN A 1 202 ? 14.836  3.759   15.238  1.00 44.35  ? 202 ASN A ND2 1 
ATOM   1498 N N   . ILE A 1 203 ? 12.105  3.400   13.894  1.00 28.62  ? 203 ILE A N   1 
ATOM   1499 C CA  . ILE A 1 203 ? 10.706  3.254   14.318  1.00 19.83  ? 203 ILE A CA  1 
ATOM   1500 C C   . ILE A 1 203 ? 9.755   3.453   13.163  1.00 20.90  ? 203 ILE A C   1 
ATOM   1501 O O   . ILE A 1 203 ? 8.677   2.915   12.977  1.00 26.98  ? 203 ILE A O   1 
ATOM   1502 C CB  . ILE A 1 203 ? 10.355  4.303   15.410  1.00 30.15  ? 203 ILE A CB  1 
ATOM   1503 C CG1 . ILE A 1 203 ? 11.178  4.203   16.686  1.00 36.64  ? 203 ILE A CG1 1 
ATOM   1504 C CG2 . ILE A 1 203 ? 8.867   4.230   15.726  1.00 31.35  ? 203 ILE A CG2 1 
ATOM   1505 C CD1 . ILE A 1 203 ? 10.865  2.957   17.494  1.00 60.05  ? 203 ILE A CD1 1 
ATOM   1506 N N   . GLU A 1 204 ? 10.198  4.332   12.246  1.00 27.17  ? 204 GLU A N   1 
ATOM   1507 C CA  . GLU A 1 204 ? 9.366   4.561   11.075  1.00 27.88  ? 204 GLU A CA  1 
ATOM   1508 C C   . GLU A 1 204 ? 9.194   3.292   10.253  1.00 18.85  ? 204 GLU A C   1 
ATOM   1509 O O   . GLU A 1 204 ? 8.138   2.978   9.757   1.00 21.22  ? 204 GLU A O   1 
ATOM   1510 C CB  . GLU A 1 204 ? 10.027  5.626   10.185  1.00 24.27  ? 204 GLU A CB  1 
ATOM   1511 C CG  . GLU A 1 204 ? 9.422   5.589   8.779   1.00 28.06  ? 204 GLU A CG  1 
ATOM   1512 C CD  . GLU A 1 204 ? 9.849   6.823   8.016   1.00 25.99  ? 204 GLU A CD  1 
ATOM   1513 O OE1 . GLU A 1 204 ? 10.935  7.366   8.275   1.00 28.42  ? 204 GLU A OE1 1 
ATOM   1514 O OE2 . GLU A 1 204 ? 9.050   7.230   7.150   1.00 45.46  ? 204 GLU A OE2 1 
ATOM   1515 N N   . THR A 1 205 ? 10.324  2.586   10.121  1.00 27.40  ? 205 THR A N   1 
ATOM   1516 C CA  . THR A 1 205 ? 10.318  1.372   9.304   1.00 25.65  ? 205 THR A CA  1 
ATOM   1517 C C   . THR A 1 205 ? 9.463   0.331   9.993   1.00 27.53  ? 205 THR A C   1 
ATOM   1518 O O   . THR A 1 205 ? 8.728   -0.430  9.383   1.00 20.09  ? 205 THR A O   1 
ATOM   1519 C CB  . THR A 1 205 ? 11.753  0.851   9.087   1.00 24.22  ? 205 THR A CB  1 
ATOM   1520 O OG1 . THR A 1 205 ? 12.510  1.862   8.424   1.00 20.05  ? 205 THR A OG1 1 
ATOM   1521 C CG2 . THR A 1 205 ? 11.760  -0.402  8.218   1.00 20.30  ? 205 THR A CG2 1 
ATOM   1522 N N   . LEU A 1 206 ? 9.483   0.288   11.330  1.00 23.51  ? 206 LEU A N   1 
ATOM   1523 C CA  . LEU A 1 206 ? 8.548   -0.606  12.024  1.00 27.16  ? 206 LEU A CA  1 
ATOM   1524 C C   . LEU A 1 206 ? 7.111   -0.271  11.754  1.00 21.70  ? 206 LEU A C   1 
ATOM   1525 O O   . LEU A 1 206 ? 6.227   -1.069  11.470  1.00 25.80  ? 206 LEU A O   1 
ATOM   1526 C CB  . LEU A 1 206 ? 8.903   -0.508  13.531  1.00 23.08  ? 206 LEU A CB  1 
ATOM   1527 C CG  . LEU A 1 206 ? 7.835   -1.082  14.462  1.00 33.80  ? 206 LEU A CG  1 
ATOM   1528 C CD1 . LEU A 1 206 ? 7.656   -2.585  14.278  1.00 27.79  ? 206 LEU A CD1 1 
ATOM   1529 C CD2 . LEU A 1 206 ? 8.186   -0.771  15.915  1.00 27.41  ? 206 LEU A CD2 1 
ATOM   1530 N N   . LEU A 1 207 ? 6.800   1.049   11.829  1.00 19.60  ? 207 LEU A N   1 
ATOM   1531 C CA  . LEU A 1 207 ? 5.439   1.471   11.562  1.00 20.83  ? 207 LEU A CA  1 
ATOM   1532 C C   . LEU A 1 207 ? 4.932   1.099   10.175  1.00 19.86  ? 207 LEU A C   1 
ATOM   1533 O O   . LEU A 1 207 ? 3.839   0.645   9.894   1.00 20.15  ? 207 LEU A O   1 
ATOM   1534 C CB  . LEU A 1 207 ? 5.343   3.008   11.769  1.00 20.69  ? 207 LEU A CB  1 
ATOM   1535 C CG  . LEU A 1 207 ? 5.643   3.528   13.194  1.00 24.40  ? 207 LEU A CG  1 
ATOM   1536 C CD1 . LEU A 1 207 ? 5.646   5.047   13.187  1.00 24.56  ? 207 LEU A CD1 1 
ATOM   1537 C CD2 . LEU A 1 207 ? 4.623   2.994   14.173  1.00 28.75  ? 207 LEU A CD2 1 
ATOM   1538 N N   . PHE A 1 208 ? 5.802   1.324   9.176   1.00 24.27  ? 208 PHE A N   1 
ATOM   1539 C CA  . PHE A 1 208 ? 5.391   0.995   7.817   1.00 18.95  ? 208 PHE A CA  1 
ATOM   1540 C C   . PHE A 1 208 ? 5.293   -0.511  7.611   1.00 19.21  ? 208 PHE A C   1 
ATOM   1541 O O   . PHE A 1 208 ? 4.503   -0.969  6.790   1.00 20.93  ? 208 PHE A O   1 
ATOM   1542 C CB  . PHE A 1 208 ? 6.393   1.562   6.810   1.00 21.51  ? 208 PHE A CB  1 
ATOM   1543 C CG  . PHE A 1 208 ? 6.173   3.011   6.369   1.00 17.70  ? 208 PHE A CG  1 
ATOM   1544 C CD1 . PHE A 1 208 ? 4.887   3.428   6.054   1.00 23.06  ? 208 PHE A CD1 1 
ATOM   1545 C CD2 . PHE A 1 208 ? 7.260   3.845   6.292   1.00 22.61  ? 208 PHE A CD2 1 
ATOM   1546 C CE1 . PHE A 1 208 ? 4.774   4.764   5.664   1.00 25.14  ? 208 PHE A CE1 1 
ATOM   1547 C CE2 . PHE A 1 208 ? 7.176   5.169   5.892   1.00 21.27  ? 208 PHE A CE2 1 
ATOM   1548 C CZ  . PHE A 1 208 ? 5.882   5.564   5.556   1.00 19.23  ? 208 PHE A CZ  1 
ATOM   1549 N N   . MET A 1 209 ? 6.125   -1.247  8.359   1.00 23.16  ? 209 MET A N   1 
ATOM   1550 C CA  . MET A 1 209 ? 5.982   -2.705  8.242   1.00 19.86  ? 209 MET A CA  1 
ATOM   1551 C C   . MET A 1 209 ? 4.643   -3.211  8.740   1.00 17.23  ? 209 MET A C   1 
ATOM   1552 O O   . MET A 1 209 ? 3.906   -4.035  8.168   1.00 18.50  ? 209 MET A O   1 
ATOM   1553 C CB  . MET A 1 209 ? 7.145   -3.369  9.014   1.00 18.21  ? 209 MET A CB  1 
ATOM   1554 C CG  . MET A 1 209 ? 7.069   -4.872  8.647   1.00 24.24  ? 209 MET A CG  1 
ATOM   1555 S SD  . MET A 1 209 ? 6.553   -5.813  10.118  1.00 42.26  ? 209 MET A SD  1 
ATOM   1556 C CE  . MET A 1 209 ? 8.080   -5.683  11.011  1.00 24.50  ? 209 MET A CE  1 
ATOM   1557 N N   . VAL A 1 210 ? 4.263   -2.683  9.935   1.00 22.48  ? 210 VAL A N   1 
ATOM   1558 C CA  . VAL A 1 210 ? 2.944   -3.069  10.476  1.00 22.62  ? 210 VAL A CA  1 
ATOM   1559 C C   . VAL A 1 210 ? 1.777   -2.652  9.618   1.00 18.03  ? 210 VAL A C   1 
ATOM   1560 O O   . VAL A 1 210 ? 0.823   -3.372  9.322   1.00 20.72  ? 210 VAL A O   1 
ATOM   1561 C CB  . VAL A 1 210 ? 2.775   -2.470  11.895  1.00 22.98  ? 210 VAL A CB  1 
ATOM   1562 C CG1 . VAL A 1 210 ? 1.419   -2.916  12.434  1.00 29.29  ? 210 VAL A CG1 1 
ATOM   1563 C CG2 . VAL A 1 210 ? 3.913   -2.893  12.794  1.00 21.73  ? 210 VAL A CG2 1 
ATOM   1564 N N   . LEU A 1 211 ? 1.833   -1.400  9.093   1.00 21.16  ? 211 LEU A N   1 
ATOM   1565 C CA  . LEU A 1 211 ? 0.764   -0.997  8.191   1.00 20.18  ? 211 LEU A CA  1 
ATOM   1566 C C   . LEU A 1 211 ? 0.709   -1.856  6.935   1.00 20.85  ? 211 LEU A C   1 
ATOM   1567 O O   . LEU A 1 211 ? -0.341  -2.343  6.543   1.00 28.17  ? 211 LEU A O   1 
ATOM   1568 C CB  . LEU A 1 211 ? 0.937   0.492   7.764   1.00 19.26  ? 211 LEU A CB  1 
ATOM   1569 C CG  . LEU A 1 211 ? 0.796   1.464   8.961   1.00 21.27  ? 211 LEU A CG  1 
ATOM   1570 C CD1 . LEU A 1 211 ? 1.282   2.857   8.575   1.00 21.46  ? 211 LEU A CD1 1 
ATOM   1571 C CD2 . LEU A 1 211 ? -0.642  1.470   9.440   1.00 22.93  ? 211 LEU A CD2 1 
ATOM   1572 N N   . ASP A 1 212 ? 1.885   -2.021  6.301   1.00 23.72  ? 212 ASP A N   1 
ATOM   1573 C CA  . ASP A 1 212 ? 1.900   -2.767  5.018   1.00 18.41  ? 212 ASP A CA  1 
ATOM   1574 C C   . ASP A 1 212 ? 1.387   -4.191  5.166   1.00 17.18  ? 212 ASP A C   1 
ATOM   1575 O O   . ASP A 1 212 ? 0.642   -4.747  4.366   1.00 17.77  ? 212 ASP A O   1 
ATOM   1576 C CB  . ASP A 1 212 ? 3.330   -2.835  4.501   1.00 17.23  ? 212 ASP A CB  1 
ATOM   1577 C CG  . ASP A 1 212 ? 3.952   -1.615  3.900   1.00 16.13  ? 212 ASP A CG  1 
ATOM   1578 O OD1 . ASP A 1 212 ? 3.128   -0.737  3.509   1.00 23.62  ? 212 ASP A OD1 1 
ATOM   1579 O OD2 . ASP A 1 212 ? 5.178   -1.475  3.832   1.00 21.06  ? 212 ASP A OD2 1 
ATOM   1580 N N   . VAL A 1 213 ? 1.851   -4.880  6.212   1.00 24.05  ? 213 VAL A N   1 
ATOM   1581 C CA  . VAL A 1 213 ? 1.381   -6.263  6.383   1.00 19.89  ? 213 VAL A CA  1 
ATOM   1582 C C   . VAL A 1 213 ? -0.109  -6.283  6.611   1.00 20.01  ? 213 VAL A C   1 
ATOM   1583 O O   . VAL A 1 213 ? -0.864  -7.105  6.081   1.00 23.87  ? 213 VAL A O   1 
ATOM   1584 C CB  . VAL A 1 213 ? 2.124   -6.983  7.540   1.00 20.03  ? 213 VAL A CB  1 
ATOM   1585 C CG1 . VAL A 1 213 ? 1.417   -8.308  7.812   1.00 26.23  ? 213 VAL A CG1 1 
ATOM   1586 C CG2 . VAL A 1 213 ? 3.600   -7.164  7.239   1.00 19.57  ? 213 VAL A CG2 1 
ATOM   1587 N N   . SER A 1 214 ? -0.640  -5.318  7.414   1.00 20.94  ? 214 SER A N   1 
ATOM   1588 C CA  . SER A 1 214 ? -2.069  -5.314  7.648   1.00 22.28  ? 214 SER A CA  1 
ATOM   1589 C C   . SER A 1 214 ? -2.912  -4.965  6.429   1.00 19.06  ? 214 SER A C   1 
ATOM   1590 O O   . SER A 1 214 ? -3.945  -5.526  6.156   1.00 22.45  ? 214 SER A O   1 
ATOM   1591 C CB  . SER A 1 214 ? -2.461  -4.307  8.747   1.00 19.52  ? 214 SER A CB  1 
ATOM   1592 O OG  . SER A 1 214 ? -1.716  -4.519  9.952   1.00 25.43  ? 214 SER A OG  1 
ATOM   1593 N N   . ALA A 1 215 ? -2.385  -3.980  5.654   1.00 21.04  ? 215 ALA A N   1 
ATOM   1594 C CA  . ALA A 1 215 ? -3.098  -3.507  4.469   1.00 21.85  ? 215 ALA A CA  1 
ATOM   1595 C C   . ALA A 1 215 ? -3.083  -4.493  3.297   1.00 25.74  ? 215 ALA A C   1 
ATOM   1596 O O   . ALA A 1 215 ? -3.914  -4.429  2.368   1.00 21.92  ? 215 ALA A O   1 
ATOM   1597 C CB  . ALA A 1 215 ? -2.472  -2.172  4.040   1.00 20.21  ? 215 ALA A CB  1 
ATOM   1598 N N   . LYS A 1 216 ? -2.124  -5.435  3.339   1.00 23.46  ? 216 LYS A N   1 
ATOM   1599 C CA  . LYS A 1 216 ? -1.928  -6.381  2.257   1.00 24.85  ? 216 LYS A CA  1 
ATOM   1600 C C   . LYS A 1 216 ? -2.311  -7.812  2.690   1.00 15.77  ? 216 LYS A C   1 
ATOM   1601 O O   . LYS A 1 216 ? -3.261  -8.325  2.106   1.00 21.06  ? 216 LYS A O   1 
ATOM   1602 C CB  . LYS A 1 216 ? -0.467  -6.330  1.771   1.00 21.99  ? 216 LYS A CB  1 
ATOM   1603 C CG  . LYS A 1 216 ? 0.020   -4.954  1.315   1.00 23.21  ? 216 LYS A CG  1 
ATOM   1604 C CD  . LYS A 1 216 ? 1.390   -5.012  0.599   1.00 22.10  ? 216 LYS A CD  1 
ATOM   1605 C CE  . LYS A 1 216 ? 1.454   -3.768  -0.320  1.00 24.19  ? 216 LYS A CE  1 
ATOM   1606 N NZ  . LYS A 1 216 ? 1.626   -2.520  0.481   1.00 21.87  ? 216 LYS A NZ  1 
ATOM   1607 N N   . VAL A 1 217 ? -1.539  -8.279  3.666   1.00 22.37  ? 217 VAL A N   1 
ATOM   1608 C CA  . VAL A 1 217 ? -1.838  -9.643  4.153   1.00 27.93  ? 217 VAL A CA  1 
ATOM   1609 C C   . VAL A 1 217 ? -3.062  -9.598  5.058   1.00 20.80  ? 217 VAL A C   1 
ATOM   1610 O O   . VAL A 1 217 ? -3.982  -10.414 4.861   1.00 25.83  ? 217 VAL A O   1 
ATOM   1611 C CB  . VAL A 1 217 ? -0.652  -10.306 4.867   1.00 24.46  ? 217 VAL A CB  1 
ATOM   1612 C CG1 . VAL A 1 217 ? -1.054  -11.737 5.231   1.00 30.24  ? 217 VAL A CG1 1 
ATOM   1613 C CG2 . VAL A 1 217 ? 0.610   -10.327 4.010   1.00 20.35  ? 217 VAL A CG2 1 
ATOM   1614 N N   . GLY A 1 218 ? -3.192  -8.661  5.988   1.00 26.28  ? 218 GLY A N   1 
ATOM   1615 C CA  . GLY A 1 218 ? -4.499  -8.637  6.676   1.00 34.45  ? 218 GLY A CA  1 
ATOM   1616 C C   . GLY A 1 218 ? -5.747  -8.486  5.853   1.00 23.75  ? 218 GLY A C   1 
ATOM   1617 O O   . GLY A 1 218 ? -6.788  -9.174  5.867   1.00 24.27  ? 218 GLY A O   1 
ATOM   1618 N N   . PHE A 1 219 ? -5.744  -7.453  4.991   1.00 28.00  ? 219 PHE A N   1 
ATOM   1619 C CA  . PHE A 1 219 ? -6.798  -7.202  4.016   1.00 21.27  ? 219 PHE A CA  1 
ATOM   1620 C C   . PHE A 1 219 ? -7.089  -8.439  3.202   1.00 17.53  ? 219 PHE A C   1 
ATOM   1621 O O   . PHE A 1 219 ? -8.191  -8.870  2.899   1.00 24.83  ? 219 PHE A O   1 
ATOM   1622 C CB  . PHE A 1 219 ? -6.323  -5.996  3.179   1.00 23.51  ? 219 PHE A CB  1 
ATOM   1623 C CG  . PHE A 1 219 ? -7.159  -5.537  2.007   1.00 23.67  ? 219 PHE A CG  1 
ATOM   1624 C CD1 . PHE A 1 219 ? -7.244  -6.219  0.807   1.00 26.83  ? 219 PHE A CD1 1 
ATOM   1625 C CD2 . PHE A 1 219 ? -7.908  -4.360  2.088   1.00 21.02  ? 219 PHE A CD2 1 
ATOM   1626 C CE1 . PHE A 1 219 ? -8.017  -5.831  -0.264  1.00 27.59  ? 219 PHE A CE1 1 
ATOM   1627 C CE2 . PHE A 1 219 ? -8.683  -3.983  1.036   1.00 19.88  ? 219 PHE A CE2 1 
ATOM   1628 C CZ  . PHE A 1 219 ? -8.788  -4.680  -0.131  1.00 22.26  ? 219 PHE A CZ  1 
ATOM   1629 N N   . GLY A 1 220 ? -5.980  -9.096  2.755   1.00 19.28  ? 220 GLY A N   1 
ATOM   1630 C CA  . GLY A 1 220 ? -6.308  -10.194 1.842   1.00 19.57  ? 220 GLY A CA  1 
ATOM   1631 C C   . GLY A 1 220 ? -6.918  -11.418 2.519   1.00 23.66  ? 220 GLY A C   1 
ATOM   1632 O O   . GLY A 1 220 ? -7.687  -12.168 1.931   1.00 27.20  ? 220 GLY A O   1 
ATOM   1633 N N   . LEU A 1 221 ? -6.521  -11.598 3.769   1.00 23.23  ? 221 LEU A N   1 
ATOM   1634 C CA  . LEU A 1 221 ? -7.175  -12.683 4.531   1.00 23.72  ? 221 LEU A CA  1 
ATOM   1635 C C   . LEU A 1 221 ? -8.649  -12.410 4.661   1.00 33.00  ? 221 LEU A C   1 
ATOM   1636 O O   . LEU A 1 221 ? -9.489  -13.293 4.439   1.00 36.27  ? 221 LEU A O   1 
ATOM   1637 C CB  . LEU A 1 221 ? -6.510  -12.796 5.894   1.00 22.84  ? 221 LEU A CB  1 
ATOM   1638 C CG  . LEU A 1 221 ? -5.104  -13.426 5.851   1.00 27.41  ? 221 LEU A CG  1 
ATOM   1639 C CD1 . LEU A 1 221 ? -4.344  -13.217 7.144   1.00 25.18  ? 221 LEU A CD1 1 
ATOM   1640 C CD2 . LEU A 1 221 ? -5.239  -14.903 5.501   1.00 33.68  ? 221 LEU A CD2 1 
ATOM   1641 N N   . ILE A 1 222 ? -9.015  -11.162 5.013   1.00 30.47  ? 222 ILE A N   1 
ATOM   1642 C CA  . ILE A 1 222 ? -10.458 -10.873 5.051   1.00 27.55  ? 222 ILE A CA  1 
ATOM   1643 C C   . ILE A 1 222 ? -11.136 -11.145 3.743   1.00 24.86  ? 222 ILE A C   1 
ATOM   1644 O O   . ILE A 1 222 ? -12.189 -11.780 3.574   1.00 31.75  ? 222 ILE A O   1 
ATOM   1645 C CB  . ILE A 1 222 ? -10.709 -9.392  5.429   1.00 28.95  ? 222 ILE A CB  1 
ATOM   1646 C CG1 . ILE A 1 222 ? -10.212 -9.041  6.826   1.00 32.67  ? 222 ILE A CG1 1 
ATOM   1647 C CG2 . ILE A 1 222 ? -12.178 -9.066  5.229   1.00 35.23  ? 222 ILE A CG2 1 
ATOM   1648 C CD1 . ILE A 1 222 ? -9.854  -7.577  7.008   1.00 32.29  ? 222 ILE A CD1 1 
ATOM   1649 N N   . LEU A 1 223 ? -10.548 -10.618 2.649   1.00 26.98  ? 223 LEU A N   1 
ATOM   1650 C CA  . LEU A 1 223 ? -11.243 -10.768 1.381   1.00 25.97  ? 223 LEU A CA  1 
ATOM   1651 C C   . LEU A 1 223 ? -11.426 -12.218 0.916   1.00 20.48  ? 223 LEU A C   1 
ATOM   1652 O O   . LEU A 1 223 ? -12.514 -12.597 0.500   1.00 27.04  ? 223 LEU A O   1 
ATOM   1653 C CB  . LEU A 1 223 ? -10.474 -9.983  0.291   1.00 30.23  ? 223 LEU A CB  1 
ATOM   1654 C CG  . LEU A 1 223 ? -11.030 -10.088 -1.140  1.00 22.93  ? 223 LEU A CG  1 
ATOM   1655 C CD1 . LEU A 1 223 ? -12.398 -9.437  -1.300  1.00 26.26  ? 223 LEU A CD1 1 
ATOM   1656 C CD2 . LEU A 1 223 ? -10.021 -9.438  -2.094  1.00 29.82  ? 223 LEU A CD2 1 
ATOM   1657 N N   . LEU A 1 224 ? -10.351 -12.985 0.941   1.00 29.39  ? 224 LEU A N   1 
ATOM   1658 C CA  . LEU A 1 224 ? -10.263 -14.304 0.310   1.00 28.47  ? 224 LEU A CA  1 
ATOM   1659 C C   . LEU A 1 224 ? -10.918 -15.390 1.158   1.00 30.55  ? 224 LEU A C   1 
ATOM   1660 O O   . LEU A 1 224 ? -10.953 -16.553 0.762   1.00 32.85  ? 224 LEU A O   1 
ATOM   1661 C CB  . LEU A 1 224 ? -8.793  -14.662 0.042   1.00 38.35  ? 224 LEU A CB  1 
ATOM   1662 C CG  . LEU A 1 224 ? -8.073  -13.756 -0.977  1.00 33.71  ? 224 LEU A CG  1 
ATOM   1663 C CD1 . LEU A 1 224 ? -6.649  -14.239 -1.194  1.00 27.36  ? 224 LEU A CD1 1 
ATOM   1664 C CD2 . LEU A 1 224 ? -8.837  -13.684 -2.291  1.00 31.54  ? 224 LEU A CD2 1 
ATOM   1665 N N   . ARG A 1 225 ? -11.456 -15.023 2.312   1.00 35.93  ? 225 ARG A N   1 
ATOM   1666 C CA  . ARG A 1 225 ? -12.214 -15.986 3.125   1.00 50.84  ? 225 ARG A CA  1 
ATOM   1667 C C   . ARG A 1 225 ? -13.714 -15.745 2.930   1.00 50.97  ? 225 ARG A C   1 
ATOM   1668 O O   . ARG A 1 225 ? -14.579 -16.531 3.302   1.00 31.81  ? 225 ARG A O   1 
ATOM   1669 C CB  . ARG A 1 225 ? -11.844 -15.915 4.597   1.00 54.99  ? 225 ARG A CB  1 
ATOM   1670 C CG  . ARG A 1 225 ? -10.380 -15.883 4.962   1.00 65.98  ? 225 ARG A CG  1 
ATOM   1671 C CD  . ARG A 1 225 ? -9.649  -17.203 4.920   1.00 76.73  ? 225 ARG A CD  1 
ATOM   1672 N NE  . ARG A 1 225 ? -9.003  -17.547 6.190   1.00 86.04  ? 225 ARG A NE  1 
ATOM   1673 C CZ  . ARG A 1 225 ? -9.453  -18.547 6.945   1.00 90.85  ? 225 ARG A CZ  1 
ATOM   1674 N NH1 . ARG A 1 225 ? -10.514 -19.227 6.514   1.00 110.85 ? 225 ARG A NH1 1 
ATOM   1675 N NH2 . ARG A 1 225 ? -8.884  -18.882 8.100   1.00 52.72  ? 225 ARG A NH2 1 
ATOM   1676 N N   . SER A 1 226 ? -14.028 -14.618 2.308   1.00 43.61  ? 226 SER A N   1 
ATOM   1677 C CA  . SER A 1 226 ? -15.368 -14.220 1.941   1.00 41.64  ? 226 SER A CA  1 
ATOM   1678 C C   . SER A 1 226 ? -15.927 -14.934 0.734   1.00 37.23  ? 226 SER A C   1 
ATOM   1679 O O   . SER A 1 226 ? -15.315 -15.167 -0.306  1.00 37.39  ? 226 SER A O   1 
ATOM   1680 C CB  . SER A 1 226 ? -15.374 -12.707 1.611   1.00 49.58  ? 226 SER A CB  1 
ATOM   1681 O OG  . SER A 1 226 ? -16.639 -12.379 1.048   1.00 61.13  ? 226 SER A OG  1 
ATOM   1682 N N   . ARG A 1 227 ? -17.224 -15.291 0.768   1.00 41.90  ? 227 ARG A N   1 
ATOM   1683 C CA  . ARG A 1 227 ? -17.767 -15.856 -0.468  1.00 43.92  ? 227 ARG A CA  1 
ATOM   1684 C C   . ARG A 1 227 ? -18.221 -14.695 -1.343  1.00 28.14  ? 227 ARG A C   1 
ATOM   1685 O O   . ARG A 1 227 ? -18.798 -14.884 -2.412  1.00 36.69  ? 227 ARG A O   1 
ATOM   1686 C CB  . ARG A 1 227 ? -18.875 -16.865 -0.208  1.00 68.62  ? 227 ARG A CB  1 
ATOM   1687 C CG  . ARG A 1 227 ? -19.072 -17.931 -1.273  1.00 79.66  ? 227 ARG A CG  1 
ATOM   1688 C CD  . ARG A 1 227 ? -17.994 -18.996 -1.278  1.00 90.48  ? 227 ARG A CD  1 
ATOM   1689 N NE  . ARG A 1 227 ? -18.479 -20.328 -1.613  1.00 100.74 ? 227 ARG A NE  1 
ATOM   1690 C CZ  . ARG A 1 227 ? -18.161 -21.089 -2.648  1.00 101.99 ? 227 ARG A CZ  1 
ATOM   1691 N NH1 . ARG A 1 227 ? -17.303 -20.677 -3.568  1.00 108.18 ? 227 ARG A NH1 1 
ATOM   1692 N NH2 . ARG A 1 227 ? -18.705 -22.299 -2.797  1.00 82.44  ? 227 ARG A NH2 1 
ATOM   1693 N N   . ALA A 1 228 ? -17.921 -13.472 -0.924  1.00 36.70  ? 228 ALA A N   1 
ATOM   1694 C CA  . ALA A 1 228 ? -18.221 -12.309 -1.759  1.00 44.38  ? 228 ALA A CA  1 
ATOM   1695 C C   . ALA A 1 228 ? -17.435 -12.409 -3.064  1.00 41.83  ? 228 ALA A C   1 
ATOM   1696 O O   . ALA A 1 228 ? -17.845 -11.830 -4.059  1.00 33.29  ? 228 ALA A O   1 
ATOM   1697 C CB  . ALA A 1 228 ? -17.916 -11.022 -1.033  1.00 32.14  ? 228 ALA A CB  1 
ATOM   1698 N N   . ILE A 1 229 ? -16.319 -13.131 -3.107  1.00 33.37  ? 229 ILE A N   1 
ATOM   1699 C CA  . ILE A 1 229 ? -15.490 -13.161 -4.306  1.00 34.22  ? 229 ILE A CA  1 
ATOM   1700 C C   . ILE A 1 229 ? -15.986 -14.120 -5.371  1.00 38.01  ? 229 ILE A C   1 
ATOM   1701 O O   . ILE A 1 229 ? -15.404 -14.148 -6.469  1.00 34.03  ? 229 ILE A O   1 
ATOM   1702 C CB  . ILE A 1 229 ? -14.040 -13.559 -3.960  1.00 36.44  ? 229 ILE A CB  1 
ATOM   1703 C CG1 . ILE A 1 229 ? -13.976 -15.040 -3.538  1.00 28.50  ? 229 ILE A CG1 1 
ATOM   1704 C CG2 . ILE A 1 229 ? -13.418 -12.602 -2.963  1.00 28.68  ? 229 ILE A CG2 1 
ATOM   1705 C CD1 . ILE A 1 229 ? -12.697 -15.422 -2.828  1.00 27.73  ? 229 ILE A CD1 1 
ATOM   1706 N N   . PHE A 1 230 ? -17.020 -14.915 -5.128  1.00 31.82  ? 230 PHE A N   1 
ATOM   1707 C CA  . PHE A 1 230 ? -17.497 -15.863 -6.116  1.00 31.56  ? 230 PHE A CA  1 
ATOM   1708 C C   . PHE A 1 230 ? -18.733 -15.354 -6.829  1.00 38.00  ? 230 PHE A C   1 
ATOM   1709 O O   . PHE A 1 230 ? -19.572 -14.680 -6.243  1.00 41.19  ? 230 PHE A O   1 
ATOM   1710 C CB  . PHE A 1 230 ? -17.953 -17.198 -5.505  1.00 33.67  ? 230 PHE A CB  1 
ATOM   1711 C CG  . PHE A 1 230 ? -16.772 -18.060 -5.079  1.00 34.22  ? 230 PHE A CG  1 
ATOM   1712 C CD1 . PHE A 1 230 ? -16.243 -19.003 -5.932  1.00 40.98  ? 230 PHE A CD1 1 
ATOM   1713 C CD2 . PHE A 1 230 ? -16.210 -17.896 -3.824  1.00 48.71  ? 230 PHE A CD2 1 
ATOM   1714 C CE1 . PHE A 1 230 ? -15.155 -19.760 -5.547  1.00 38.20  ? 230 PHE A CE1 1 
ATOM   1715 C CE2 . PHE A 1 230 ? -15.119 -18.645 -3.428  1.00 54.64  ? 230 PHE A CE2 1 
ATOM   1716 C CZ  . PHE A 1 230 ? -14.590 -19.582 -4.296  1.00 51.39  ? 230 PHE A CZ  1 
ATOM   1717 N N   . GLY A 1 231 ? -18.908 -15.725 -8.089  1.00 46.45  ? 231 GLY A N   1 
ATOM   1718 C CA  . GLY A 1 231 ? -20.192 -15.363 -8.701  1.00 45.07  ? 231 GLY A CA  1 
ATOM   1719 C C   . GLY A 1 231 ? -21.259 -16.244 -8.062  1.00 41.89  ? 231 GLY A C   1 
ATOM   1720 O O   . GLY A 1 231 ? -20.967 -16.989 -7.114  1.00 37.66  ? 231 GLY A O   1 
HETATM 1721 C C1  . RET B 2 .   ? 2.705   8.999   1.083   1.00 19.02  ? 301 RET A C1  1 
HETATM 1722 C C2  . RET B 2 .   ? 3.452   10.298  1.306   1.00 21.23  ? 301 RET A C2  1 
HETATM 1723 C C3  . RET B 2 .   ? 2.779   11.555  1.036   1.00 25.69  ? 301 RET A C3  1 
HETATM 1724 C C4  . RET B 2 .   ? 1.316   11.601  1.336   1.00 20.43  ? 301 RET A C4  1 
HETATM 1725 C C5  . RET B 2 .   ? 0.563   10.323  1.164   1.00 19.72  ? 301 RET A C5  1 
HETATM 1726 C C6  . RET B 2 .   ? 1.182   9.117   1.155   1.00 19.68  ? 301 RET A C6  1 
HETATM 1727 C C7  . RET B 2 .   ? 0.324   7.936   1.098   1.00 16.73  ? 301 RET A C7  1 
HETATM 1728 C C8  . RET B 2 .   ? 0.674   6.633   0.927   1.00 16.21  ? 301 RET A C8  1 
HETATM 1729 C C9  . RET B 2 .   ? -0.213  5.479   1.021   1.00 15.95  ? 301 RET A C9  1 
HETATM 1730 C C10 . RET B 2 .   ? 0.447   4.287   0.987   1.00 21.26  ? 301 RET A C10 1 
HETATM 1731 C C11 . RET B 2 .   ? -0.315  3.028   1.042   1.00 22.95  ? 301 RET A C11 1 
HETATM 1732 C C12 . RET B 2 .   ? 0.416   1.873   1.178   1.00 22.15  ? 301 RET A C12 1 
HETATM 1733 C C13 . RET B 2 .   ? -0.156  0.556   1.021   1.00 21.50  ? 301 RET A C13 1 
HETATM 1734 C C14 . RET B 2 .   ? 0.826   -0.395  0.998   1.00 25.99  ? 301 RET A C14 1 
HETATM 1735 C C15 . RET B 2 .   ? 0.606   -1.687  0.350   1.00 25.68  ? 301 RET A C15 1 
HETATM 1736 C C16 . RET B 2 .   ? 3.150   8.427   -0.307  1.00 20.33  ? 301 RET A C16 1 
HETATM 1737 C C17 . RET B 2 .   ? 3.355   8.053   2.167   1.00 17.41  ? 301 RET A C17 1 
HETATM 1738 C C18 . RET B 2 .   ? -0.914  10.596  1.152   1.00 19.12  ? 301 RET A C18 1 
HETATM 1739 C C19 . RET B 2 .   ? -1.686  5.617   1.200   1.00 19.59  ? 301 RET A C19 1 
HETATM 1740 C C20 . RET B 2 .   ? -1.623  0.248   1.089   1.00 21.44  ? 301 RET A C20 1 
HETATM 1741 O O   . HOH C 3 .   ? 7.800   -1.908  0.502   1.00 23.05  ? 401 HOH A O   1 
HETATM 1742 O O   . HOH C 3 .   ? 4.498   -2.722  1.079   1.00 23.86  ? 402 HOH A O   1 
HETATM 1743 O O   . HOH C 3 .   ? 11.062  4.534   4.978   1.00 40.32  ? 403 HOH A O   1 
HETATM 1744 O O   . HOH C 3 .   ? 13.375  6.352   4.304   1.00 26.95  ? 404 HOH A O   1 
HETATM 1745 O O   . HOH C 3 .   ? 10.548  5.780   1.782   1.00 40.02  ? 405 HOH A O   1 
HETATM 1746 O O   . HOH C 3 .   ? 6.896   -0.001  2.175   1.00 26.24  ? 406 HOH A O   1 
HETATM 1747 O O   . HOH C 3 .   ? 8.985   -1.004  6.647   1.00 22.33  ? 407 HOH A O   1 
HETATM 1748 O O   . HOH C 3 .   ? 10.725  19.407  -5.853  1.00 25.82  ? 411 HOH A O   1 
HETATM 1749 O O   . HOH C 3 .   ? 12.462  21.252  -5.731  1.00 35.57  ? 412 HOH A O   1 
HETATM 1750 O O   . HOH C 3 .   ? 15.409  18.242  -5.650  1.00 36.23  ? 413 HOH A O   1 
HETATM 1751 O O   . HOH C 3 .   ? 21.300  1.332   -2.626  1.00 55.42  ? 414 HOH A O   1 
HETATM 1752 O O   . HOH C 3 .   ? 16.871  4.807   12.867  1.00 35.25  ? 415 HOH A O   1 
HETATM 1753 O O   . HOH C 3 .   ? 18.364  4.014   10.649  1.00 41.72  ? 416 HOH A O   1 
HETATM 1754 O O   . HOH C 3 .   ? 20.136  4.169   8.122   1.00 49.91  ? 417 HOH A O   1 
HETATM 1755 O O   . HOH C 3 .   ? 16.658  8.440   11.816  1.00 43.93  ? 418 HOH A O   1 
HETATM 1756 O O   . HOH C 3 .   ? 13.713  24.612  2.648   1.00 29.21  ? 419 HOH A O   1 
HETATM 1757 O O   . HOH C 3 .   ? 13.913  14.223  7.742   1.00 42.26  ? 420 HOH A O   1 
HETATM 1758 O O   . HOH C 3 .   ? -5.432  -1.878  2.176   1.00 22.19  ? 501 HOH A O   1 
HETATM 1759 O O   . HOH C 3 .   ? -3.191  -8.550  -0.829  1.00 32.31  ? 502 HOH A O   1 
HETATM 1760 O O   . HOH C 3 .   ? -0.088  4.082   -8.261  1.00 36.88  ? 511 HOH A O   1 
HETATM 1761 O O   . HOH C 3 .   ? -3.986  -17.605 -5.475  1.00 29.31  ? 512 HOH A O   1 
HETATM 1762 O O   . HOH C 3 .   ? -3.387  -19.849 -6.481  1.00 32.37  ? 513 HOH A O   1 
HETATM 1763 O O   . HOH C 3 .   ? -19.071 2.985   -10.034 1.00 36.24  ? 514 HOH A O   1 
# 
